data_8XJ8
#
_entry.id   8XJ8
#
_cell.length_a   1.00
_cell.length_b   1.00
_cell.length_c   1.00
_cell.angle_alpha   90.00
_cell.angle_beta   90.00
_cell.angle_gamma   90.00
#
_symmetry.space_group_name_H-M   'P 1'
#
loop_
_entity.id
_entity.type
_entity.pdbx_description
1 polymer 'DNA (70-MER)'
2 polymer 'Monkeypox virus E5'
3 non-polymer 'PHOSPHOAMINOPHOSPHONIC ACID-ADENYLATE ESTER'
4 non-polymer 'MAGNESIUM ION'
#
loop_
_entity_poly.entity_id
_entity_poly.type
_entity_poly.pdbx_seq_one_letter_code
_entity_poly.pdbx_strand_id
1 'polydeoxyribonucleotide'
;(DA)(DA)(DC)(DG)(DA)(DG)(DT)(DC)(DA)(DA)(DG)(DC)(DG)(DC)(DA)(DT)(DC)(DC)(DC)(DG)
(DT)(DT)(DT)(DT)(DT)(DT)(DT)(DT)(DT)(DT)(DT)(DT)(DT)(DT)(DT)(DT)(DT)(DT)(DT)(DT)
(DT)(DT)(DT)(DT)(DT)(DT)(DT)(DT)(DT)(DT)(DC)(DG)(DG)(DG)(DA)(DT)(DG)(DC)(DG)(DC)
(DT)(DT)(DG)(DA)(DC)(DT)(DC)(DG)(DT)(DT)
;
X
2 'polypeptide(L)'
;GNKLFNIAQRILDTNSVLLTERGDHIVWINNSWKFNSEEPLITKLILSIRHQLPKEYSSELLCPRKRKTVEANIRDMLVD
SVETDTYPDKLPFKNGVLDLVDGMFYSGDDAKKYTCTVSTGFKFDDTKFVEDSPEMEELMNIINDIQPLTDENKKNRELY
EKTLSSCLCGATKGCLTFFFGETATGKSTTKRLLKSAIGDLFVETGQTILTDVLDKGPNPFIANMHLKRSVFCSELPDFA
CSGSKKIRSDNIKKLTEPCVIGRPCFSNKINNRNHATIIIDTNYKPVFDRIDNALMRRIAVVRFRTHFSQPSGREAAENN
DAYDKVKLLDEGLDGKIQNNRYRFAFLYLLVKWYKKYHIPIMKLYPTPEEIPDFAFYLKIGTLLVSSSVKHIPLMTDLSK
KGYILYDNVVTLPLTTFQQKISKYFNSRLFGHDIESFINRHKKFANVSDEYLQYIFIEDISSP
;
A,B,C,D,E,F
#
loop_
_chem_comp.id
_chem_comp.type
_chem_comp.name
_chem_comp.formula
ANP non-polymer 'PHOSPHOAMINOPHOSPHONIC ACID-ADENYLATE ESTER' 'C10 H17 N6 O12 P3'
DA DNA linking 2'-DEOXYADENOSINE-5'-MONOPHOSPHATE 'C10 H14 N5 O6 P'
DC DNA linking 2'-DEOXYCYTIDINE-5'-MONOPHOSPHATE 'C9 H14 N3 O7 P'
DG DNA linking 2'-DEOXYGUANOSINE-5'-MONOPHOSPHATE 'C10 H14 N5 O7 P'
DT DNA linking THYMIDINE-5'-MONOPHOSPHATE 'C10 H15 N2 O8 P'
MG non-polymer 'MAGNESIUM ION' 'Mg 2'
#
# COMPACT_ATOMS: atom_id res chain seq x y z
N ASN B 2 -19.79 39.85 -10.70
CA ASN B 2 -20.33 40.58 -11.84
C ASN B 2 -19.40 40.53 -13.04
N LYS B 3 -18.28 41.26 -12.95
CA LYS B 3 -17.33 41.30 -14.05
C LYS B 3 -16.70 39.92 -14.29
N LEU B 4 -16.31 39.23 -13.22
CA LEU B 4 -15.76 37.88 -13.38
C LEU B 4 -16.82 36.91 -13.87
N PHE B 5 -18.08 37.09 -13.43
CA PHE B 5 -19.16 36.28 -13.97
C PHE B 5 -19.38 36.59 -15.45
N ASN B 6 -19.24 37.85 -15.85
CA ASN B 6 -19.34 38.20 -17.26
C ASN B 6 -18.23 37.54 -18.07
N ILE B 7 -17.02 37.52 -17.53
CA ILE B 7 -15.90 36.87 -18.22
C ILE B 7 -16.16 35.37 -18.36
N ALA B 8 -16.64 34.74 -17.30
CA ALA B 8 -16.97 33.31 -17.37
C ALA B 8 -18.06 33.04 -18.38
N GLN B 9 -19.08 33.91 -18.43
CA GLN B 9 -20.16 33.75 -19.40
C GLN B 9 -19.64 33.89 -20.83
N ARG B 10 -18.76 34.86 -21.06
CA ARG B 10 -18.19 35.04 -22.40
C ARG B 10 -17.33 33.85 -22.79
N ILE B 11 -16.56 33.30 -21.86
CA ILE B 11 -15.74 32.13 -22.15
C ILE B 11 -16.61 30.91 -22.43
N LEU B 12 -17.75 30.80 -21.73
CA LEU B 12 -18.64 29.67 -21.94
C LEU B 12 -19.27 29.69 -23.32
N ASP B 13 -19.52 30.88 -23.88
CA ASP B 13 -20.13 30.99 -25.19
C ASP B 13 -19.20 30.57 -26.32
N THR B 14 -17.91 30.38 -26.04
CA THR B 14 -16.97 29.91 -27.06
C THR B 14 -17.00 28.39 -27.21
N ASN B 15 -17.69 27.68 -26.33
CA ASN B 15 -17.80 26.21 -26.37
C ASN B 15 -16.44 25.54 -26.30
N SER B 16 -15.50 26.14 -25.56
CA SER B 16 -14.17 25.59 -25.39
C SER B 16 -14.03 24.69 -24.17
N VAL B 17 -15.05 24.61 -23.33
CA VAL B 17 -15.06 23.74 -22.16
C VAL B 17 -16.31 22.88 -22.22
N LEU B 18 -16.14 21.57 -22.06
CA LEU B 18 -17.27 20.65 -22.11
C LEU B 18 -17.15 19.64 -20.98
N LEU B 19 -18.30 19.09 -20.59
CA LEU B 19 -18.41 18.09 -19.54
C LEU B 19 -18.89 16.78 -20.15
N THR B 20 -18.25 15.68 -19.75
CA THR B 20 -18.57 14.36 -20.29
C THR B 20 -19.44 13.57 -19.31
N GLU B 21 -19.90 12.41 -19.79
CA GLU B 21 -20.76 11.56 -18.96
C GLU B 21 -20.04 11.06 -17.72
N ARG B 22 -18.77 10.68 -17.86
CA ARG B 22 -17.98 10.25 -16.70
C ARG B 22 -17.79 11.38 -15.69
N GLY B 23 -17.91 12.63 -16.12
CA GLY B 23 -17.62 13.76 -15.27
C GLY B 23 -16.33 14.49 -15.59
N ASP B 24 -15.63 14.10 -16.65
CA ASP B 24 -14.41 14.78 -17.05
C ASP B 24 -14.72 16.15 -17.64
N HIS B 25 -13.75 17.05 -17.53
CA HIS B 25 -13.81 18.35 -18.17
C HIS B 25 -12.79 18.37 -19.30
N ILE B 26 -13.25 18.61 -20.52
CA ILE B 26 -12.40 18.64 -21.70
C ILE B 26 -12.32 20.08 -22.21
N VAL B 27 -11.10 20.54 -22.46
CA VAL B 27 -10.84 21.90 -22.90
C VAL B 27 -10.21 21.87 -24.28
N TRP B 28 -10.52 22.88 -25.09
CA TRP B 28 -10.00 23.02 -26.45
C TRP B 28 -8.80 23.96 -26.39
N ILE B 29 -7.60 23.39 -26.47
CA ILE B 29 -6.35 24.15 -26.39
C ILE B 29 -5.43 23.67 -27.49
N ASN B 30 -4.77 24.61 -28.17
CA ASN B 30 -3.76 24.32 -29.18
C ASN B 30 -4.31 23.38 -30.25
N ASN B 31 -5.55 23.63 -30.66
CA ASN B 31 -6.24 22.83 -31.69
C ASN B 31 -6.34 21.37 -31.27
N SER B 32 -6.65 21.13 -30.00
CA SER B 32 -6.85 19.75 -29.55
C SER B 32 -7.72 19.75 -28.30
N TRP B 33 -8.54 18.70 -28.17
CA TRP B 33 -9.35 18.48 -26.97
C TRP B 33 -8.52 17.69 -25.96
N LYS B 34 -8.40 18.24 -24.75
CA LYS B 34 -7.58 17.62 -23.71
C LYS B 34 -8.36 17.53 -22.40
N PHE B 35 -8.16 16.43 -21.68
CA PHE B 35 -8.66 16.29 -20.32
C PHE B 35 -7.55 15.71 -19.46
N ASN B 36 -7.46 16.20 -18.23
CA ASN B 36 -6.42 15.75 -17.31
C ASN B 36 -6.85 16.10 -15.89
N SER B 37 -6.99 15.10 -15.02
CA SER B 37 -7.48 15.34 -13.67
C SER B 37 -6.41 15.92 -12.75
N GLU B 38 -5.13 15.76 -13.07
CA GLU B 38 -4.04 16.31 -12.27
C GLU B 38 -3.28 17.40 -13.02
N GLU B 39 -4.02 18.28 -13.70
CA GLU B 39 -3.44 19.42 -14.40
C GLU B 39 -4.51 20.50 -14.45
N PRO B 40 -4.18 21.75 -14.08
CA PRO B 40 -5.18 22.82 -14.11
C PRO B 40 -5.49 23.27 -15.53
N LEU B 41 -6.31 22.50 -16.24
CA LEU B 41 -6.55 22.76 -17.66
C LEU B 41 -7.47 23.95 -17.89
N ILE B 42 -8.47 24.13 -17.02
CA ILE B 42 -9.43 25.22 -17.22
C ILE B 42 -8.75 26.57 -17.04
N THR B 43 -7.88 26.70 -16.04
CA THR B 43 -7.16 27.96 -15.85
C THR B 43 -6.14 28.17 -16.98
N LYS B 44 -5.56 27.10 -17.50
CA LYS B 44 -4.70 27.21 -18.68
C LYS B 44 -5.47 27.79 -19.86
N LEU B 45 -6.68 27.27 -20.09
CA LEU B 45 -7.51 27.80 -21.17
C LEU B 45 -7.92 29.24 -20.92
N ILE B 46 -8.23 29.58 -19.67
CA ILE B 46 -8.59 30.96 -19.35
C ILE B 46 -7.45 31.91 -19.64
N LEU B 47 -6.22 31.52 -19.26
CA LEU B 47 -5.06 32.34 -19.56
C LEU B 47 -4.82 32.45 -21.06
N SER B 48 -4.99 31.35 -21.79
CA SER B 48 -4.70 31.36 -23.23
C SER B 48 -5.73 32.16 -24.01
N ILE B 49 -6.99 32.14 -23.59
CA ILE B 49 -8.08 32.75 -24.37
C ILE B 49 -8.25 34.23 -24.11
N ARG B 50 -7.42 34.82 -23.25
CA ARG B 50 -7.62 36.21 -22.83
C ARG B 50 -7.47 37.20 -23.98
N HIS B 51 -6.83 36.81 -25.08
CA HIS B 51 -6.64 37.72 -26.21
C HIS B 51 -7.88 37.86 -27.08
N GLN B 52 -8.89 37.02 -26.88
CA GLN B 52 -10.15 37.13 -27.61
C GLN B 52 -11.20 37.93 -26.85
N LEU B 53 -10.77 38.67 -25.82
CA LEU B 53 -11.65 39.41 -24.93
C LEU B 53 -11.30 40.89 -24.99
N PRO B 54 -12.22 41.76 -24.59
CA PRO B 54 -11.91 43.20 -24.55
C PRO B 54 -10.70 43.49 -23.66
N LYS B 55 -10.12 44.67 -23.89
CA LYS B 55 -8.90 45.05 -23.17
C LYS B 55 -9.13 45.14 -21.67
N GLU B 56 -10.27 45.70 -21.26
CA GLU B 56 -10.59 45.81 -19.85
C GLU B 56 -10.83 44.45 -19.19
N TYR B 57 -11.04 43.39 -19.97
CA TYR B 57 -11.24 42.06 -19.44
C TYR B 57 -9.97 41.22 -19.41
N SER B 58 -9.01 41.51 -20.31
CA SER B 58 -7.77 40.74 -20.33
C SER B 58 -6.89 41.05 -19.12
N SER B 59 -6.93 42.28 -18.61
CA SER B 59 -6.11 42.64 -17.46
C SER B 59 -6.56 41.91 -16.20
N GLU B 60 -7.85 41.60 -16.08
CA GLU B 60 -8.35 40.88 -14.92
C GLU B 60 -7.87 39.43 -14.88
N LEU B 61 -7.42 38.89 -16.01
CA LEU B 61 -7.04 37.49 -16.11
C LEU B 61 -5.55 37.26 -15.88
N LEU B 62 -4.80 38.31 -15.54
CA LEU B 62 -3.39 38.15 -15.20
C LEU B 62 -3.16 37.78 -13.74
N CYS B 63 -4.21 37.79 -12.92
CA CYS B 63 -4.10 37.42 -11.52
C CYS B 63 -4.55 35.98 -11.34
N PRO B 64 -3.69 35.09 -10.83
CA PRO B 64 -4.12 33.69 -10.65
C PRO B 64 -5.27 33.53 -9.67
N ARG B 65 -5.44 34.47 -8.73
CA ARG B 65 -6.56 34.39 -7.81
C ARG B 65 -7.88 34.66 -8.53
N LYS B 66 -7.88 35.59 -9.48
CA LYS B 66 -9.10 35.90 -10.22
C LYS B 66 -9.45 34.83 -11.23
N ARG B 67 -8.45 34.16 -11.81
CA ARG B 67 -8.75 33.08 -12.75
C ARG B 67 -9.44 31.91 -12.06
N LYS B 68 -9.15 31.68 -10.78
CA LYS B 68 -9.82 30.61 -10.04
C LYS B 68 -11.28 30.92 -9.80
N THR B 69 -11.62 32.19 -9.56
CA THR B 69 -13.03 32.57 -9.45
C THR B 69 -13.77 32.33 -10.75
N VAL B 70 -13.17 32.69 -11.88
CA VAL B 70 -13.78 32.43 -13.18
C VAL B 70 -13.91 30.94 -13.41
N GLU B 71 -12.91 30.16 -12.98
CA GLU B 71 -13.00 28.71 -13.12
C GLU B 71 -14.15 28.12 -12.32
N ALA B 72 -14.34 28.60 -11.08
CA ALA B 72 -15.46 28.13 -10.27
C ALA B 72 -16.79 28.51 -10.90
N ASN B 73 -16.89 29.75 -11.39
CA ASN B 73 -18.10 30.18 -12.08
C ASN B 73 -18.40 29.29 -13.28
N ILE B 74 -17.37 28.98 -14.08
CA ILE B 74 -17.56 28.12 -15.24
C ILE B 74 -18.00 26.73 -14.82
N ARG B 75 -17.38 26.19 -13.76
CA ARG B 75 -17.74 24.86 -13.27
C ARG B 75 -19.18 24.81 -12.78
N ASP B 76 -19.72 25.95 -12.31
CA ASP B 76 -21.11 25.97 -11.86
C ASP B 76 -22.12 26.05 -13.00
N MET B 77 -21.72 26.47 -14.21
CA MET B 77 -22.65 26.54 -15.33
C MET B 77 -22.67 25.29 -16.20
N LEU B 78 -21.74 24.36 -15.99
CA LEU B 78 -21.67 23.15 -16.82
C LEU B 78 -22.60 22.12 -16.19
N VAL B 79 -23.84 22.10 -16.67
CA VAL B 79 -24.88 21.23 -16.11
C VAL B 79 -25.28 20.11 -17.05
N ASP B 80 -24.90 20.16 -18.32
CA ASP B 80 -25.27 19.14 -19.29
C ASP B 80 -24.02 18.44 -19.81
N SER B 81 -24.11 17.13 -19.96
CA SER B 81 -23.02 16.33 -20.49
C SER B 81 -23.18 16.14 -22.00
N VAL B 82 -22.05 15.98 -22.68
CA VAL B 82 -22.02 15.75 -24.11
C VAL B 82 -21.30 14.43 -24.37
N GLU B 83 -21.66 13.79 -25.48
CA GLU B 83 -21.04 12.52 -25.87
C GLU B 83 -19.81 12.81 -26.72
N THR B 84 -18.70 12.16 -26.37
CA THR B 84 -17.43 12.39 -27.03
C THR B 84 -16.95 11.09 -27.68
N ASP B 85 -16.07 11.24 -28.67
CA ASP B 85 -15.44 10.13 -29.38
C ASP B 85 -16.50 9.20 -29.99
N THR B 86 -17.30 9.78 -30.90
CA THR B 86 -18.37 9.05 -31.57
C THR B 86 -18.11 8.83 -33.05
N TYR B 87 -16.92 9.22 -33.54
CA TYR B 87 -16.56 9.02 -34.95
C TYR B 87 -15.45 7.98 -35.04
N PRO B 88 -15.75 6.74 -35.43
CA PRO B 88 -14.69 5.72 -35.51
C PRO B 88 -13.67 5.97 -36.60
N ASP B 89 -14.00 6.76 -37.63
CA ASP B 89 -13.16 6.93 -38.80
C ASP B 89 -12.44 8.28 -38.81
N LYS B 90 -12.08 8.76 -37.63
CA LYS B 90 -11.33 10.00 -37.49
C LYS B 90 -10.10 9.74 -36.64
N LEU B 91 -8.92 10.09 -37.16
CA LEU B 91 -7.67 9.87 -36.45
C LEU B 91 -7.14 11.19 -35.92
N PRO B 92 -7.16 11.43 -34.61
CA PRO B 92 -6.73 12.73 -34.08
C PRO B 92 -5.21 12.79 -33.89
N PHE B 93 -4.62 13.89 -34.36
CA PHE B 93 -3.22 14.20 -34.16
C PHE B 93 -3.12 15.37 -33.18
N LYS B 94 -1.90 15.88 -32.98
CA LYS B 94 -1.72 17.00 -32.07
C LYS B 94 -2.21 18.31 -32.66
N ASN B 95 -2.34 18.41 -33.98
CA ASN B 95 -2.68 19.67 -34.63
C ASN B 95 -3.89 19.55 -35.56
N GLY B 96 -4.68 18.49 -35.43
CA GLY B 96 -5.85 18.35 -36.27
C GLY B 96 -6.40 16.93 -36.24
N VAL B 97 -7.23 16.63 -37.23
CA VAL B 97 -7.88 15.33 -37.36
C VAL B 97 -7.79 14.89 -38.82
N LEU B 98 -7.43 13.62 -39.02
CA LEU B 98 -7.34 13.04 -40.36
C LEU B 98 -8.58 12.20 -40.62
N ASP B 99 -9.20 12.40 -41.78
CA ASP B 99 -10.35 11.63 -42.21
C ASP B 99 -9.85 10.37 -42.93
N LEU B 100 -10.13 9.21 -42.35
CA LEU B 100 -9.59 7.97 -42.89
C LEU B 100 -10.30 7.55 -44.17
N VAL B 101 -11.61 7.76 -44.24
CA VAL B 101 -12.37 7.31 -45.41
C VAL B 101 -12.08 8.18 -46.62
N ASP B 102 -11.69 9.44 -46.40
CA ASP B 102 -11.53 10.39 -47.51
C ASP B 102 -10.06 10.76 -47.68
N GLY B 103 -9.41 11.22 -46.62
CA GLY B 103 -8.01 11.60 -46.67
C GLY B 103 -7.74 13.08 -46.46
N MET B 104 -8.75 13.88 -46.16
CA MET B 104 -8.56 15.31 -45.92
C MET B 104 -8.16 15.54 -44.46
N PHE B 105 -7.19 16.42 -44.24
CA PHE B 105 -6.73 16.76 -42.91
C PHE B 105 -7.34 18.09 -42.49
N TYR B 106 -8.02 18.08 -41.34
CA TYR B 106 -8.73 19.25 -40.84
C TYR B 106 -7.94 19.90 -39.72
N SER B 107 -7.93 21.23 -39.70
CA SER B 107 -7.21 22.00 -38.70
C SER B 107 -8.11 23.09 -38.16
N GLY B 108 -7.89 23.48 -36.91
CA GLY B 108 -8.65 24.56 -36.30
C GLY B 108 -10.08 24.22 -36.00
N ASP B 109 -11.00 25.12 -36.30
CA ASP B 109 -12.41 24.91 -35.98
C ASP B 109 -13.03 23.77 -36.76
N ASP B 110 -12.42 23.35 -37.87
CA ASP B 110 -12.93 22.23 -38.63
C ASP B 110 -12.68 20.89 -37.94
N ALA B 111 -11.62 20.79 -37.13
CA ALA B 111 -11.38 19.60 -36.33
C ALA B 111 -12.07 19.64 -34.98
N LYS B 112 -12.50 20.82 -34.53
CA LYS B 112 -13.23 20.94 -33.27
C LYS B 112 -14.59 20.28 -33.33
N LYS B 113 -15.16 20.13 -34.53
CA LYS B 113 -16.48 19.51 -34.67
C LYS B 113 -16.46 18.05 -34.23
N TYR B 114 -15.38 17.33 -34.49
CA TYR B 114 -15.21 15.95 -34.05
C TYR B 114 -14.54 15.98 -32.67
N THR B 115 -15.28 15.65 -31.63
CA THR B 115 -14.78 15.73 -30.26
C THR B 115 -13.93 14.51 -29.97
N CYS B 116 -12.71 14.53 -30.52
CA CYS B 116 -11.72 13.48 -30.28
C CYS B 116 -10.84 13.91 -29.11
N THR B 117 -11.03 13.28 -27.95
CA THR B 117 -10.36 13.68 -26.73
C THR B 117 -9.02 12.98 -26.51
N VAL B 118 -8.59 12.14 -27.44
CA VAL B 118 -7.27 11.55 -27.40
C VAL B 118 -6.49 12.03 -28.62
N SER B 119 -5.20 11.67 -28.67
CA SER B 119 -4.33 12.16 -29.73
C SER B 119 -3.13 11.24 -29.85
N THR B 120 -2.45 11.35 -30.99
CA THR B 120 -1.19 10.64 -31.19
C THR B 120 -0.03 11.26 -30.43
N GLY B 121 -0.11 12.55 -30.13
CA GLY B 121 0.94 13.25 -29.43
C GLY B 121 1.96 13.94 -30.32
N PHE B 122 1.88 13.77 -31.63
CA PHE B 122 2.80 14.41 -32.56
C PHE B 122 2.03 15.01 -33.72
N LYS B 123 2.61 16.04 -34.33
CA LYS B 123 1.96 16.76 -35.41
C LYS B 123 1.97 15.94 -36.70
N PHE B 124 0.91 16.13 -37.49
CA PHE B 124 0.80 15.47 -38.79
C PHE B 124 1.60 16.26 -39.82
N ASP B 125 2.41 15.55 -40.61
CA ASP B 125 3.26 16.15 -41.62
C ASP B 125 2.72 15.78 -43.00
N ASP B 126 2.44 16.79 -43.82
CA ASP B 126 1.93 16.55 -45.16
C ASP B 126 3.01 16.07 -46.13
N THR B 127 4.24 16.54 -45.96
CA THR B 127 5.34 16.21 -46.86
C THR B 127 5.92 14.83 -46.62
N LYS B 128 5.53 14.15 -45.54
CA LYS B 128 5.97 12.79 -45.25
C LYS B 128 4.90 11.75 -45.51
N PHE B 129 3.66 12.16 -45.75
CA PHE B 129 2.56 11.26 -46.06
C PHE B 129 2.41 11.09 -47.57
N VAL B 130 3.49 10.70 -48.25
CA VAL B 130 3.60 10.85 -49.69
C VAL B 130 3.66 9.51 -50.43
N GLU B 131 4.10 8.43 -49.77
CA GLU B 131 4.17 7.09 -50.36
C GLU B 131 5.31 6.97 -51.35
N ASP B 132 5.93 8.09 -51.72
CA ASP B 132 7.03 8.10 -52.67
C ASP B 132 8.29 8.60 -51.94
N SER B 133 9.01 7.66 -51.33
CA SER B 133 10.21 8.00 -50.57
C SER B 133 11.01 6.72 -50.36
N PRO B 134 12.33 6.82 -50.20
CA PRO B 134 13.12 5.61 -49.91
C PRO B 134 12.71 4.92 -48.61
N GLU B 135 12.22 5.70 -47.63
CA GLU B 135 11.73 5.09 -46.40
C GLU B 135 10.59 4.12 -46.69
N MET B 136 9.72 4.45 -47.65
CA MET B 136 8.64 3.54 -48.01
C MET B 136 9.18 2.24 -48.60
N GLU B 137 10.19 2.32 -49.46
CA GLU B 137 10.77 1.11 -50.03
C GLU B 137 11.41 0.24 -48.95
N GLU B 138 12.15 0.86 -48.03
CA GLU B 138 12.74 0.10 -46.94
C GLU B 138 11.68 -0.54 -46.06
N LEU B 139 10.60 0.20 -45.76
CA LEU B 139 9.53 -0.34 -44.93
C LEU B 139 8.84 -1.51 -45.62
N MET B 140 8.59 -1.40 -46.92
CA MET B 140 7.97 -2.50 -47.65
C MET B 140 8.86 -3.73 -47.67
N ASN B 141 10.17 -3.52 -47.84
CA ASN B 141 11.10 -4.65 -47.80
C ASN B 141 11.07 -5.32 -46.43
N ILE B 142 11.06 -4.52 -45.36
CA ILE B 142 11.04 -5.08 -44.01
C ILE B 142 9.77 -5.89 -43.77
N ILE B 143 8.61 -5.31 -44.16
CA ILE B 143 7.34 -5.99 -43.94
C ILE B 143 7.27 -7.28 -44.75
N ASN B 144 7.71 -7.24 -46.01
CA ASN B 144 7.74 -8.44 -46.82
C ASN B 144 8.68 -9.49 -46.26
N ASP B 145 9.78 -9.08 -45.62
CA ASP B 145 10.63 -10.03 -44.92
C ASP B 145 9.91 -10.67 -43.74
N ILE B 146 9.20 -9.88 -42.95
CA ILE B 146 8.52 -10.41 -41.77
C ILE B 146 7.39 -11.35 -42.18
N GLN B 147 6.55 -10.92 -43.12
CA GLN B 147 5.42 -11.72 -43.59
C GLN B 147 5.53 -11.87 -45.10
N PRO B 148 6.14 -12.97 -45.56
CA PRO B 148 6.36 -13.14 -47.00
C PRO B 148 5.05 -13.22 -47.78
N LEU B 149 5.10 -12.72 -49.01
CA LEU B 149 3.94 -12.73 -49.91
C LEU B 149 3.98 -13.99 -50.76
N THR B 150 3.61 -15.11 -50.14
CA THR B 150 3.54 -16.40 -50.80
C THR B 150 2.12 -16.93 -50.75
N ASP B 151 1.87 -17.98 -51.54
CA ASP B 151 0.53 -18.58 -51.57
C ASP B 151 0.19 -19.25 -50.24
N GLU B 152 1.17 -19.90 -49.60
CA GLU B 152 0.93 -20.57 -48.33
C GLU B 152 0.76 -19.61 -47.17
N ASN B 153 1.22 -18.36 -47.32
CA ASN B 153 1.06 -17.34 -46.29
C ASN B 153 -0.03 -16.33 -46.64
N LYS B 154 -0.78 -16.57 -47.72
CA LYS B 154 -1.77 -15.59 -48.18
C LYS B 154 -2.85 -15.35 -47.14
N LYS B 155 -3.37 -16.41 -46.55
CA LYS B 155 -4.42 -16.25 -45.54
C LYS B 155 -3.88 -15.71 -44.22
N ASN B 156 -2.61 -15.97 -43.93
CA ASN B 156 -2.00 -15.49 -42.70
C ASN B 156 -1.50 -14.05 -42.84
N ARG B 157 -1.01 -13.68 -44.02
CA ARG B 157 -0.60 -12.29 -44.25
C ARG B 157 -1.81 -11.36 -44.24
N GLU B 158 -2.96 -11.83 -44.74
CA GLU B 158 -4.16 -11.01 -44.75
C GLU B 158 -4.66 -10.74 -43.33
N LEU B 159 -4.62 -11.75 -42.47
CA LEU B 159 -5.00 -11.54 -41.07
C LEU B 159 -4.01 -10.60 -40.37
N TYR B 160 -2.73 -10.71 -40.72
CA TYR B 160 -1.73 -9.79 -40.19
C TYR B 160 -2.02 -8.36 -40.61
N GLU B 161 -2.39 -8.16 -41.87
CA GLU B 161 -2.70 -6.82 -42.37
C GLU B 161 -3.95 -6.27 -41.69
N LYS B 162 -5.00 -7.07 -41.60
CA LYS B 162 -6.23 -6.64 -40.96
C LYS B 162 -6.03 -6.50 -39.45
N LEU B 164 -3.61 -5.10 -37.56
CA LEU B 164 -2.75 -3.93 -37.53
C LEU B 164 -3.52 -2.68 -37.95
N SER B 165 -4.26 -2.79 -39.04
CA SER B 165 -5.09 -1.68 -39.50
C SER B 165 -6.30 -1.46 -38.61
N SER B 166 -6.63 -2.41 -37.72
CA SER B 166 -7.69 -2.21 -36.76
C SER B 166 -7.30 -1.23 -35.66
N CYS B 167 -6.00 -0.95 -35.52
CA CYS B 167 -5.52 -0.01 -34.51
C CYS B 167 -5.86 1.43 -34.83
N LEU B 168 -6.42 1.69 -36.01
CA LEU B 168 -6.88 3.02 -36.40
C LEU B 168 -8.35 3.24 -36.12
N CYS B 169 -9.12 2.17 -35.89
CA CYS B 169 -10.56 2.28 -35.71
C CYS B 169 -10.88 2.65 -34.26
N GLY B 170 -11.70 3.68 -34.08
CA GLY B 170 -12.17 4.05 -32.76
C GLY B 170 -13.48 3.38 -32.42
N ALA B 171 -13.47 2.05 -32.36
CA ALA B 171 -14.67 1.28 -32.07
C ALA B 171 -14.28 0.02 -31.33
N THR B 172 -15.26 -0.57 -30.66
CA THR B 172 -15.01 -1.78 -29.86
C THR B 172 -14.74 -2.97 -30.78
N LYS B 173 -13.67 -3.69 -30.49
CA LYS B 173 -13.31 -4.90 -31.23
C LYS B 173 -13.71 -6.13 -30.42
N GLY B 174 -14.25 -7.13 -31.11
CA GLY B 174 -14.76 -8.32 -30.48
C GLY B 174 -13.84 -9.53 -30.47
N CYS B 175 -12.54 -9.35 -30.68
CA CYS B 175 -11.63 -10.47 -30.72
C CYS B 175 -10.27 -10.04 -30.17
N LEU B 176 -9.55 -11.01 -29.60
CA LEU B 176 -8.20 -10.81 -29.07
C LEU B 176 -7.23 -11.61 -29.94
N THR B 177 -6.10 -11.00 -30.29
CA THR B 177 -5.17 -11.59 -31.22
C THR B 177 -3.87 -11.94 -30.53
N PHE B 178 -3.33 -13.12 -30.86
CA PHE B 178 -2.05 -13.58 -30.35
C PHE B 178 -1.04 -13.63 -31.49
N PHE B 179 0.03 -12.85 -31.35
CA PHE B 179 1.17 -12.92 -32.26
C PHE B 179 2.09 -14.01 -31.72
N PHE B 180 1.94 -15.22 -32.27
CA PHE B 180 2.63 -16.39 -31.77
C PHE B 180 3.78 -16.74 -32.71
N GLY B 181 4.95 -16.97 -32.14
CA GLY B 181 6.09 -17.35 -32.98
C GLY B 181 7.27 -17.77 -32.14
N GLU B 182 8.27 -18.33 -32.83
CA GLU B 182 9.53 -18.69 -32.23
C GLU B 182 10.40 -17.44 -32.09
N THR B 183 11.58 -17.61 -31.48
CA THR B 183 12.44 -16.48 -31.19
C THR B 183 12.99 -15.86 -32.47
N ALA B 184 13.19 -14.53 -32.41
CA ALA B 184 13.77 -13.76 -33.51
C ALA B 184 12.97 -13.92 -34.80
N THR B 185 11.67 -13.65 -34.72
CA THR B 185 10.78 -13.76 -35.86
C THR B 185 10.12 -12.44 -36.25
N GLY B 186 10.45 -11.34 -35.57
CA GLY B 186 9.91 -10.04 -35.93
C GLY B 186 8.68 -9.61 -35.19
N LYS B 187 8.29 -10.31 -34.11
CA LYS B 187 7.08 -9.93 -33.39
C LYS B 187 7.24 -8.63 -32.62
N SER B 188 8.44 -8.34 -32.13
CA SER B 188 8.67 -7.07 -31.43
C SER B 188 8.91 -5.92 -32.39
N THR B 189 9.44 -6.22 -33.59
CA THR B 189 9.64 -5.18 -34.59
C THR B 189 8.29 -4.59 -35.02
N THR B 190 7.29 -5.44 -35.22
CA THR B 190 5.95 -4.95 -35.58
C THR B 190 5.36 -4.09 -34.46
N LYS B 191 5.55 -4.51 -33.21
CA LYS B 191 5.07 -3.75 -32.07
C LYS B 191 5.72 -2.37 -32.02
N ARG B 192 7.04 -2.32 -32.23
CA ARG B 192 7.75 -1.05 -32.20
C ARG B 192 7.32 -0.15 -33.35
N LEU B 193 7.13 -0.73 -34.54
CA LEU B 193 6.65 0.06 -35.68
C LEU B 193 5.27 0.64 -35.42
N LEU B 194 4.37 -0.16 -34.85
CA LEU B 194 3.03 0.33 -34.54
C LEU B 194 3.08 1.43 -33.49
N LYS B 195 3.90 1.26 -32.46
CA LYS B 195 4.05 2.29 -31.43
C LYS B 195 4.58 3.58 -32.02
N SER B 196 5.56 3.49 -32.92
CA SER B 196 6.06 4.69 -33.59
C SER B 196 4.99 5.33 -34.45
N ALA B 197 4.17 4.52 -35.12
CA ALA B 197 3.20 5.05 -36.07
C ALA B 197 2.06 5.78 -35.36
N ILE B 198 1.49 5.18 -34.31
CA ILE B 198 0.29 5.75 -33.70
C ILE B 198 0.58 6.49 -32.40
N GLY B 199 1.79 6.39 -31.87
CA GLY B 199 2.17 7.25 -30.75
C GLY B 199 1.39 6.96 -29.48
N ASP B 200 0.68 7.97 -28.98
CA ASP B 200 0.00 7.92 -27.70
C ASP B 200 -1.29 7.11 -27.72
N LEU B 201 -1.78 6.72 -28.90
CA LEU B 201 -2.93 5.84 -28.98
C LEU B 201 -2.57 4.39 -28.68
N PHE B 202 -1.29 4.10 -28.48
CA PHE B 202 -0.78 2.78 -28.19
C PHE B 202 -0.44 2.69 -26.71
N VAL B 203 -0.80 1.57 -26.07
CA VAL B 203 -0.47 1.38 -24.66
C VAL B 203 -0.03 -0.06 -24.43
N GLU B 204 0.81 -0.23 -23.42
CA GLU B 204 1.34 -1.52 -22.99
C GLU B 204 0.95 -1.76 -21.54
N THR B 205 0.32 -2.89 -21.27
CA THR B 205 -0.12 -3.23 -19.92
C THR B 205 0.49 -4.58 -19.51
N GLY B 206 0.12 -5.02 -18.31
CA GLY B 206 0.63 -6.26 -17.76
C GLY B 206 -0.26 -7.45 -18.06
N GLN B 207 0.18 -8.61 -17.59
CA GLN B 207 -0.54 -9.86 -17.79
C GLN B 207 -1.66 -10.08 -16.78
N THR B 208 -1.78 -9.22 -15.77
CA THR B 208 -2.83 -9.38 -14.77
C THR B 208 -4.23 -9.12 -15.32
N ILE B 209 -4.34 -8.47 -16.48
CA ILE B 209 -5.66 -8.30 -17.10
C ILE B 209 -6.17 -9.59 -17.72
N LEU B 210 -5.32 -10.63 -17.81
CA LEU B 210 -5.72 -11.92 -18.32
C LEU B 210 -5.73 -13.03 -17.27
N THR B 211 -5.04 -12.84 -16.15
CA THR B 211 -4.89 -13.89 -15.14
C THR B 211 -5.43 -13.51 -13.77
N ASP B 212 -5.71 -12.25 -13.51
CA ASP B 212 -6.23 -11.80 -12.21
C ASP B 212 -7.71 -11.44 -12.34
N VAL B 213 -8.32 -11.22 -11.18
CA VAL B 213 -9.74 -10.88 -11.10
C VAL B 213 -9.88 -9.37 -11.17
N LEU B 214 -10.78 -8.89 -12.04
CA LEU B 214 -11.02 -7.47 -12.21
C LEU B 214 -12.07 -7.02 -11.20
N ASP B 215 -11.73 -6.02 -10.38
CA ASP B 215 -12.59 -5.61 -9.29
C ASP B 215 -12.85 -4.11 -9.31
N LYS B 216 -13.49 -3.59 -8.26
CA LYS B 216 -13.75 -2.17 -8.13
C LYS B 216 -12.60 -1.42 -7.50
N GLY B 217 -11.57 -2.12 -7.02
CA GLY B 217 -10.43 -1.49 -6.41
C GLY B 217 -9.57 -0.75 -7.42
N PRO B 218 -8.61 0.03 -6.94
CA PRO B 218 -7.75 0.79 -7.87
C PRO B 218 -6.90 -0.12 -8.75
N ASN B 219 -7.16 -0.10 -10.05
CA ASN B 219 -6.46 -0.93 -11.03
C ASN B 219 -5.96 -0.03 -12.15
N PRO B 220 -4.81 0.60 -11.99
CA PRO B 220 -4.27 1.46 -13.05
C PRO B 220 -4.00 0.71 -14.34
N PHE B 221 -3.67 -0.58 -14.27
CA PHE B 221 -3.40 -1.35 -15.48
C PHE B 221 -4.63 -1.44 -16.38
N ILE B 222 -5.83 -1.37 -15.80
CA ILE B 222 -7.05 -1.32 -16.58
C ILE B 222 -7.44 0.12 -16.89
N ALA B 223 -7.29 1.02 -15.92
CA ALA B 223 -7.73 2.40 -16.09
C ALA B 223 -6.93 3.13 -17.16
N ASN B 224 -5.71 2.68 -17.44
CA ASN B 224 -4.87 3.32 -18.44
C ASN B 224 -5.22 2.92 -19.86
N MET B 225 -6.21 2.05 -20.05
CA MET B 225 -6.63 1.61 -21.37
C MET B 225 -7.82 2.42 -21.89
N HIS B 226 -8.24 3.46 -21.19
CA HIS B 226 -9.43 4.21 -21.58
C HIS B 226 -9.18 4.96 -22.88
N LEU B 227 -10.04 4.69 -23.88
CA LEU B 227 -10.02 5.37 -25.17
C LEU B 227 -8.74 5.11 -25.96
N LYS B 228 -8.06 4.00 -25.66
CA LYS B 228 -6.88 3.58 -26.41
C LYS B 228 -7.28 2.63 -27.53
N ARG B 229 -6.64 2.77 -28.68
CA ARG B 229 -6.96 1.98 -29.86
C ARG B 229 -6.04 0.79 -30.06
N SER B 230 -5.04 0.61 -29.19
CA SER B 230 -4.14 -0.53 -29.30
C SER B 230 -3.57 -0.84 -27.93
N VAL B 231 -3.75 -2.09 -27.48
CA VAL B 231 -3.22 -2.55 -26.21
C VAL B 231 -2.36 -3.77 -26.48
N PHE B 232 -1.11 -3.73 -26.03
CA PHE B 232 -0.17 -4.83 -26.20
C PHE B 232 0.18 -5.44 -24.85
N CYS B 233 0.15 -6.77 -24.79
CA CYS B 233 0.64 -7.53 -23.66
C CYS B 233 1.75 -8.45 -24.15
N SER B 234 2.95 -8.28 -23.59
CA SER B 234 4.13 -8.98 -24.07
C SER B 234 4.45 -10.16 -23.16
N GLU B 235 4.87 -11.27 -23.79
CA GLU B 235 5.33 -12.47 -23.11
C GLU B 235 4.20 -13.22 -22.42
N LEU B 236 4.28 -14.55 -22.45
CA LEU B 236 3.28 -15.41 -21.85
C LEU B 236 4.00 -16.66 -21.38
N PRO B 237 3.85 -17.05 -20.11
CA PRO B 237 4.58 -18.21 -19.60
C PRO B 237 4.07 -19.51 -20.18
N ASP B 238 4.93 -20.53 -20.14
CA ASP B 238 4.51 -21.88 -20.48
C ASP B 238 3.59 -22.39 -19.38
N PHE B 239 2.36 -22.74 -19.74
CA PHE B 239 1.33 -23.04 -18.76
C PHE B 239 1.40 -24.48 -18.24
N ALA B 240 2.32 -25.30 -18.74
CA ALA B 240 2.40 -26.69 -18.34
C ALA B 240 3.70 -26.91 -17.59
N CYS B 241 4.86 -26.62 -18.19
CA CYS B 241 6.13 -26.95 -17.56
C CYS B 241 6.48 -25.98 -16.42
N SER B 242 5.88 -24.80 -16.39
CA SER B 242 6.15 -23.84 -15.33
C SER B 242 5.13 -23.89 -14.20
N GLY B 243 3.93 -24.41 -14.46
CA GLY B 243 2.91 -24.49 -13.44
C GLY B 243 2.42 -23.13 -12.96
N SER B 244 2.20 -22.22 -13.90
CA SER B 244 1.78 -20.86 -13.58
C SER B 244 0.27 -20.72 -13.72
N LYS B 245 -0.22 -19.53 -13.39
CA LYS B 245 -1.65 -19.25 -13.48
C LYS B 245 -2.11 -19.26 -14.94
N LYS B 246 -3.29 -19.81 -15.16
CA LYS B 246 -3.88 -19.86 -16.49
C LYS B 246 -4.75 -18.63 -16.75
N ILE B 247 -5.08 -18.42 -18.02
CA ILE B 247 -5.89 -17.28 -18.42
C ILE B 247 -7.33 -17.56 -18.04
N ARG B 248 -7.93 -16.64 -17.28
CA ARG B 248 -9.32 -16.79 -16.87
C ARG B 248 -10.24 -16.47 -18.04
N SER B 249 -11.21 -17.36 -18.28
CA SER B 249 -12.13 -17.17 -19.40
C SER B 249 -13.07 -16.00 -19.19
N ASP B 250 -13.32 -15.59 -17.94
CA ASP B 250 -14.21 -14.46 -17.68
C ASP B 250 -13.58 -13.13 -18.05
N ASN B 251 -12.25 -13.03 -18.03
CA ASN B 251 -11.60 -11.80 -18.45
C ASN B 251 -11.67 -11.60 -19.96
N ILE B 252 -11.65 -12.70 -20.72
CA ILE B 252 -11.78 -12.59 -22.17
C ILE B 252 -13.13 -12.01 -22.55
N LYS B 253 -14.19 -12.39 -21.83
CA LYS B 253 -15.51 -11.81 -22.06
C LYS B 253 -15.56 -10.34 -21.71
N LYS B 254 -14.92 -9.94 -20.61
CA LYS B 254 -14.98 -8.56 -20.13
C LYS B 254 -14.05 -7.62 -20.90
N LEU B 255 -13.07 -8.15 -21.61
CA LEU B 255 -12.20 -7.34 -22.45
C LEU B 255 -12.77 -7.15 -23.85
N THR B 256 -13.91 -7.75 -24.14
CA THR B 256 -14.58 -7.59 -25.42
C THR B 256 -15.75 -6.61 -25.34
N GLU B 257 -16.36 -6.45 -24.17
CA GLU B 257 -17.48 -5.55 -23.97
C GLU B 257 -17.04 -4.09 -24.16
N PRO B 258 -17.96 -3.22 -24.57
CA PRO B 258 -17.60 -1.81 -24.81
C PRO B 258 -17.12 -1.06 -23.57
N CYS B 259 -17.44 -1.53 -22.38
CA CYS B 259 -17.03 -0.86 -21.15
C CYS B 259 -16.28 -1.82 -20.25
N VAL B 260 -15.27 -1.31 -19.56
CA VAL B 260 -14.46 -2.10 -18.64
C VAL B 260 -14.47 -1.40 -17.28
N ILE B 261 -14.33 -2.19 -16.22
CA ILE B 261 -14.41 -1.71 -14.85
C ILE B 261 -13.00 -1.61 -14.29
N GLY B 262 -12.64 -0.43 -13.78
CA GLY B 262 -11.36 -0.19 -13.18
C GLY B 262 -11.10 1.29 -12.98
N ARG B 263 -10.53 1.66 -11.84
CA ARG B 263 -10.34 3.07 -11.54
C ARG B 263 -8.89 3.34 -11.15
N PRO B 264 -8.41 4.56 -11.38
CA PRO B 264 -7.05 4.91 -10.98
C PRO B 264 -6.94 5.13 -9.47
N CYS B 265 -5.72 5.37 -8.99
CA CYS B 265 -5.52 5.74 -7.59
C CYS B 265 -6.02 7.16 -7.36
N PHE B 266 -6.68 7.37 -6.22
CA PHE B 266 -7.25 8.67 -5.85
C PHE B 266 -8.20 9.18 -6.92
N SER B 267 -9.01 8.28 -7.48
CA SER B 267 -9.98 8.64 -8.49
C SER B 267 -11.22 7.78 -8.33
N ASN B 268 -12.34 8.27 -8.84
CA ASN B 268 -13.62 7.57 -8.79
C ASN B 268 -14.12 7.16 -10.17
N LYS B 269 -13.34 7.37 -11.22
CA LYS B 269 -13.73 7.03 -12.58
C LYS B 269 -13.64 5.51 -12.74
N ILE B 270 -14.78 4.84 -12.51
CA ILE B 270 -14.80 3.39 -12.52
C ILE B 270 -14.97 2.79 -13.90
N ASN B 271 -15.50 3.55 -14.87
CA ASN B 271 -15.85 3.03 -16.18
C ASN B 271 -14.83 3.50 -17.20
N ASN B 272 -14.39 2.59 -18.07
CA ASN B 272 -13.45 2.88 -19.14
C ASN B 272 -14.07 2.44 -20.46
N ARG B 273 -13.93 3.26 -21.49
CA ARG B 273 -14.45 2.95 -22.81
C ARG B 273 -13.44 2.11 -23.59
N ASN B 274 -13.93 1.04 -24.21
CA ASN B 274 -13.07 0.06 -24.87
C ASN B 274 -13.07 0.30 -26.37
N HIS B 275 -11.94 0.75 -26.90
CA HIS B 275 -11.74 0.91 -28.34
C HIS B 275 -10.51 0.17 -28.83
N ALA B 276 -9.96 -0.74 -28.04
CA ALA B 276 -8.61 -1.24 -28.25
C ALA B 276 -8.58 -2.57 -28.98
N THR B 277 -7.56 -2.73 -29.82
CA THR B 277 -7.18 -4.03 -30.35
C THR B 277 -6.16 -4.64 -29.40
N ILE B 278 -6.49 -5.80 -28.83
CA ILE B 278 -5.64 -6.46 -27.85
C ILE B 278 -4.76 -7.45 -28.58
N ILE B 279 -3.45 -7.27 -28.48
CA ILE B 279 -2.48 -8.15 -29.11
C ILE B 279 -1.53 -8.66 -28.03
N ILE B 280 -1.31 -9.97 -28.00
CA ILE B 280 -0.43 -10.61 -27.02
C ILE B 280 0.72 -11.27 -27.76
N ASP B 281 1.95 -10.88 -27.41
CA ASP B 281 3.15 -11.46 -28.02
C ASP B 281 3.53 -12.74 -27.28
N THR B 282 3.66 -13.85 -28.01
CA THR B 282 3.82 -15.15 -27.38
C THR B 282 4.82 -16.02 -28.12
N ASN B 283 5.60 -16.77 -27.33
CA ASN B 283 6.30 -17.95 -27.81
C ASN B 283 5.54 -19.24 -27.52
N TYR B 284 4.44 -19.15 -26.77
CA TYR B 284 3.62 -20.31 -26.42
C TYR B 284 2.15 -19.96 -26.63
N LYS B 285 1.39 -20.92 -27.16
CA LYS B 285 -0.02 -20.67 -27.40
C LYS B 285 -0.80 -20.68 -26.08
N PRO B 286 -1.86 -19.87 -25.98
CA PRO B 286 -2.54 -19.70 -24.69
C PRO B 286 -3.24 -20.96 -24.21
N VAL B 287 -3.31 -21.08 -22.89
CA VAL B 287 -4.04 -22.16 -22.22
C VAL B 287 -5.02 -21.52 -21.24
N PHE B 288 -6.27 -21.95 -21.29
CA PHE B 288 -7.34 -21.35 -20.50
C PHE B 288 -7.82 -22.32 -19.43
N ASP B 289 -8.45 -21.77 -18.40
CA ASP B 289 -8.92 -22.56 -17.27
C ASP B 289 -10.30 -23.15 -17.47
N ARG B 290 -11.04 -22.69 -18.47
CA ARG B 290 -12.41 -23.17 -18.70
C ARG B 290 -12.75 -22.95 -20.17
N ILE B 291 -12.93 -24.03 -20.91
CA ILE B 291 -13.24 -23.97 -22.34
C ILE B 291 -14.75 -24.04 -22.52
N ASP B 292 -15.27 -23.15 -23.37
CA ASP B 292 -16.68 -23.15 -23.70
C ASP B 292 -16.85 -22.61 -25.11
N ASN B 293 -18.09 -22.63 -25.60
CA ASN B 293 -18.37 -22.19 -26.97
C ASN B 293 -18.20 -20.69 -27.15
N ALA B 294 -18.44 -19.90 -26.11
CA ALA B 294 -18.28 -18.45 -26.22
C ALA B 294 -16.80 -18.06 -26.29
N LEU B 295 -15.94 -18.76 -25.53
CA LEU B 295 -14.52 -18.43 -25.55
C LEU B 295 -13.90 -18.69 -26.91
N MET B 296 -14.31 -19.78 -27.56
CA MET B 296 -13.76 -20.15 -28.87
C MET B 296 -14.17 -19.19 -29.98
N ARG B 297 -15.01 -18.20 -29.69
CA ARG B 297 -15.45 -17.22 -30.68
C ARG B 297 -14.74 -15.89 -30.57
N ARG B 298 -13.68 -15.80 -29.74
CA ARG B 298 -13.02 -14.53 -29.48
C ARG B 298 -11.50 -14.65 -29.50
N ILE B 299 -10.96 -15.68 -30.14
CA ILE B 299 -9.52 -15.94 -30.14
C ILE B 299 -9.05 -16.09 -31.58
N ALA B 300 -8.03 -15.32 -31.95
CA ALA B 300 -7.40 -15.41 -33.26
C ALA B 300 -5.89 -15.46 -33.09
N VAL B 301 -5.21 -16.13 -34.01
CA VAL B 301 -3.77 -16.38 -33.92
C VAL B 301 -3.11 -15.99 -35.24
N VAL B 302 -2.05 -15.19 -35.16
CA VAL B 302 -1.19 -14.89 -36.29
C VAL B 302 0.19 -15.47 -35.99
N ARG B 303 0.76 -16.16 -36.98
CA ARG B 303 2.01 -16.89 -36.79
C ARG B 303 3.16 -16.22 -37.52
N PHE B 304 4.34 -16.24 -36.90
CA PHE B 304 5.56 -15.66 -37.45
C PHE B 304 6.55 -16.80 -37.67
N ARG B 305 7.05 -16.94 -38.90
CA ARG B 305 7.86 -18.11 -39.25
C ARG B 305 9.08 -17.75 -40.08
N THR B 306 9.62 -16.55 -39.91
CA THR B 306 10.83 -16.12 -40.59
C THR B 306 11.89 -15.77 -39.54
N HIS B 307 13.07 -16.38 -39.66
CA HIS B 307 14.13 -16.19 -38.69
C HIS B 307 15.15 -15.18 -39.19
N PHE B 308 15.49 -14.22 -38.34
CA PHE B 308 16.54 -13.25 -38.60
C PHE B 308 17.70 -13.61 -37.69
N SER B 309 18.77 -14.16 -38.27
CA SER B 309 19.85 -14.75 -37.51
C SER B 309 21.20 -14.20 -37.96
N GLN B 310 22.19 -14.35 -37.08
CA GLN B 310 23.57 -14.01 -37.39
C GLN B 310 24.18 -15.06 -38.30
N PRO B 311 25.27 -14.74 -39.01
CA PRO B 311 25.86 -15.70 -39.94
C PRO B 311 26.26 -17.02 -39.30
N SER B 312 26.67 -17.01 -38.02
CA SER B 312 27.08 -18.24 -37.36
C SER B 312 25.93 -19.23 -37.22
N GLY B 313 24.74 -18.74 -36.88
CA GLY B 313 23.60 -19.57 -36.60
C GLY B 313 22.70 -19.90 -37.78
N ARG B 314 23.17 -19.70 -39.00
CA ARG B 314 22.32 -19.96 -40.17
C ARG B 314 22.00 -21.44 -40.31
N GLU B 315 22.97 -22.31 -40.02
CA GLU B 315 22.79 -23.74 -40.25
C GLU B 315 21.68 -24.30 -39.37
N ALA B 316 21.75 -24.04 -38.06
CA ALA B 316 20.72 -24.53 -37.16
C ALA B 316 19.37 -23.91 -37.46
N ALA B 317 19.36 -22.64 -37.91
CA ALA B 317 18.11 -22.00 -38.30
C ALA B 317 17.48 -22.70 -39.50
N GLU B 318 18.30 -23.06 -40.49
CA GLU B 318 17.78 -23.76 -41.66
C GLU B 318 17.43 -25.21 -41.37
N ASN B 319 17.97 -25.78 -40.28
CA ASN B 319 17.65 -27.14 -39.87
C ASN B 319 16.59 -27.18 -38.78
N ASN B 320 15.69 -26.20 -38.74
CA ASN B 320 14.64 -26.11 -37.74
C ASN B 320 13.28 -26.11 -38.43
N ASP B 321 12.33 -26.84 -37.86
CA ASP B 321 10.99 -26.97 -38.43
C ASP B 321 10.05 -25.85 -37.99
N ALA B 322 10.50 -24.94 -37.13
CA ALA B 322 9.69 -23.81 -36.71
C ALA B 322 9.86 -22.60 -37.60
N TYR B 323 10.69 -22.69 -38.64
CA TYR B 323 10.94 -21.58 -39.55
C TYR B 323 10.75 -22.05 -40.98
N ASP B 324 10.22 -21.15 -41.82
CA ASP B 324 10.12 -21.39 -43.25
C ASP B 324 11.14 -20.60 -44.05
N LYS B 325 11.77 -19.59 -43.46
CA LYS B 325 12.71 -18.73 -44.17
C LYS B 325 13.73 -18.20 -43.17
N VAL B 326 14.98 -18.12 -43.61
CA VAL B 326 16.09 -17.66 -42.77
C VAL B 326 16.76 -16.49 -43.47
N LYS B 327 16.88 -15.36 -42.77
CA LYS B 327 17.46 -14.15 -43.33
C LYS B 327 18.52 -13.61 -42.38
N LEU B 328 19.25 -12.60 -42.83
CA LEU B 328 20.34 -12.01 -42.07
C LEU B 328 19.82 -10.91 -41.16
N LEU B 329 20.31 -10.89 -39.92
CA LEU B 329 19.90 -9.88 -38.97
C LEU B 329 20.53 -8.53 -39.30
N ASP B 330 19.74 -7.46 -39.11
CA ASP B 330 20.22 -6.10 -39.28
C ASP B 330 20.27 -5.43 -37.92
N GLU B 331 21.45 -5.02 -37.49
CA GLU B 331 21.66 -4.48 -36.15
C GLU B 331 21.41 -2.98 -36.08
N GLY B 332 21.19 -2.30 -37.20
CA GLY B 332 20.92 -0.88 -37.19
C GLY B 332 19.45 -0.55 -37.30
N LEU B 333 18.63 -1.57 -37.56
CA LEU B 333 17.20 -1.34 -37.73
C LEU B 333 16.54 -0.92 -36.43
N ASP B 334 16.96 -1.50 -35.31
CA ASP B 334 16.36 -1.18 -34.02
C ASP B 334 16.54 0.30 -33.68
N GLY B 335 17.74 0.83 -33.91
CA GLY B 335 17.96 2.26 -33.66
C GLY B 335 17.17 3.15 -34.60
N LYS B 336 17.06 2.74 -35.86
CA LYS B 336 16.32 3.54 -36.83
C LYS B 336 14.84 3.60 -36.49
N ILE B 337 14.27 2.48 -36.03
CA ILE B 337 12.85 2.47 -35.66
C ILE B 337 12.61 3.39 -34.47
N GLN B 338 13.51 3.37 -33.49
CA GLN B 338 13.38 4.23 -32.32
C GLN B 338 13.49 5.71 -32.66
N ASN B 339 14.07 6.04 -33.82
CA ASN B 339 14.24 7.41 -34.25
C ASN B 339 13.06 7.91 -35.07
N ASN B 340 11.97 7.15 -35.14
CA ASN B 340 10.76 7.53 -35.87
C ASN B 340 11.05 7.77 -37.34
N ARG B 341 11.88 6.90 -37.93
CA ARG B 341 12.20 7.02 -39.34
C ARG B 341 11.08 6.51 -40.23
N TYR B 342 10.38 5.45 -39.81
CA TYR B 342 9.31 4.85 -40.60
C TYR B 342 7.93 5.18 -40.05
N ARG B 343 7.81 6.24 -39.25
CA ARG B 343 6.54 6.57 -38.61
C ARG B 343 5.47 6.90 -39.66
N PHE B 344 5.76 7.83 -40.55
CA PHE B 344 4.75 8.26 -41.52
C PHE B 344 4.58 7.28 -42.67
N ALA B 345 5.66 6.59 -43.07
CA ALA B 345 5.52 5.54 -44.08
C ALA B 345 4.63 4.40 -43.56
N PHE B 346 4.84 3.99 -42.32
CA PHE B 346 3.98 2.96 -41.75
C PHE B 346 2.56 3.46 -41.54
N LEU B 347 2.41 4.75 -41.19
CA LEU B 347 1.07 5.31 -41.09
C LEU B 347 0.34 5.27 -42.43
N TYR B 348 1.04 5.62 -43.51
CA TYR B 348 0.44 5.55 -44.84
C TYR B 348 0.08 4.11 -45.20
N LEU B 349 0.97 3.17 -44.89
CA LEU B 349 0.67 1.77 -45.18
C LEU B 349 -0.55 1.28 -44.39
N LEU B 350 -0.66 1.69 -43.12
CA LEU B 350 -1.80 1.31 -42.31
C LEU B 350 -3.10 1.92 -42.84
N VAL B 351 -3.05 3.17 -43.32
CA VAL B 351 -4.24 3.78 -43.90
C VAL B 351 -4.64 3.04 -45.17
N LYS B 352 -3.66 2.66 -46.00
CA LYS B 352 -3.94 1.91 -47.21
C LYS B 352 -4.58 0.56 -46.89
N TRP B 353 -4.08 -0.13 -45.87
CA TRP B 353 -4.69 -1.38 -45.43
C TRP B 353 -6.10 -1.15 -44.88
N TYR B 354 -6.30 -0.07 -44.12
CA TYR B 354 -7.62 0.26 -43.59
C TYR B 354 -8.62 0.41 -44.71
N LYS B 355 -8.25 1.11 -45.78
CA LYS B 355 -9.16 1.27 -46.91
C LYS B 355 -9.52 -0.06 -47.57
N LYS B 356 -8.65 -1.07 -47.46
CA LYS B 356 -8.89 -2.35 -48.12
C LYS B 356 -9.93 -3.21 -47.41
N TYR B 357 -9.93 -3.21 -46.08
CA TYR B 357 -10.72 -4.18 -45.30
C TYR B 357 -12.04 -3.61 -44.81
N HIS B 358 -12.43 -2.42 -45.24
CA HIS B 358 -13.77 -1.89 -44.99
C HIS B 358 -14.59 -2.14 -46.25
N ILE B 359 -15.40 -3.20 -46.22
CA ILE B 359 -16.15 -3.61 -47.40
C ILE B 359 -17.62 -3.91 -47.12
N PRO B 360 -18.41 -2.93 -46.62
CA PRO B 360 -18.04 -1.60 -46.14
C PRO B 360 -17.78 -1.62 -44.63
N ILE B 361 -17.87 -2.79 -44.03
CA ILE B 361 -17.74 -2.96 -42.58
C ILE B 361 -16.61 -3.94 -42.31
N MET B 362 -15.73 -3.59 -41.39
CA MET B 362 -14.60 -4.43 -41.00
C MET B 362 -14.88 -5.05 -39.64
N LYS B 363 -14.65 -6.36 -39.54
CA LYS B 363 -14.83 -7.09 -38.29
C LYS B 363 -13.83 -8.23 -38.23
N LEU B 364 -13.51 -8.65 -37.02
CA LEU B 364 -12.46 -9.65 -36.79
C LEU B 364 -13.07 -11.04 -36.62
N TYR B 365 -12.47 -12.02 -37.29
CA TYR B 365 -12.96 -13.39 -37.27
C TYR B 365 -12.03 -14.28 -36.46
N PRO B 366 -12.55 -15.03 -35.50
CA PRO B 366 -11.68 -15.92 -34.71
C PRO B 366 -11.16 -17.09 -35.54
N THR B 367 -10.08 -17.68 -35.06
CA THR B 367 -9.45 -18.84 -35.69
C THR B 367 -9.34 -19.95 -34.64
N PRO B 368 -10.44 -20.68 -34.39
CA PRO B 368 -10.41 -21.69 -33.32
C PRO B 368 -9.56 -22.92 -33.64
N GLU B 369 -9.19 -23.14 -34.89
CA GLU B 369 -8.47 -24.33 -35.29
C GLU B 369 -6.96 -24.24 -35.06
N GLU B 370 -6.46 -23.09 -34.62
CA GLU B 370 -5.04 -22.91 -34.36
C GLU B 370 -4.66 -23.12 -32.91
N ILE B 371 -5.63 -23.35 -32.03
CA ILE B 371 -5.37 -23.51 -30.59
C ILE B 371 -5.50 -25.00 -30.26
N PRO B 372 -4.42 -25.68 -29.85
CA PRO B 372 -4.56 -27.09 -29.45
C PRO B 372 -5.50 -27.28 -28.27
N ASP B 373 -5.62 -26.29 -27.38
CA ASP B 373 -6.53 -26.39 -26.24
C ASP B 373 -7.99 -26.50 -26.67
N PHE B 374 -8.32 -26.05 -27.87
CA PHE B 374 -9.70 -26.08 -28.37
C PHE B 374 -9.97 -27.32 -29.23
N ALA B 375 -9.01 -28.23 -29.37
CA ALA B 375 -9.17 -29.34 -30.30
C ALA B 375 -10.29 -30.28 -29.87
N PHE B 376 -10.38 -30.57 -28.57
CA PHE B 376 -11.37 -31.53 -28.10
C PHE B 376 -12.80 -31.04 -28.33
N TYR B 377 -13.06 -29.75 -28.08
CA TYR B 377 -14.42 -29.25 -28.13
C TYR B 377 -14.95 -29.18 -29.56
N LEU B 378 -14.07 -28.94 -30.53
CA LEU B 378 -14.51 -28.87 -31.92
C LEU B 378 -15.04 -30.22 -32.40
N LYS B 379 -14.29 -31.29 -32.12
CA LYS B 379 -14.72 -32.63 -32.52
C LYS B 379 -16.02 -33.02 -31.83
N ILE B 380 -16.12 -32.73 -30.53
CA ILE B 380 -17.36 -33.04 -29.79
C ILE B 380 -18.52 -32.24 -30.36
N GLY B 381 -18.29 -30.96 -30.67
CA GLY B 381 -19.35 -30.14 -31.23
C GLY B 381 -19.82 -30.64 -32.58
N THR B 382 -18.90 -31.09 -33.43
CA THR B 382 -19.25 -31.56 -34.76
C THR B 382 -19.64 -33.03 -34.79
N LEU B 383 -19.53 -33.75 -33.66
CA LEU B 383 -19.84 -35.17 -33.61
C LEU B 383 -21.14 -35.47 -32.87
N LEU B 384 -21.40 -34.78 -31.76
CA LEU B 384 -22.56 -35.05 -30.93
C LEU B 384 -23.62 -33.96 -31.11
N VAL B 385 -24.88 -34.33 -30.90
CA VAL B 385 -26.01 -33.41 -30.94
C VAL B 385 -26.73 -33.48 -29.60
N SER B 386 -26.88 -32.34 -28.95
CA SER B 386 -27.54 -32.27 -27.65
C SER B 386 -29.05 -32.46 -27.78
N THR B 411 -32.31 -46.11 -22.94
CA THR B 411 -31.46 -46.40 -24.08
C THR B 411 -30.10 -45.73 -23.95
N LEU B 412 -29.25 -45.92 -24.96
CA LEU B 412 -27.90 -45.38 -25.00
C LEU B 412 -27.12 -45.74 -23.74
N PRO B 413 -26.72 -47.00 -23.58
CA PRO B 413 -25.98 -47.40 -22.38
C PRO B 413 -24.64 -46.69 -22.29
N LEU B 414 -24.17 -46.53 -21.06
CA LEU B 414 -22.88 -45.86 -20.83
C LEU B 414 -21.74 -46.63 -21.47
N THR B 415 -21.73 -47.95 -21.29
CA THR B 415 -20.69 -48.77 -21.90
C THR B 415 -20.77 -48.74 -23.42
N THR B 416 -21.98 -48.76 -23.96
CA THR B 416 -22.15 -48.67 -25.41
C THR B 416 -21.61 -47.35 -25.93
N PHE B 417 -21.90 -46.24 -25.25
CA PHE B 417 -21.38 -44.95 -25.67
C PHE B 417 -19.85 -44.92 -25.57
N GLN B 418 -19.30 -45.50 -24.49
CA GLN B 418 -17.85 -45.53 -24.33
C GLN B 418 -17.19 -46.28 -25.48
N GLN B 419 -17.69 -47.47 -25.80
CA GLN B 419 -17.07 -48.25 -26.86
C GLN B 419 -17.29 -47.61 -28.23
N LYS B 420 -18.44 -46.97 -28.44
CA LYS B 420 -18.71 -46.32 -29.72
C LYS B 420 -17.82 -45.10 -29.91
N ILE B 421 -17.53 -44.37 -28.83
CA ILE B 421 -16.72 -43.16 -28.97
C ILE B 421 -15.22 -43.50 -28.99
N SER B 422 -14.83 -44.62 -28.38
CA SER B 422 -13.44 -45.05 -28.45
C SER B 422 -13.14 -45.97 -29.62
N LYS B 423 -14.17 -46.37 -30.39
CA LYS B 423 -13.95 -47.27 -31.52
C LYS B 423 -13.22 -46.57 -32.65
N TYR B 424 -13.39 -45.26 -32.80
CA TYR B 424 -12.76 -44.50 -33.89
C TYR B 424 -11.58 -43.67 -33.43
N PHE B 425 -11.68 -43.02 -32.28
CA PHE B 425 -10.60 -42.18 -31.78
C PHE B 425 -9.59 -43.00 -30.98
N ASN B 426 -8.37 -42.48 -30.90
CA ASN B 426 -7.31 -43.08 -30.10
C ASN B 426 -7.12 -42.27 -28.83
N SER B 427 -6.84 -42.97 -27.72
CA SER B 427 -6.76 -42.35 -26.42
C SER B 427 -5.32 -42.06 -25.98
N ARG B 428 -4.35 -42.16 -26.89
CA ARG B 428 -2.96 -41.92 -26.51
C ARG B 428 -2.73 -40.46 -26.14
N LEU B 429 -3.51 -39.55 -26.71
CA LEU B 429 -3.50 -38.14 -26.34
C LEU B 429 -4.82 -37.65 -25.78
N PHE B 430 -5.95 -38.04 -26.39
CA PHE B 430 -7.27 -37.65 -25.90
C PHE B 430 -7.83 -38.68 -24.93
N GLY B 431 -7.06 -39.04 -23.91
CA GLY B 431 -7.55 -39.97 -22.92
C GLY B 431 -8.23 -39.25 -21.77
N HIS B 432 -7.50 -38.30 -21.17
CA HIS B 432 -8.07 -37.52 -20.08
C HIS B 432 -9.24 -36.66 -20.56
N ASP B 433 -9.25 -36.28 -21.83
CA ASP B 433 -10.33 -35.46 -22.36
C ASP B 433 -11.67 -36.21 -22.30
N ILE B 434 -11.71 -37.42 -22.86
CA ILE B 434 -12.96 -38.19 -22.79
C ILE B 434 -13.20 -38.68 -21.37
N GLU B 435 -12.15 -38.91 -20.59
CA GLU B 435 -12.34 -39.28 -19.19
C GLU B 435 -13.08 -38.20 -18.43
N SER B 436 -12.70 -36.93 -18.64
CA SER B 436 -13.39 -35.83 -17.99
C SER B 436 -14.77 -35.59 -18.58
N PHE B 437 -14.91 -35.72 -19.90
CA PHE B 437 -16.21 -35.48 -20.54
C PHE B 437 -17.25 -36.49 -20.07
N ILE B 438 -16.86 -37.76 -19.96
CA ILE B 438 -17.79 -38.79 -19.51
C ILE B 438 -18.11 -38.62 -18.03
N ASN B 439 -17.07 -38.38 -17.22
CA ASN B 439 -17.26 -38.34 -15.77
C ASN B 439 -17.94 -37.05 -15.33
N ARG B 440 -17.32 -35.91 -15.61
CA ARG B 440 -17.85 -34.64 -15.12
C ARG B 440 -19.14 -34.26 -15.83
N HIS B 441 -19.17 -34.38 -17.16
CA HIS B 441 -20.32 -33.95 -17.95
C HIS B 441 -21.24 -35.15 -18.19
N LYS B 442 -22.09 -35.43 -17.21
CA LYS B 442 -23.05 -36.50 -17.32
C LYS B 442 -24.42 -35.97 -17.73
N LEU B 452 -27.43 -39.64 -20.68
CA LEU B 452 -26.68 -38.77 -21.57
C LEU B 452 -27.42 -38.56 -22.88
N GLN B 453 -28.18 -37.46 -22.96
CA GLN B 453 -29.00 -37.15 -24.13
C GLN B 453 -28.09 -36.61 -25.23
N TYR B 454 -27.33 -37.51 -25.84
CA TYR B 454 -26.41 -37.15 -26.91
C TYR B 454 -26.51 -38.21 -28.00
N ILE B 455 -26.74 -37.77 -29.24
CA ILE B 455 -26.94 -38.65 -30.37
C ILE B 455 -25.86 -38.36 -31.41
N PHE B 456 -25.21 -39.42 -31.89
CA PHE B 456 -24.18 -39.27 -32.91
C PHE B 456 -24.81 -38.79 -34.23
N ILE B 457 -24.00 -38.13 -35.04
CA ILE B 457 -24.45 -37.65 -36.34
C ILE B 457 -24.54 -38.83 -37.31
N ASN C 2 0.12 41.72 -12.77
CA ASN C 2 0.77 42.50 -13.81
C ASN C 2 2.29 42.42 -13.69
N LYS C 3 2.82 42.91 -12.58
CA LYS C 3 4.27 42.86 -12.36
C LYS C 3 4.74 41.44 -12.10
N LEU C 4 4.02 40.70 -11.25
CA LEU C 4 4.33 39.29 -11.04
C LEU C 4 4.12 38.47 -12.30
N PHE C 5 3.12 38.81 -13.10
CA PHE C 5 2.94 38.16 -14.40
C PHE C 5 4.14 38.44 -15.31
N ASN C 6 4.66 39.67 -15.29
CA ASN C 6 5.84 39.98 -16.07
C ASN C 6 7.05 39.18 -15.60
N ILE C 7 7.21 39.03 -14.28
CA ILE C 7 8.31 38.23 -13.75
C ILE C 7 8.18 36.79 -14.22
N ALA C 8 6.97 36.23 -14.13
CA ALA C 8 6.76 34.85 -14.56
C ALA C 8 7.03 34.68 -16.05
N GLN C 9 6.59 35.65 -16.87
CA GLN C 9 6.80 35.58 -18.30
C GLN C 9 8.29 35.65 -18.64
N ARG C 10 9.04 36.50 -17.94
CA ARG C 10 10.48 36.58 -18.16
C ARG C 10 11.18 35.31 -17.73
N ILE C 11 10.73 34.69 -16.63
CA ILE C 11 11.32 33.44 -16.19
C ILE C 11 11.09 32.34 -17.21
N LEU C 12 9.87 32.26 -17.75
CA LEU C 12 9.54 31.23 -18.73
C LEU C 12 10.27 31.42 -20.06
N ASP C 13 10.82 32.61 -20.31
CA ASP C 13 11.58 32.84 -21.53
C ASP C 13 12.97 32.23 -21.50
N THR C 14 13.48 31.88 -20.32
CA THR C 14 14.80 31.27 -20.20
C THR C 14 14.77 29.76 -20.38
N ASN C 15 13.58 29.17 -20.56
CA ASN C 15 13.43 27.73 -20.74
C ASN C 15 14.00 26.94 -19.57
N SER C 16 13.85 27.49 -18.37
CA SER C 16 14.37 26.85 -17.16
C SER C 16 13.38 25.91 -16.49
N VAL C 17 12.13 25.88 -16.95
CA VAL C 17 11.13 24.95 -16.45
C VAL C 17 10.54 24.20 -17.63
N LEU C 18 10.45 22.88 -17.51
CA LEU C 18 9.87 22.06 -18.57
C LEU C 18 8.88 21.07 -17.98
N LEU C 19 7.90 20.70 -18.78
CA LEU C 19 6.91 19.68 -18.44
C LEU C 19 7.15 18.47 -19.33
N THR C 20 7.24 17.29 -18.72
CA THR C 20 7.62 16.09 -19.44
C THR C 20 6.40 15.25 -19.80
N GLU C 21 6.65 14.22 -20.63
CA GLU C 21 5.56 13.36 -21.10
C GLU C 21 4.91 12.60 -19.94
N ARG C 22 5.65 12.35 -18.87
CA ARG C 22 5.09 11.70 -17.70
C ARG C 22 4.35 12.67 -16.79
N GLY C 23 4.00 13.85 -17.29
CA GLY C 23 3.28 14.85 -16.52
C GLY C 23 4.06 15.38 -15.33
N ASP C 24 5.33 15.69 -15.50
CA ASP C 24 6.20 16.07 -14.40
C ASP C 24 6.98 17.33 -14.74
N HIS C 25 7.37 18.07 -13.71
CA HIS C 25 8.05 19.35 -13.88
C HIS C 25 9.52 19.20 -13.54
N ILE C 26 10.38 19.66 -14.44
CA ILE C 26 11.83 19.66 -14.25
C ILE C 26 12.34 21.08 -14.32
N VAL C 27 13.30 21.41 -13.47
CA VAL C 27 13.84 22.77 -13.36
C VAL C 27 15.35 22.73 -13.51
N TRP C 28 15.90 23.73 -14.19
CA TRP C 28 17.34 23.81 -14.43
C TRP C 28 17.97 24.64 -13.32
N ILE C 29 18.54 23.97 -12.32
CA ILE C 29 19.16 24.62 -11.17
C ILE C 29 20.57 24.05 -11.02
N ASN C 30 21.53 24.93 -10.71
CA ASN C 30 22.91 24.53 -10.39
C ASN C 30 23.51 23.64 -11.48
N ASN C 31 23.27 24.01 -12.74
CA ASN C 31 23.77 23.28 -13.89
C ASN C 31 23.29 21.83 -13.90
N SER C 32 22.03 21.62 -13.50
CA SER C 32 21.45 20.29 -13.50
C SER C 32 19.95 20.37 -13.69
N TRP C 33 19.40 19.42 -14.43
CA TRP C 33 17.94 19.28 -14.60
C TRP C 33 17.43 18.47 -13.41
N LYS C 34 16.88 19.16 -12.41
CA LYS C 34 16.42 18.53 -11.19
C LYS C 34 14.91 18.30 -11.24
N PHE C 35 14.50 17.20 -10.61
CA PHE C 35 13.11 16.77 -10.55
C PHE C 35 12.83 16.16 -9.18
N ASN C 36 11.72 16.57 -8.58
CA ASN C 36 11.26 15.99 -7.32
C ASN C 36 9.82 16.41 -7.07
N SER C 37 8.93 15.45 -6.79
CA SER C 37 7.53 15.74 -6.54
C SER C 37 7.23 16.10 -5.09
N GLU C 38 8.21 15.96 -4.20
CA GLU C 38 8.03 16.32 -2.79
C GLU C 38 8.68 17.65 -2.43
N GLU C 39 9.48 18.22 -3.32
CA GLU C 39 10.16 19.48 -3.06
C GLU C 39 9.53 20.61 -3.86
N PRO C 40 9.55 21.83 -3.34
CA PRO C 40 9.05 23.01 -4.09
C PRO C 40 10.10 23.54 -5.06
N LEU C 41 10.27 22.84 -6.19
CA LEU C 41 11.38 23.13 -7.09
C LEU C 41 11.15 24.39 -7.90
N ILE C 42 9.90 24.68 -8.30
CA ILE C 42 9.65 25.86 -9.10
C ILE C 42 9.92 27.13 -8.28
N THR C 43 9.46 27.16 -7.03
CA THR C 43 9.77 28.28 -6.16
C THR C 43 11.25 28.37 -5.83
N LYS C 44 11.92 27.21 -5.73
CA LYS C 44 13.37 27.21 -5.55
C LYS C 44 14.08 27.87 -6.73
N LEU C 45 13.67 27.55 -7.95
CA LEU C 45 14.22 28.20 -9.13
C LEU C 45 13.90 29.69 -9.14
N ILE C 46 12.67 30.06 -8.75
CA ILE C 46 12.29 31.46 -8.72
C ILE C 46 13.18 32.24 -7.76
N LEU C 47 13.44 31.68 -6.59
CA LEU C 47 14.35 32.34 -5.64
C LEU C 47 15.77 32.40 -6.16
N SER C 48 16.25 31.33 -6.80
CA SER C 48 17.64 31.29 -7.26
C SER C 48 17.90 32.15 -8.49
N ILE C 49 16.89 32.42 -9.30
CA ILE C 49 17.08 33.08 -10.59
C ILE C 49 16.85 34.58 -10.46
N ARG C 50 16.63 35.06 -9.24
CA ARG C 50 16.29 36.47 -9.05
C ARG C 50 17.44 37.41 -9.38
N HIS C 51 18.67 36.92 -9.43
CA HIS C 51 19.81 37.78 -9.73
C HIS C 51 19.91 38.12 -11.21
N GLN C 52 19.23 37.38 -12.07
CA GLN C 52 19.20 37.66 -13.51
C GLN C 52 18.14 38.69 -13.89
N LEU C 53 17.37 39.17 -12.93
CA LEU C 53 16.26 40.08 -13.15
C LEU C 53 16.64 41.50 -12.74
N PRO C 54 15.95 42.51 -13.27
CA PRO C 54 16.22 43.89 -12.85
C PRO C 54 15.93 44.09 -11.37
N LYS C 55 16.53 45.15 -10.82
CA LYS C 55 16.49 45.37 -9.37
C LYS C 55 15.08 45.53 -8.85
N GLU C 56 14.16 46.06 -9.66
CA GLU C 56 12.79 46.23 -9.21
C GLU C 56 12.04 44.90 -9.11
N TYR C 57 12.54 43.85 -9.78
CA TYR C 57 11.91 42.54 -9.72
C TYR C 57 12.54 41.62 -8.70
N SER C 58 13.85 41.73 -8.47
CA SER C 58 14.54 40.84 -7.54
C SER C 58 14.06 41.03 -6.12
N SER C 59 13.84 42.27 -5.70
CA SER C 59 13.35 42.53 -4.35
C SER C 59 11.90 42.10 -4.15
N GLU C 60 11.15 41.93 -5.24
CA GLU C 60 9.77 41.47 -5.15
C GLU C 60 9.67 39.98 -4.85
N LEU C 61 10.73 39.22 -5.11
CA LEU C 61 10.72 37.77 -4.99
C LEU C 61 11.20 37.28 -3.63
N LEU C 62 11.47 38.18 -2.69
CA LEU C 62 11.89 37.77 -1.36
C LEU C 62 10.74 37.35 -0.48
N CYS C 63 9.50 37.55 -0.92
CA CYS C 63 8.32 37.13 -0.17
C CYS C 63 7.89 35.73 -0.59
N PRO C 64 7.76 34.79 0.34
CA PRO C 64 7.31 33.44 -0.04
C PRO C 64 5.91 33.43 -0.64
N ARG C 65 5.03 34.34 -0.21
CA ARG C 65 3.67 34.35 -0.73
C ARG C 65 3.65 34.78 -2.20
N LYS C 66 4.48 35.74 -2.57
CA LYS C 66 4.51 36.25 -3.93
C LYS C 66 5.31 35.39 -4.88
N ARG C 67 6.14 34.48 -4.37
CA ARG C 67 6.76 33.49 -5.23
C ARG C 67 5.77 32.41 -5.64
N LYS C 68 4.77 32.13 -4.80
CA LYS C 68 3.74 31.17 -5.15
C LYS C 68 2.83 31.70 -6.25
N THR C 69 2.57 33.01 -6.26
CA THR C 69 1.80 33.60 -7.35
C THR C 69 2.53 33.44 -8.68
N VAL C 70 3.85 33.69 -8.68
CA VAL C 70 4.65 33.50 -9.88
C VAL C 70 4.67 32.03 -10.29
N GLU C 71 4.73 31.13 -9.30
CA GLU C 71 4.68 29.70 -9.61
C GLU C 71 3.38 29.31 -10.27
N ALA C 72 2.25 29.84 -9.77
CA ALA C 72 0.96 29.55 -10.39
C ALA C 72 0.88 30.11 -11.80
N ASN C 73 1.41 31.33 -11.99
CA ASN C 73 1.43 31.91 -13.33
C ASN C 73 2.25 31.07 -14.30
N ILE C 74 3.40 30.57 -13.84
CA ILE C 74 4.22 29.68 -14.67
C ILE C 74 3.48 28.38 -14.96
N ARG C 75 2.82 27.80 -13.95
CA ARG C 75 2.13 26.54 -14.14
C ARG C 75 0.98 26.66 -15.13
N ASP C 76 0.34 27.82 -15.20
CA ASP C 76 -0.71 28.05 -16.18
C ASP C 76 -0.17 28.29 -17.59
N MET C 77 1.13 28.57 -17.73
CA MET C 77 1.74 28.85 -19.03
C MET C 77 2.28 27.61 -19.73
N LEU C 78 2.50 26.52 -19.01
CA LEU C 78 3.12 25.33 -19.58
C LEU C 78 2.03 24.39 -20.08
N VAL C 79 1.94 24.24 -21.40
CA VAL C 79 0.96 23.37 -22.03
C VAL C 79 1.62 22.20 -22.75
N ASP C 80 2.65 22.46 -23.54
CA ASP C 80 3.33 21.41 -24.29
C ASP C 80 4.23 20.59 -23.38
N SER C 81 4.63 19.43 -23.88
CA SER C 81 5.49 18.50 -23.16
C SER C 81 6.75 18.21 -23.96
N VAL C 82 7.78 17.71 -23.28
CA VAL C 82 9.06 17.42 -23.88
C VAL C 82 9.44 15.97 -23.59
N GLU C 83 10.34 15.44 -24.41
CA GLU C 83 10.68 14.02 -24.36
C GLU C 83 11.66 13.70 -23.23
N THR C 84 12.81 14.38 -23.21
CA THR C 84 13.87 14.21 -22.22
C THR C 84 14.53 12.83 -22.29
N ASP C 85 15.83 12.78 -21.94
CA ASP C 85 16.59 11.53 -21.84
C ASP C 85 16.58 10.76 -23.16
N THR C 86 17.04 11.42 -24.22
CA THR C 86 17.08 10.82 -25.55
C THR C 86 18.48 10.68 -26.11
N TYR C 87 19.51 11.04 -25.34
CA TYR C 87 20.89 10.93 -25.80
C TYR C 87 21.58 9.80 -25.05
N PRO C 88 21.91 8.69 -25.71
CA PRO C 88 22.58 7.58 -25.00
C PRO C 88 24.07 7.77 -24.82
N ASP C 89 24.70 8.71 -25.53
CA ASP C 89 26.14 8.90 -25.51
C ASP C 89 26.57 10.01 -24.56
N LYS C 90 25.70 10.43 -23.66
CA LYS C 90 25.98 11.51 -22.72
C LYS C 90 25.91 10.98 -21.30
N LEU C 91 26.90 11.31 -20.48
CA LEU C 91 26.92 10.90 -19.08
C LEU C 91 26.70 12.13 -18.21
N PRO C 92 25.60 12.21 -17.46
CA PRO C 92 25.32 13.42 -16.69
C PRO C 92 25.89 13.39 -15.28
N PHE C 93 26.37 14.55 -14.85
CA PHE C 93 26.90 14.78 -13.51
C PHE C 93 26.09 15.89 -12.83
N LYS C 94 26.54 16.30 -11.64
CA LYS C 94 25.88 17.39 -10.94
C LYS C 94 26.12 18.73 -11.63
N ASN C 95 27.31 18.95 -12.18
CA ASN C 95 27.70 20.26 -12.70
C ASN C 95 27.89 20.25 -14.21
N GLY C 96 27.40 19.24 -14.91
CA GLY C 96 27.52 19.22 -16.35
C GLY C 96 27.33 17.83 -16.90
N VAL C 97 27.64 17.69 -18.19
CA VAL C 97 27.46 16.46 -18.94
C VAL C 97 28.74 16.15 -19.70
N LEU C 98 29.19 14.90 -19.63
CA LEU C 98 30.38 14.44 -20.33
C LEU C 98 29.99 13.73 -21.61
N ASP C 99 30.68 14.06 -22.70
CA ASP C 99 30.45 13.43 -24.00
C ASP C 99 31.30 12.18 -24.10
N LEU C 100 30.64 11.02 -24.19
CA LEU C 100 31.37 9.75 -24.23
C LEU C 100 32.05 9.51 -25.56
N VAL C 101 31.61 10.15 -26.63
CA VAL C 101 32.22 9.95 -27.94
C VAL C 101 33.34 10.95 -28.18
N ASP C 102 33.32 12.10 -27.49
CA ASP C 102 34.35 13.11 -27.68
C ASP C 102 35.34 13.12 -26.51
N GLY C 103 34.84 12.95 -25.29
CA GLY C 103 35.64 13.11 -24.11
C GLY C 103 35.64 14.51 -23.53
N MET C 104 34.76 15.39 -24.00
CA MET C 104 34.72 16.78 -23.58
C MET C 104 33.59 17.01 -22.60
N PHE C 105 33.89 17.71 -21.51
CA PHE C 105 32.90 18.01 -20.48
C PHE C 105 32.22 19.33 -20.80
N TYR C 106 30.89 19.33 -20.74
CA TYR C 106 30.08 20.51 -21.03
C TYR C 106 29.46 21.03 -19.74
N SER C 107 29.35 22.36 -19.63
CA SER C 107 28.75 22.98 -18.47
C SER C 107 28.02 24.23 -18.91
N GLY C 108 27.07 24.65 -18.10
CA GLY C 108 26.28 25.85 -18.40
C GLY C 108 25.13 25.53 -19.35
N ASP C 109 24.99 26.35 -20.40
CA ASP C 109 23.94 26.15 -21.39
C ASP C 109 24.28 25.05 -22.39
N ASP C 110 25.54 24.62 -22.46
CA ASP C 110 25.89 23.50 -23.32
C ASP C 110 25.30 22.19 -22.81
N ALA C 111 25.32 21.99 -21.49
CA ALA C 111 24.68 20.82 -20.90
C ALA C 111 23.17 20.95 -20.83
N LYS C 112 22.65 22.18 -20.82
CA LYS C 112 21.20 22.38 -20.78
C LYS C 112 20.52 21.84 -22.03
N LYS C 113 21.23 21.83 -23.16
CA LYS C 113 20.65 21.34 -24.40
C LYS C 113 20.29 19.86 -24.30
N TYR C 114 21.11 19.07 -23.63
CA TYR C 114 20.83 17.66 -23.39
C TYR C 114 19.99 17.56 -22.12
N THR C 115 18.73 17.19 -22.27
CA THR C 115 17.79 17.13 -21.15
C THR C 115 17.95 15.79 -20.44
N CYS C 116 18.87 15.75 -19.49
CA CYS C 116 19.13 14.56 -18.68
C CYS C 116 18.55 14.78 -17.29
N THR C 117 17.57 13.96 -16.91
CA THR C 117 16.90 14.08 -15.62
C THR C 117 17.52 13.18 -14.57
N VAL C 118 18.62 12.49 -14.88
CA VAL C 118 19.33 11.65 -13.94
C VAL C 118 20.80 12.09 -13.93
N SER C 119 21.49 11.76 -12.85
CA SER C 119 22.89 12.15 -12.71
C SER C 119 23.59 11.19 -11.77
N THR C 120 24.92 11.23 -11.80
CA THR C 120 25.73 10.43 -10.89
C THR C 120 25.56 10.85 -9.44
N GLY C 121 25.11 12.08 -9.20
CA GLY C 121 24.93 12.57 -7.85
C GLY C 121 26.14 13.25 -7.25
N PHE C 122 27.26 13.30 -7.95
CA PHE C 122 28.46 14.00 -7.49
C PHE C 122 29.02 14.85 -8.62
N LYS C 123 29.97 15.71 -8.26
CA LYS C 123 30.52 16.68 -9.19
C LYS C 123 31.69 16.09 -9.96
N PHE C 124 31.83 16.50 -11.22
CA PHE C 124 32.91 16.02 -12.07
C PHE C 124 34.18 16.84 -11.83
N ASP C 125 35.28 16.14 -11.57
CA ASP C 125 36.58 16.76 -11.34
C ASP C 125 37.48 16.47 -12.54
N ASP C 126 37.96 17.53 -13.18
CA ASP C 126 38.78 17.39 -14.38
C ASP C 126 40.26 17.18 -14.08
N THR C 127 40.69 17.36 -12.84
CA THR C 127 42.08 17.14 -12.45
C THR C 127 42.36 15.70 -12.03
N LYS C 128 41.32 14.88 -11.89
CA LYS C 128 41.48 13.47 -11.59
C LYS C 128 41.17 12.55 -12.76
N PHE C 129 40.36 12.98 -13.70
CA PHE C 129 40.08 12.19 -14.91
C PHE C 129 41.35 12.29 -15.74
N VAL C 130 42.38 11.63 -15.30
CA VAL C 130 43.70 11.69 -15.96
C VAL C 130 44.17 10.25 -16.11
N GLU C 131 44.85 9.98 -17.19
CA GLU C 131 45.40 8.64 -17.39
C GLU C 131 46.65 8.34 -16.57
N ASP C 132 47.24 9.32 -15.91
CA ASP C 132 48.52 9.12 -15.20
C ASP C 132 48.43 9.61 -13.76
N SER C 133 48.14 8.74 -12.85
CA SER C 133 47.93 9.14 -11.46
C SER C 133 48.67 8.16 -10.60
N PRO C 134 48.77 8.33 -9.29
CA PRO C 134 49.32 7.30 -8.47
C PRO C 134 48.23 6.24 -8.25
N GLU C 135 46.94 6.62 -8.34
CA GLU C 135 45.91 5.64 -8.09
C GLU C 135 45.64 4.73 -9.29
N MET C 136 46.00 5.18 -10.50
CA MET C 136 45.72 4.39 -11.71
C MET C 136 46.52 3.09 -11.71
N GLU C 137 47.80 3.15 -11.31
CA GLU C 137 48.58 1.92 -11.25
C GLU C 137 48.00 0.94 -10.23
N GLU C 138 47.55 1.45 -9.08
CA GLU C 138 46.89 0.59 -8.10
C GLU C 138 45.64 -0.05 -8.67
N LEU C 139 44.82 0.73 -9.37
CA LEU C 139 43.57 0.21 -9.92
C LEU C 139 43.83 -0.82 -11.00
N MET C 140 44.81 -0.58 -11.87
CA MET C 140 45.15 -1.57 -12.88
C MET C 140 45.71 -2.84 -12.26
N ASN C 141 46.50 -2.72 -11.19
CA ASN C 141 46.97 -3.91 -10.50
C ASN C 141 45.80 -4.72 -9.93
N ILE C 142 44.85 -4.03 -9.30
CA ILE C 142 43.69 -4.73 -8.72
C ILE C 142 42.88 -5.43 -9.80
N ILE C 143 42.63 -4.73 -10.91
CA ILE C 143 41.79 -5.29 -11.97
C ILE C 143 42.50 -6.44 -12.67
N ASN C 144 43.80 -6.31 -12.92
CA ASN C 144 44.56 -7.40 -13.50
C ASN C 144 44.67 -8.59 -12.56
N ASP C 145 44.63 -8.38 -11.26
CA ASP C 145 44.53 -9.48 -10.31
C ASP C 145 43.18 -10.19 -10.41
N ILE C 146 42.09 -9.41 -10.49
CA ILE C 146 40.76 -10.03 -10.56
C ILE C 146 40.58 -10.77 -11.88
N GLN C 147 40.94 -10.13 -12.99
CA GLN C 147 40.81 -10.73 -14.33
C GLN C 147 42.17 -10.70 -15.02
N PRO C 148 42.91 -11.81 -14.94
CA PRO C 148 44.26 -11.83 -15.51
C PRO C 148 44.26 -11.69 -17.02
N LEU C 149 45.38 -11.17 -17.54
CA LEU C 149 45.58 -10.99 -18.97
C LEU C 149 46.42 -12.15 -19.50
N THR C 150 45.76 -13.29 -19.67
CA THR C 150 46.39 -14.51 -20.17
C THR C 150 45.68 -14.97 -21.43
N ASP C 151 46.35 -15.86 -22.16
CA ASP C 151 45.74 -16.43 -23.37
C ASP C 151 44.55 -17.32 -23.03
N GLU C 152 44.61 -18.06 -21.93
CA GLU C 152 43.48 -18.88 -21.50
C GLU C 152 42.31 -18.04 -21.00
N ASN C 153 42.57 -16.82 -20.55
CA ASN C 153 41.53 -15.89 -20.11
C ASN C 153 41.58 -14.67 -21.03
N LYS C 154 40.93 -14.78 -22.18
CA LYS C 154 40.91 -13.67 -23.12
C LYS C 154 39.49 -13.27 -23.52
N LYS C 155 38.62 -14.23 -23.81
CA LYS C 155 37.22 -13.91 -24.09
C LYS C 155 36.47 -13.52 -22.83
N ASN C 156 36.77 -14.19 -21.70
CA ASN C 156 36.14 -13.85 -20.43
C ASN C 156 36.50 -12.43 -20.01
N ARG C 157 37.78 -12.05 -20.15
CA ARG C 157 38.20 -10.70 -19.79
C ARG C 157 37.55 -9.65 -20.67
N GLU C 158 37.46 -9.92 -21.99
CA GLU C 158 36.83 -8.97 -22.89
C GLU C 158 35.34 -8.83 -22.60
N LEU C 159 34.66 -9.95 -22.30
CA LEU C 159 33.25 -9.88 -21.93
C LEU C 159 33.06 -9.11 -20.62
N TYR C 160 33.98 -9.30 -19.67
CA TYR C 160 33.97 -8.55 -18.43
C TYR C 160 34.07 -7.04 -18.69
N GLU C 161 35.04 -6.65 -19.52
CA GLU C 161 35.22 -5.24 -19.85
C GLU C 161 33.99 -4.68 -20.55
N LYS C 162 33.44 -5.43 -21.51
CA LYS C 162 32.29 -4.97 -22.27
C LYS C 162 31.06 -4.80 -21.38
N THR C 163 30.82 -5.77 -20.48
CA THR C 163 29.70 -5.67 -19.56
C THR C 163 29.86 -4.48 -18.62
N LEU C 164 31.08 -4.26 -18.12
CA LEU C 164 31.30 -3.11 -17.24
C LEU C 164 31.11 -1.80 -17.98
N SER C 165 31.50 -1.73 -19.24
CA SER C 165 31.35 -0.49 -20.01
C SER C 165 29.95 -0.27 -20.56
N SER C 166 29.10 -1.31 -20.57
CA SER C 166 27.71 -1.08 -20.94
C SER C 166 26.99 -0.16 -19.97
N CYS C 167 27.47 -0.06 -18.73
CA CYS C 167 26.81 0.73 -17.71
C CYS C 167 26.84 2.23 -17.98
N LEU C 168 27.64 2.67 -18.95
CA LEU C 168 27.68 4.08 -19.33
C LEU C 168 26.66 4.43 -20.39
N CYS C 169 26.12 3.45 -21.11
CA CYS C 169 25.23 3.69 -22.23
C CYS C 169 23.79 3.83 -21.74
N GLY C 170 23.11 4.87 -22.22
CA GLY C 170 21.70 5.04 -21.93
C GLY C 170 20.81 4.42 -22.99
N ALA C 171 20.78 3.09 -23.05
CA ALA C 171 20.00 2.38 -24.05
C ALA C 171 19.57 1.03 -23.50
N THR C 172 18.58 0.43 -24.15
CA THR C 172 18.10 -0.87 -23.76
C THR C 172 19.06 -1.97 -24.25
N LYS C 173 19.29 -2.95 -23.39
CA LYS C 173 20.23 -4.03 -23.66
C LYS C 173 19.52 -5.37 -23.55
N GLY C 174 19.83 -6.27 -24.46
CA GLY C 174 19.06 -7.50 -24.62
C GLY C 174 19.63 -8.73 -23.96
N CYS C 175 20.55 -8.57 -23.01
CA CYS C 175 21.14 -9.71 -22.31
C CYS C 175 21.20 -9.44 -20.83
N LEU C 176 21.15 -10.52 -20.06
CA LEU C 176 21.40 -10.51 -18.62
C LEU C 176 22.68 -11.27 -18.34
N THR C 177 23.55 -10.69 -17.51
CA THR C 177 24.85 -11.25 -17.23
C THR C 177 24.92 -11.78 -15.80
N PHE C 178 25.57 -12.92 -15.64
CA PHE C 178 25.80 -13.53 -14.34
C PHE C 178 27.29 -13.49 -14.01
N PHE C 179 27.62 -12.93 -12.86
CA PHE C 179 28.98 -13.00 -12.32
C PHE C 179 29.07 -14.27 -11.48
N PHE C 180 29.68 -15.31 -12.02
CA PHE C 180 29.72 -16.61 -11.38
C PHE C 180 31.14 -16.91 -10.90
N GLY C 181 31.24 -17.45 -9.69
CA GLY C 181 32.53 -17.81 -9.15
C GLY C 181 32.39 -18.39 -7.76
N GLU C 182 33.52 -18.80 -7.21
CA GLU C 182 33.57 -19.34 -5.86
C GLU C 182 33.76 -18.19 -4.87
N THR C 183 33.88 -18.50 -3.60
CA THR C 183 34.00 -17.48 -2.57
C THR C 183 35.34 -16.74 -2.67
N ALA C 184 35.31 -15.46 -2.32
CA ALA C 184 36.49 -14.61 -2.26
C ALA C 184 37.22 -14.55 -3.60
N THR C 185 36.46 -14.24 -4.66
CA THR C 185 37.02 -14.15 -6.00
C THR C 185 36.96 -12.75 -6.60
N GLY C 186 36.43 -11.78 -5.87
CA GLY C 186 36.38 -10.41 -6.35
C GLY C 186 35.08 -9.98 -7.00
N LYS C 187 33.99 -10.71 -6.77
CA LYS C 187 32.71 -10.36 -7.39
C LYS C 187 32.10 -9.11 -6.76
N SER C 188 32.25 -8.95 -5.45
CA SER C 188 31.71 -7.76 -4.78
C SER C 188 32.64 -6.57 -4.88
N THR C 189 33.94 -6.79 -5.04
CA THR C 189 34.86 -5.68 -5.25
C THR C 189 34.55 -4.95 -6.56
N THR C 190 34.25 -5.70 -7.62
CA THR C 190 33.88 -5.09 -8.89
C THR C 190 32.59 -4.29 -8.75
N LYS C 191 31.60 -4.84 -8.03
CA LYS C 191 30.35 -4.13 -7.82
C LYS C 191 30.57 -2.82 -7.05
N ARG C 192 31.40 -2.86 -6.01
CA ARG C 192 31.67 -1.66 -5.24
C ARG C 192 32.43 -0.63 -6.06
N LEU C 193 33.37 -1.07 -6.88
CA LEU C 193 34.09 -0.14 -7.76
C LEU C 193 33.14 0.51 -8.75
N LEU C 194 32.23 -0.27 -9.33
CA LEU C 194 31.26 0.30 -10.27
C LEU C 194 30.33 1.29 -9.58
N LYS C 195 29.87 0.96 -8.37
CA LYS C 195 29.01 1.87 -7.63
C LYS C 195 29.73 3.17 -7.30
N SER C 196 31.01 3.08 -6.93
CA SER C 196 31.79 4.30 -6.71
C SER C 196 31.94 5.10 -8.00
N ALA C 197 32.16 4.43 -9.11
CA ALA C 197 32.39 5.13 -10.37
C ALA C 197 31.15 5.88 -10.86
N ILE C 198 30.01 5.21 -10.91
CA ILE C 198 28.82 5.81 -11.53
C ILE C 198 27.82 6.34 -10.53
N GLY C 199 27.95 6.01 -9.25
CA GLY C 199 27.14 6.64 -8.22
C GLY C 199 25.66 6.36 -8.29
N ASP C 200 24.86 7.40 -8.52
CA ASP C 200 23.41 7.31 -8.46
C ASP C 200 22.79 6.67 -9.70
N LEU C 201 23.58 6.42 -10.75
CA LEU C 201 23.09 5.66 -11.90
C LEU C 201 23.13 4.16 -11.65
N PHE C 202 23.49 3.75 -10.44
CA PHE C 202 23.59 2.36 -10.02
C PHE C 202 22.49 2.08 -9.01
N VAL C 203 21.88 0.90 -9.09
CA VAL C 203 20.84 0.52 -8.14
C VAL C 203 20.99 -0.96 -7.79
N GLU C 204 20.72 -1.29 -6.54
CA GLU C 204 20.67 -2.66 -6.05
C GLU C 204 19.22 -3.00 -5.73
N THR C 205 18.77 -4.15 -6.23
CA THR C 205 17.40 -4.60 -6.00
C THR C 205 17.43 -6.04 -5.50
N GLY C 206 16.26 -6.58 -5.20
CA GLY C 206 16.13 -7.91 -4.66
C GLY C 206 15.85 -8.97 -5.73
N GLN C 207 15.89 -10.22 -5.30
CA GLN C 207 15.61 -11.35 -6.18
C GLN C 207 14.14 -11.47 -6.54
N THR C 208 13.26 -10.70 -5.89
CA THR C 208 11.84 -10.78 -6.20
C THR C 208 11.53 -10.35 -7.63
N ILE C 209 12.41 -9.58 -8.26
CA ILE C 209 12.22 -9.21 -9.66
C ILE C 209 12.51 -10.36 -10.61
N LEU C 210 13.06 -11.45 -10.10
CA LEU C 210 13.36 -12.62 -10.91
C LEU C 210 12.40 -13.79 -10.67
N THR C 211 11.97 -14.00 -9.43
CA THR C 211 11.21 -15.20 -9.08
C THR C 211 9.74 -14.93 -8.79
N ASP C 212 9.25 -13.71 -9.03
CA ASP C 212 7.85 -13.37 -8.77
C ASP C 212 7.30 -12.59 -9.95
N VAL C 213 6.00 -12.33 -9.91
CA VAL C 213 5.37 -11.46 -10.91
C VAL C 213 5.81 -10.02 -10.66
N LEU C 214 5.67 -9.19 -11.70
CA LEU C 214 6.17 -7.83 -11.66
C LEU C 214 5.09 -6.76 -11.65
N ASP C 215 3.82 -7.12 -11.93
CA ASP C 215 2.78 -6.12 -12.08
C ASP C 215 1.51 -6.45 -11.29
N LYS C 216 1.62 -7.25 -10.23
CA LYS C 216 0.49 -7.52 -9.34
C LYS C 216 0.61 -6.60 -8.14
N GLY C 217 -0.16 -5.51 -8.15
CA GLY C 217 -0.10 -4.52 -7.10
C GLY C 217 1.14 -3.66 -7.22
N PRO C 218 1.34 -2.76 -6.26
CA PRO C 218 2.56 -1.94 -6.26
C PRO C 218 3.80 -2.79 -6.05
N ASN C 219 4.90 -2.37 -6.69
CA ASN C 219 6.16 -3.11 -6.65
C ASN C 219 7.31 -2.13 -6.81
N PRO C 220 7.75 -1.52 -5.70
CA PRO C 220 8.87 -0.58 -5.79
C PRO C 220 10.17 -1.20 -6.28
N PHE C 221 10.36 -2.50 -6.06
CA PHE C 221 11.60 -3.17 -6.45
C PHE C 221 11.82 -3.15 -7.95
N ILE C 222 10.76 -3.00 -8.74
CA ILE C 222 10.90 -2.94 -10.20
C ILE C 222 10.67 -1.50 -10.66
N ALA C 223 9.93 -0.73 -9.87
CA ALA C 223 9.66 0.65 -10.23
C ALA C 223 10.83 1.58 -9.97
N ASN C 224 11.79 1.18 -9.13
CA ASN C 224 12.96 2.01 -8.86
C ASN C 224 14.05 1.87 -9.90
N MET C 225 13.86 1.02 -10.91
CA MET C 225 14.83 0.83 -11.98
C MET C 225 14.63 1.77 -13.15
N HIS C 226 13.71 2.74 -13.02
CA HIS C 226 13.39 3.63 -14.12
C HIS C 226 14.60 4.53 -14.44
N LEU C 227 15.04 4.48 -15.70
CA LEU C 227 16.14 5.32 -16.21
C LEU C 227 17.46 5.04 -15.50
N LYS C 228 17.57 3.89 -14.84
CA LYS C 228 18.83 3.49 -14.22
C LYS C 228 19.69 2.75 -15.24
N ARG C 229 20.99 3.00 -15.20
CA ARG C 229 21.93 2.42 -16.14
C ARG C 229 22.60 1.15 -15.62
N SER C 230 22.32 0.74 -14.39
CA SER C 230 22.93 -0.46 -13.85
C SER C 230 22.06 -0.99 -12.71
N VAL C 231 21.69 -2.27 -12.80
CA VAL C 231 20.92 -2.95 -11.77
C VAL C 231 21.71 -4.17 -11.32
N PHE C 232 21.85 -4.33 -10.01
CA PHE C 232 22.57 -5.45 -9.43
C PHE C 232 21.66 -6.29 -8.54
N CYS C 233 21.76 -7.61 -8.70
CA CYS C 233 21.16 -8.59 -7.80
C CYS C 233 22.27 -9.48 -7.26
N SER C 234 22.04 -10.07 -6.09
CA SER C 234 23.08 -10.86 -5.47
C SER C 234 22.48 -12.05 -4.74
N GLU C 235 23.33 -13.06 -4.52
CA GLU C 235 23.03 -14.21 -3.68
C GLU C 235 21.81 -14.98 -4.19
N LEU C 236 21.98 -15.58 -5.36
CA LEU C 236 20.99 -16.53 -5.86
C LEU C 236 20.96 -17.75 -4.93
N PRO C 237 19.80 -18.12 -4.38
CA PRO C 237 19.73 -19.14 -3.33
C PRO C 237 19.74 -20.58 -3.82
N ASP C 238 20.64 -20.88 -4.76
CA ASP C 238 20.95 -22.26 -5.15
C ASP C 238 19.68 -23.05 -5.50
N PHE C 239 19.06 -22.64 -6.61
CA PHE C 239 17.80 -23.26 -6.99
C PHE C 239 18.04 -24.63 -7.62
N ALA C 240 18.87 -25.46 -7.00
CA ALA C 240 19.09 -26.82 -7.51
C ALA C 240 18.83 -27.89 -6.46
N CYS C 241 19.42 -27.74 -5.28
CA CYS C 241 19.50 -28.83 -4.31
C CYS C 241 18.39 -28.76 -3.26
N SER C 242 18.35 -27.68 -2.48
CA SER C 242 17.38 -27.57 -1.40
C SER C 242 16.05 -27.08 -1.94
N GLY C 243 15.04 -27.05 -1.08
CA GLY C 243 13.74 -26.53 -1.45
C GLY C 243 13.83 -25.08 -1.88
N SER C 244 13.37 -24.79 -3.10
CA SER C 244 13.60 -23.47 -3.67
C SER C 244 12.60 -23.21 -4.78
N LYS C 245 12.54 -21.96 -5.21
CA LYS C 245 11.69 -21.54 -6.32
C LYS C 245 12.58 -21.29 -7.53
N LYS C 246 12.21 -21.85 -8.67
CA LYS C 246 12.95 -21.63 -9.90
C LYS C 246 12.85 -20.16 -10.30
N ILE C 247 13.72 -19.75 -11.24
CA ILE C 247 13.84 -18.33 -11.55
C ILE C 247 12.55 -17.81 -12.16
N ARG C 248 12.21 -18.31 -13.37
CA ARG C 248 11.08 -17.92 -14.24
C ARG C 248 11.62 -17.46 -15.58
N SER C 249 11.36 -18.25 -16.64
CA SER C 249 11.85 -17.90 -17.96
C SER C 249 11.17 -16.64 -18.50
N ASP C 250 9.89 -16.44 -18.18
CA ASP C 250 9.18 -15.28 -18.71
C ASP C 250 9.62 -13.99 -18.02
N ASN C 251 10.05 -14.06 -16.77
CA ASN C 251 10.54 -12.87 -16.08
C ASN C 251 11.80 -12.32 -16.74
N ILE C 252 12.66 -13.22 -17.23
CA ILE C 252 13.88 -12.78 -17.92
C ILE C 252 13.53 -12.03 -19.20
N LYS C 253 12.55 -12.53 -19.95
CA LYS C 253 12.20 -11.92 -21.23
C LYS C 253 11.57 -10.55 -21.06
N LYS C 254 10.84 -10.32 -19.96
CA LYS C 254 10.27 -9.00 -19.71
C LYS C 254 11.31 -7.98 -19.27
N LEU C 255 12.46 -8.44 -18.76
CA LEU C 255 13.50 -7.54 -18.28
C LEU C 255 14.42 -7.07 -19.40
N THR C 256 14.30 -7.62 -20.60
CA THR C 256 15.09 -7.20 -21.75
C THR C 256 14.30 -6.30 -22.70
N GLU C 257 13.07 -5.94 -22.35
CA GLU C 257 12.26 -5.09 -23.20
C GLU C 257 12.56 -3.61 -22.94
N PRO C 258 12.33 -2.75 -23.93
CA PRO C 258 12.53 -1.31 -23.70
C PRO C 258 11.65 -0.74 -22.61
N CYS C 259 10.48 -1.33 -22.37
CA CYS C 259 9.55 -0.85 -21.36
C CYS C 259 9.22 -1.99 -20.42
N VAL C 260 9.21 -1.69 -19.11
CA VAL C 260 8.90 -2.67 -18.08
C VAL C 260 7.64 -2.21 -17.35
N ILE C 261 6.69 -3.12 -17.18
CA ILE C 261 5.41 -2.80 -16.57
C ILE C 261 5.51 -3.02 -15.07
N GLY C 262 5.12 -2.01 -14.29
CA GLY C 262 5.20 -2.06 -12.85
C GLY C 262 5.05 -0.67 -12.26
N ARG C 263 4.41 -0.57 -11.09
CA ARG C 263 4.13 0.75 -10.55
C ARG C 263 4.59 0.87 -9.11
N PRO C 264 4.93 2.09 -8.67
CA PRO C 264 5.29 2.29 -7.26
C PRO C 264 4.06 2.33 -6.36
N CYS C 265 4.27 2.61 -5.08
CA CYS C 265 3.16 2.80 -4.15
C CYS C 265 2.54 4.17 -4.38
N PHE C 266 1.20 4.22 -4.31
CA PHE C 266 0.46 5.48 -4.44
C PHE C 266 0.70 6.14 -5.80
N SER C 267 0.90 5.33 -6.84
CA SER C 267 1.27 5.84 -8.15
C SER C 267 0.41 5.19 -9.22
N ASN C 268 0.09 5.97 -10.26
CA ASN C 268 -0.68 5.52 -11.41
C ASN C 268 0.20 5.23 -12.62
N LYS C 269 1.52 5.42 -12.52
CA LYS C 269 2.42 5.23 -13.64
C LYS C 269 2.88 3.77 -13.67
N ILE C 270 2.60 3.09 -14.78
CA ILE C 270 2.83 1.65 -14.88
C ILE C 270 3.92 1.30 -15.88
N ASN C 271 4.58 2.28 -16.49
CA ASN C 271 5.61 2.04 -17.49
C ASN C 271 6.93 2.62 -17.02
N ASN C 272 8.00 1.83 -17.14
CA ASN C 272 9.34 2.25 -16.76
C ASN C 272 10.26 2.04 -17.95
N ARG C 273 11.08 3.04 -18.26
CA ARG C 273 12.01 2.93 -19.38
C ARG C 273 13.27 2.20 -18.94
N ASN C 274 13.67 1.19 -19.70
CA ASN C 274 14.77 0.29 -19.33
C ASN C 274 16.05 0.73 -20.03
N HIS C 275 17.01 1.24 -19.26
CA HIS C 275 18.33 1.58 -19.76
C HIS C 275 19.42 0.84 -19.00
N ALA C 276 19.09 -0.27 -18.34
CA ALA C 276 19.94 -0.86 -17.32
C ALA C 276 20.68 -2.08 -17.82
N THR C 277 21.93 -2.23 -17.37
CA THR C 277 22.65 -3.49 -17.45
C THR C 277 22.39 -4.26 -16.16
N ILE C 278 21.81 -5.45 -16.29
CA ILE C 278 21.40 -6.24 -15.13
C ILE C 278 22.46 -7.31 -14.89
N ILE C 279 23.05 -7.29 -13.71
CA ILE C 279 24.11 -8.22 -13.34
C ILE C 279 23.72 -8.92 -12.03
N ILE C 280 23.92 -10.22 -11.98
CA ILE C 280 23.59 -11.04 -10.82
C ILE C 280 24.85 -11.71 -10.32
N ASP C 281 25.18 -11.49 -9.05
CA ASP C 281 26.29 -12.17 -8.40
C ASP C 281 25.82 -13.52 -7.89
N THR C 282 26.53 -14.59 -8.27
CA THR C 282 26.11 -15.94 -7.94
C THR C 282 27.31 -16.78 -7.51
N ASN C 283 27.04 -17.74 -6.62
CA ASN C 283 27.97 -18.82 -6.33
C ASN C 283 27.58 -20.12 -7.01
N TYR C 284 26.38 -20.19 -7.58
CA TYR C 284 25.89 -21.35 -8.30
C TYR C 284 25.31 -20.90 -9.64
N LYS C 285 25.36 -21.78 -10.62
CA LYS C 285 24.79 -21.47 -11.92
C LYS C 285 23.26 -21.39 -11.82
N PRO C 286 22.63 -20.48 -12.54
CA PRO C 286 21.18 -20.32 -12.42
C PRO C 286 20.42 -21.51 -12.96
N VAL C 287 19.24 -21.76 -12.38
CA VAL C 287 18.34 -22.82 -12.79
C VAL C 287 16.98 -22.21 -13.09
N PHE C 288 16.42 -22.56 -14.25
CA PHE C 288 15.19 -21.97 -14.73
C PHE C 288 14.08 -23.00 -14.77
N ASP C 289 12.83 -22.54 -14.61
CA ASP C 289 11.68 -23.44 -14.63
C ASP C 289 11.47 -24.04 -16.02
N ARG C 290 11.74 -23.28 -17.08
CA ARG C 290 11.62 -23.77 -18.44
C ARG C 290 12.80 -23.28 -19.26
N ILE C 291 13.32 -24.14 -20.12
CA ILE C 291 14.44 -23.82 -21.00
C ILE C 291 13.90 -23.69 -22.43
N ASP C 292 14.26 -22.60 -23.09
CA ASP C 292 13.75 -22.31 -24.43
C ASP C 292 14.83 -21.58 -25.22
N ASN C 293 14.68 -21.61 -26.55
CA ASN C 293 15.62 -20.89 -27.41
C ASN C 293 15.55 -19.39 -27.18
N ALA C 294 14.38 -18.88 -26.79
CA ALA C 294 14.28 -17.45 -26.48
C ALA C 294 15.04 -17.10 -25.21
N LEU C 295 15.11 -18.03 -24.26
CA LEU C 295 15.87 -17.79 -23.03
C LEU C 295 17.37 -17.90 -23.25
N MET C 296 17.80 -18.81 -24.14
CA MET C 296 19.22 -18.96 -24.41
C MET C 296 19.84 -17.72 -25.03
N ARG C 297 19.04 -16.89 -25.70
CA ARG C 297 19.56 -15.71 -26.39
C ARG C 297 19.74 -14.51 -25.47
N ARG C 298 19.39 -14.63 -24.19
CA ARG C 298 19.41 -13.50 -23.27
C ARG C 298 20.31 -13.71 -22.06
N ILE C 299 21.17 -14.74 -22.07
CA ILE C 299 21.95 -15.11 -20.90
C ILE C 299 23.43 -15.08 -21.26
N ALA C 300 24.22 -14.38 -20.45
CA ALA C 300 25.67 -14.35 -20.57
C ALA C 300 26.29 -14.58 -19.21
N VAL C 301 27.46 -15.22 -19.20
CA VAL C 301 28.14 -15.60 -17.97
C VAL C 301 29.58 -15.13 -18.01
N VAL C 302 30.03 -14.51 -16.92
CA VAL C 302 31.44 -14.16 -16.72
C VAL C 302 31.91 -14.88 -15.46
N ARG C 303 33.06 -15.55 -15.55
CA ARG C 303 33.56 -16.40 -14.48
C ARG C 303 34.71 -15.74 -13.75
N PHE C 304 34.76 -15.94 -12.43
CA PHE C 304 35.82 -15.44 -11.57
C PHE C 304 36.56 -16.63 -11.00
N ARG C 305 37.88 -16.68 -11.19
CA ARG C 305 38.65 -17.86 -10.81
C ARG C 305 39.97 -17.51 -10.12
N THR C 306 40.01 -16.40 -9.41
CA THR C 306 41.20 -15.99 -8.65
C THR C 306 40.83 -15.86 -7.18
N HIS C 307 41.57 -16.53 -6.31
CA HIS C 307 41.26 -16.58 -4.89
C HIS C 307 42.15 -15.61 -4.12
N PHE C 308 41.53 -14.81 -3.25
CA PHE C 308 42.24 -13.91 -2.35
C PHE C 308 42.05 -14.46 -0.94
N SER C 309 43.13 -14.93 -0.32
CA SER C 309 43.04 -15.64 0.95
C SER C 309 44.14 -15.18 1.89
N GLN C 310 43.89 -15.40 3.18
CA GLN C 310 44.90 -15.19 4.19
C GLN C 310 45.98 -16.27 4.08
N PRO C 311 47.18 -16.01 4.60
CA PRO C 311 48.25 -17.02 4.50
C PRO C 311 47.87 -18.36 5.11
N SER C 312 47.13 -18.38 6.21
CA SER C 312 46.76 -19.64 6.84
C SER C 312 45.95 -20.52 5.90
N GLY C 313 45.07 -19.91 5.11
CA GLY C 313 44.29 -20.62 4.11
C GLY C 313 44.96 -20.72 2.77
N ARG C 314 46.23 -20.33 2.66
CA ARG C 314 46.92 -20.38 1.37
C ARG C 314 47.05 -21.81 0.85
N GLU C 315 47.35 -22.76 1.75
CA GLU C 315 47.61 -24.12 1.32
C GLU C 315 46.34 -24.80 0.79
N ALA C 316 45.20 -24.57 1.45
CA ALA C 316 43.97 -25.25 1.05
C ALA C 316 43.47 -24.77 -0.30
N ALA C 317 43.77 -23.51 -0.66
CA ALA C 317 43.29 -22.98 -1.94
C ALA C 317 44.06 -23.58 -3.12
N GLU C 318 45.29 -24.05 -2.88
CA GLU C 318 46.10 -24.62 -3.95
C GLU C 318 45.57 -25.95 -4.44
N ASN C 319 44.67 -26.60 -3.70
CA ASN C 319 44.12 -27.88 -4.10
C ASN C 319 42.72 -27.78 -4.68
N ASN C 320 42.06 -26.64 -4.56
CA ASN C 320 40.72 -26.47 -5.11
C ASN C 320 40.79 -26.17 -6.60
N ASP C 321 40.01 -26.90 -7.39
CA ASP C 321 39.97 -26.73 -8.83
C ASP C 321 39.08 -25.57 -9.28
N ALA C 322 38.35 -24.94 -8.35
CA ALA C 322 37.56 -23.77 -8.69
C ALA C 322 38.40 -22.53 -8.89
N TYR C 323 39.70 -22.59 -8.57
CA TYR C 323 40.59 -21.43 -8.65
C TYR C 323 41.73 -21.71 -9.61
N ASP C 324 42.12 -20.68 -10.35
CA ASP C 324 43.29 -20.76 -11.23
C ASP C 324 44.49 -20.00 -10.70
N LYS C 325 44.31 -19.12 -9.71
CA LYS C 325 45.40 -18.35 -9.14
C LYS C 325 45.02 -17.95 -7.72
N VAL C 326 46.00 -17.99 -6.82
CA VAL C 326 45.81 -17.63 -5.42
C VAL C 326 46.69 -16.43 -5.12
N LYS C 327 46.10 -15.40 -4.51
CA LYS C 327 46.80 -14.17 -4.19
C LYS C 327 46.52 -13.77 -2.74
N LEU C 328 47.46 -13.01 -2.18
CA LEU C 328 47.32 -12.57 -0.80
C LEU C 328 46.21 -11.53 -0.67
N LEU C 329 45.38 -11.68 0.36
CA LEU C 329 44.28 -10.77 0.60
C LEU C 329 44.80 -9.45 1.18
N ASP C 330 44.16 -8.35 0.78
CA ASP C 330 44.47 -7.02 1.29
C ASP C 330 43.26 -6.50 2.06
N GLU C 331 43.49 -6.11 3.32
CA GLU C 331 42.40 -5.69 4.19
C GLU C 331 42.14 -4.19 4.14
N GLY C 332 42.99 -3.41 3.47
CA GLY C 332 42.76 -1.98 3.35
C GLY C 332 42.01 -1.62 2.09
N LEU C 333 41.89 -2.58 1.17
CA LEU C 333 41.23 -2.33 -0.11
C LEU C 333 39.77 -1.98 0.09
N ASP C 334 39.08 -2.71 0.97
CA ASP C 334 37.65 -2.49 1.18
C ASP C 334 37.36 -1.09 1.70
N GLY C 335 38.16 -0.62 2.66
CA GLY C 335 37.98 0.72 3.18
C GLY C 335 38.37 1.81 2.21
N LYS C 336 39.39 1.56 1.38
CA LYS C 336 39.80 2.55 0.40
C LYS C 336 38.77 2.70 -0.72
N ILE C 337 38.13 1.60 -1.13
CA ILE C 337 37.06 1.71 -2.12
C ILE C 337 35.89 2.50 -1.56
N GLN C 338 35.54 2.27 -0.29
CA GLN C 338 34.43 2.97 0.33
C GLN C 338 34.65 4.48 0.35
N ASN C 339 35.91 4.92 0.41
CA ASN C 339 36.25 6.34 0.44
C ASN C 339 36.35 6.95 -0.95
N ASN C 340 35.87 6.26 -1.99
CA ASN C 340 35.86 6.78 -3.35
C ASN C 340 37.25 7.18 -3.83
N ARG C 341 38.25 6.34 -3.52
CA ARG C 341 39.61 6.63 -3.93
C ARG C 341 39.82 6.39 -5.42
N TYR C 342 39.21 5.35 -5.98
CA TYR C 342 39.37 4.99 -7.38
C TYR C 342 38.16 5.38 -8.21
N ARG C 343 37.47 6.45 -7.83
CA ARG C 343 36.27 6.88 -8.54
C ARG C 343 36.60 7.29 -9.97
N PHE C 344 37.41 8.34 -10.13
CA PHE C 344 37.71 8.87 -11.45
C PHE C 344 38.67 8.01 -12.26
N ALA C 345 39.56 7.27 -11.61
CA ALA C 345 40.41 6.32 -12.34
C ALA C 345 39.56 5.22 -12.97
N PHE C 346 38.63 4.65 -12.21
CA PHE C 346 37.75 3.63 -12.77
C PHE C 346 36.82 4.23 -13.82
N LEU C 347 36.39 5.48 -13.64
CA LEU C 347 35.59 6.14 -14.67
C LEU C 347 36.39 6.29 -15.97
N TYR C 348 37.66 6.68 -15.86
CA TYR C 348 38.52 6.78 -17.04
C TYR C 348 38.69 5.43 -17.72
N LEU C 349 38.88 4.37 -16.92
CA LEU C 349 38.98 3.03 -17.50
C LEU C 349 37.69 2.63 -18.22
N LEU C 350 36.54 2.93 -17.62
CA LEU C 350 35.27 2.61 -18.26
C LEU C 350 35.09 3.35 -19.57
N VAL C 351 35.46 4.63 -19.61
CA VAL C 351 35.35 5.39 -20.85
C VAL C 351 36.31 4.86 -21.91
N LYS C 352 37.52 4.49 -21.49
CA LYS C 352 38.51 3.95 -22.43
C LYS C 352 38.03 2.64 -23.03
N TRP C 353 37.41 1.78 -22.23
CA TRP C 353 36.82 0.56 -22.77
C TRP C 353 35.59 0.85 -23.62
N TYR C 354 34.83 1.87 -23.26
CA TYR C 354 33.66 2.26 -24.06
C TYR C 354 34.08 2.64 -25.48
N LYS C 355 35.15 3.42 -25.60
CA LYS C 355 35.67 3.74 -26.93
C LYS C 355 36.13 2.50 -27.66
N LYS C 356 36.64 1.51 -26.93
CA LYS C 356 37.15 0.30 -27.58
C LYS C 356 36.03 -0.57 -28.12
N TYR C 357 34.97 -0.77 -27.33
CA TYR C 357 33.91 -1.70 -27.70
C TYR C 357 32.77 -1.04 -28.45
N HIS C 358 32.75 0.20 -28.84
CA HIS C 358 31.74 0.80 -29.75
C HIS C 358 32.38 0.80 -31.14
N ILE C 359 32.40 -0.34 -31.82
CA ILE C 359 32.93 -0.54 -33.18
C ILE C 359 31.82 -0.18 -34.17
N PRO C 360 31.26 1.06 -34.10
CA PRO C 360 30.12 1.55 -34.84
C PRO C 360 29.09 1.35 -33.73
N ILE C 361 28.62 0.12 -33.52
CA ILE C 361 27.51 -0.17 -32.58
C ILE C 361 28.02 -1.11 -31.49
N MET C 362 27.25 -1.17 -30.41
CA MET C 362 27.65 -2.07 -29.33
C MET C 362 26.50 -3.01 -29.02
N LYS C 363 26.77 -4.31 -29.06
CA LYS C 363 25.73 -5.32 -28.88
C LYS C 363 26.21 -6.39 -27.92
N LEU C 364 25.41 -6.70 -26.91
CA LEU C 364 25.73 -7.76 -25.97
C LEU C 364 25.32 -9.11 -26.55
N TYR C 365 26.19 -10.11 -26.36
CA TYR C 365 25.97 -11.41 -26.96
C TYR C 365 25.88 -12.50 -25.90
N PRO C 366 25.07 -13.53 -26.11
CA PRO C 366 24.93 -14.59 -25.12
C PRO C 366 26.07 -15.59 -25.19
N THR C 367 26.20 -16.35 -24.10
CA THR C 367 27.19 -17.44 -23.99
C THR C 367 26.44 -18.70 -23.56
N PRO C 368 25.71 -19.33 -24.48
CA PRO C 368 24.90 -20.50 -24.10
C PRO C 368 25.72 -21.70 -23.65
N GLU C 369 26.99 -21.78 -24.02
CA GLU C 369 27.78 -22.98 -23.73
C GLU C 369 28.15 -23.10 -22.25
N GLU C 370 28.05 -22.02 -21.48
CA GLU C 370 28.47 -22.01 -20.09
C GLU C 370 27.29 -22.20 -19.12
N ILE C 371 26.21 -22.83 -19.57
CA ILE C 371 25.05 -23.13 -18.75
C ILE C 371 24.82 -24.63 -18.79
N PRO C 372 24.86 -25.33 -17.65
CA PRO C 372 24.57 -26.78 -17.67
C PRO C 372 23.19 -27.10 -18.21
N ASP C 373 22.20 -26.26 -17.95
CA ASP C 373 20.86 -26.47 -18.47
C ASP C 373 20.83 -26.25 -19.98
N ASN D 2 11.99 40.71 3.21
CA ASN D 2 13.18 41.49 3.55
C ASN D 2 13.70 41.13 4.94
N LYS D 3 13.00 41.60 5.97
CA LYS D 3 13.42 41.33 7.34
C LYS D 3 13.39 39.85 7.66
N LEU D 4 12.28 39.18 7.33
CA LEU D 4 12.20 37.74 7.51
C LEU D 4 13.15 36.99 6.62
N PHE D 5 13.39 37.48 5.39
CA PHE D 5 14.40 36.88 4.54
C PHE D 5 15.79 37.05 5.13
N ASN D 6 16.07 38.21 5.74
CA ASN D 6 17.35 38.39 6.43
C ASN D 6 17.49 37.41 7.58
N ILE D 7 16.42 37.20 8.35
CA ILE D 7 16.47 36.23 9.45
C ILE D 7 16.75 34.83 8.91
N ALA D 8 16.07 34.46 7.84
CA ALA D 8 16.27 33.13 7.25
C ALA D 8 17.68 32.97 6.72
N GLN D 9 18.23 34.01 6.10
CA GLN D 9 19.59 33.95 5.59
C GLN D 9 20.60 33.83 6.72
N ARG D 10 20.39 34.55 7.82
CA ARG D 10 21.27 34.43 8.98
C ARG D 10 21.21 33.03 9.58
N ILE D 11 20.01 32.44 9.63
CA ILE D 11 19.87 31.08 10.16
C ILE D 11 20.57 30.09 9.23
N LEU D 12 20.49 30.32 7.92
CA LEU D 12 21.11 29.41 6.97
C LEU D 12 22.63 29.42 7.07
N ASP D 13 23.21 30.57 7.45
CA ASP D 13 24.67 30.68 7.50
C ASP D 13 25.26 29.82 8.60
N THR D 14 24.48 29.46 9.62
CA THR D 14 24.97 28.63 10.71
C THR D 14 25.03 27.15 10.36
N ASN D 15 24.50 26.76 9.19
CA ASN D 15 24.52 25.37 8.74
C ASN D 15 23.81 24.45 9.74
N SER D 16 22.70 24.94 10.30
CA SER D 16 21.93 24.18 11.28
C SER D 16 20.78 23.38 10.65
N VAL D 17 20.52 23.56 9.36
CA VAL D 17 19.53 22.77 8.64
C VAL D 17 20.22 22.15 7.43
N LEU D 18 20.05 20.84 7.25
CA LEU D 18 20.65 20.14 6.13
C LEU D 18 19.62 19.24 5.46
N LEU D 19 19.77 19.10 4.15
CA LEU D 19 18.97 18.18 3.34
C LEU D 19 19.82 16.96 3.04
N THR D 20 19.31 15.78 3.39
CA THR D 20 20.05 14.55 3.17
C THR D 20 19.63 13.89 1.86
N GLU D 21 20.43 12.94 1.42
CA GLU D 21 20.09 12.17 0.21
C GLU D 21 19.15 11.02 0.54
N ARG D 22 18.10 11.35 1.28
CA ARG D 22 16.99 10.43 1.54
C ARG D 22 15.66 11.16 1.56
N GLY D 23 15.64 12.48 1.35
CA GLY D 23 14.43 13.27 1.45
C GLY D 23 14.19 13.91 2.80
N ASP D 24 15.10 13.75 3.75
CA ASP D 24 14.89 14.21 5.11
C ASP D 24 15.56 15.57 5.33
N HIS D 25 14.98 16.35 6.23
CA HIS D 25 15.56 17.60 6.71
C HIS D 25 16.02 17.39 8.15
N ILE D 26 17.30 17.60 8.39
CA ILE D 26 17.89 17.39 9.71
C ILE D 26 18.27 18.74 10.30
N VAL D 27 17.98 18.92 11.59
CA VAL D 27 18.25 20.16 12.30
C VAL D 27 19.15 19.87 13.48
N TRP D 28 19.79 20.92 13.99
CA TRP D 28 20.79 20.82 15.06
C TRP D 28 20.22 21.50 16.30
N ILE D 29 19.52 20.72 17.12
CA ILE D 29 18.91 21.20 18.36
C ILE D 29 19.50 20.42 19.53
N ASN D 30 19.95 21.15 20.55
CA ASN D 30 20.48 20.57 21.78
C ASN D 30 21.67 19.63 21.49
N ASN D 31 22.59 20.12 20.67
CA ASN D 31 23.85 19.43 20.38
C ASN D 31 23.61 18.04 19.80
N SER D 32 22.63 17.94 18.90
CA SER D 32 22.33 16.65 18.28
C SER D 32 21.61 16.89 16.96
N TRP D 33 21.94 16.08 15.96
CA TRP D 33 21.22 16.07 14.69
C TRP D 33 19.99 15.18 14.83
N LYS D 34 18.83 15.74 14.50
CA LYS D 34 17.58 15.00 14.63
C LYS D 34 16.65 15.36 13.48
N PHE D 35 15.77 14.42 13.14
CA PHE D 35 14.80 14.58 12.07
C PHE D 35 13.54 13.81 12.41
N ASN D 36 12.44 14.22 11.79
CA ASN D 36 11.16 13.52 11.95
C ASN D 36 10.37 13.69 10.66
N SER D 37 9.94 12.56 10.08
CA SER D 37 9.24 12.60 8.80
C SER D 37 7.87 13.26 8.91
N GLU D 38 7.14 12.99 9.99
CA GLU D 38 5.79 13.53 10.16
C GLU D 38 5.73 14.73 11.09
N GLU D 39 6.84 15.10 11.71
CA GLU D 39 6.93 16.28 12.59
C GLU D 39 8.13 17.10 12.17
N PRO D 40 7.99 17.94 11.14
CA PRO D 40 9.11 18.80 10.73
C PRO D 40 9.59 19.67 11.88
N LEU D 41 10.91 19.77 12.02
CA LEU D 41 11.53 20.40 13.18
C LEU D 41 12.19 21.74 12.85
N ILE D 42 11.89 22.31 11.68
CA ILE D 42 12.54 23.57 11.30
C ILE D 42 12.05 24.72 12.16
N THR D 43 10.74 24.79 12.42
CA THR D 43 10.21 25.87 13.25
C THR D 43 10.69 25.76 14.69
N LYS D 44 10.89 24.54 15.18
CA LYS D 44 11.46 24.36 16.51
C LYS D 44 12.87 24.91 16.59
N LEU D 45 13.68 24.67 15.56
CA LEU D 45 15.01 25.26 15.49
C LEU D 45 14.94 26.78 15.41
N ILE D 46 14.00 27.30 14.62
CA ILE D 46 13.84 28.75 14.51
C ILE D 46 13.53 29.37 15.87
N LEU D 47 12.64 28.73 16.62
CA LEU D 47 12.33 29.22 17.96
C LEU D 47 13.52 29.10 18.91
N SER D 48 14.26 28.00 18.81
CA SER D 48 15.36 27.76 19.75
C SER D 48 16.58 28.62 19.47
N ILE D 49 16.76 29.08 18.24
CA ILE D 49 17.99 29.76 17.84
C ILE D 49 17.83 31.27 17.91
N ARG D 50 16.69 31.72 18.43
CA ARG D 50 16.36 33.15 18.43
C ARG D 50 17.25 33.96 19.38
N HIS D 51 18.04 33.33 20.23
CA HIS D 51 18.90 34.05 21.17
C HIS D 51 20.27 34.38 20.60
N GLN D 52 20.58 33.90 19.40
CA GLN D 52 21.83 34.24 18.72
C GLN D 52 21.63 35.32 17.67
N LEU D 53 20.54 36.07 17.75
CA LEU D 53 20.16 37.08 16.78
C LEU D 53 20.00 38.41 17.49
N PRO D 54 20.07 39.52 16.75
CA PRO D 54 19.80 40.84 17.37
C PRO D 54 18.42 40.89 17.97
N LYS D 55 18.28 41.68 19.04
CA LYS D 55 17.04 41.73 19.82
C LYS D 55 15.85 42.19 19.01
N GLU D 56 16.05 42.92 17.91
CA GLU D 56 14.95 43.29 17.03
C GLU D 56 14.50 42.14 16.14
N TYR D 57 15.40 41.21 15.84
CA TYR D 57 15.04 40.03 15.04
C TYR D 57 14.46 38.90 15.87
N SER D 58 14.61 38.95 17.20
CA SER D 58 14.16 37.86 18.04
C SER D 58 12.68 37.95 18.39
N SER D 59 12.16 39.17 18.56
CA SER D 59 10.74 39.33 18.88
C SER D 59 9.85 38.82 17.75
N GLU D 60 10.22 39.11 16.49
CA GLU D 60 9.42 38.67 15.35
C GLU D 60 9.29 37.15 15.30
N LEU D 61 10.20 36.41 15.93
CA LEU D 61 10.15 34.96 15.93
C LEU D 61 9.24 34.40 17.00
N LEU D 62 8.60 35.26 17.81
CA LEU D 62 7.62 34.78 18.77
C LEU D 62 6.27 34.51 18.14
N CYS D 63 6.04 34.97 16.92
CA CYS D 63 4.78 34.74 16.23
C CYS D 63 4.85 33.41 15.48
N PRO D 64 3.93 32.47 15.72
CA PRO D 64 3.95 31.21 14.97
C PRO D 64 3.79 31.38 13.48
N ARG D 65 3.09 32.43 13.03
CA ARG D 65 2.88 32.65 11.61
C ARG D 65 4.14 33.14 10.91
N LYS D 66 4.94 33.97 11.59
CA LYS D 66 6.18 34.44 10.99
C LYS D 66 7.25 33.35 10.97
N ARG D 67 7.23 32.45 11.94
CA ARG D 67 8.15 31.32 11.93
C ARG D 67 7.90 30.43 10.72
N LYS D 68 6.63 30.28 10.33
CA LYS D 68 6.31 29.52 9.12
C LYS D 68 6.85 30.22 7.88
N THR D 69 6.79 31.55 7.83
CA THR D 69 7.35 32.29 6.71
C THR D 69 8.87 32.10 6.64
N VAL D 70 9.55 32.17 7.79
CA VAL D 70 10.99 31.94 7.81
C VAL D 70 11.31 30.52 7.35
N GLU D 71 10.51 29.54 7.78
CA GLU D 71 10.70 28.17 7.35
C GLU D 71 10.51 28.03 5.84
N ALA D 72 9.50 28.69 5.28
CA ALA D 72 9.28 28.64 3.84
C ALA D 72 10.45 29.25 3.08
N ASN D 73 11.01 30.34 3.61
CA ASN D 73 12.20 30.92 2.99
C ASN D 73 13.39 29.97 3.08
N ILE D 74 13.54 29.29 4.22
CA ILE D 74 14.67 28.39 4.41
C ILE D 74 14.58 27.19 3.47
N ARG D 75 13.39 26.63 3.30
CA ARG D 75 13.22 25.47 2.43
C ARG D 75 13.57 25.76 0.98
N ASP D 76 13.37 27.01 0.53
CA ASP D 76 13.72 27.37 -0.84
C ASP D 76 15.20 27.61 -1.02
N MET D 77 15.96 27.76 0.06
CA MET D 77 17.40 27.98 -0.04
C MET D 77 18.18 26.67 -0.14
N LEU D 78 17.60 25.56 0.29
CA LEU D 78 18.29 24.26 0.31
C LEU D 78 18.06 23.58 -1.04
N VAL D 79 19.13 23.43 -1.81
CA VAL D 79 19.07 22.79 -3.12
C VAL D 79 19.92 21.52 -3.16
N ASP D 80 21.10 21.54 -2.56
CA ASP D 80 22.03 20.43 -2.61
C ASP D 80 21.89 19.55 -1.37
N SER D 81 22.20 18.27 -1.54
CA SER D 81 22.14 17.29 -0.47
C SER D 81 23.53 17.01 0.09
N VAL D 82 23.55 16.42 1.29
CA VAL D 82 24.78 16.05 1.96
C VAL D 82 24.68 14.60 2.40
N GLU D 83 25.84 13.97 2.58
CA GLU D 83 25.93 12.59 3.04
C GLU D 83 26.17 12.57 4.54
N THR D 84 25.46 11.68 5.23
CA THR D 84 25.51 11.59 6.68
C THR D 84 26.08 10.24 7.10
N ASP D 85 26.60 10.20 8.33
CA ASP D 85 27.10 8.97 8.95
C ASP D 85 28.23 8.35 8.12
N THR D 86 29.29 9.12 7.93
CA THR D 86 30.46 8.68 7.18
C THR D 86 31.69 8.47 8.06
N TYR D 87 31.57 8.65 9.37
CA TYR D 87 32.70 8.45 10.27
C TYR D 87 32.45 7.22 11.13
N PRO D 88 33.20 6.13 10.94
CA PRO D 88 32.96 4.91 11.72
C PRO D 88 33.52 4.94 13.13
N ASP D 89 34.46 5.84 13.43
CA ASP D 89 35.13 5.86 14.72
C ASP D 89 34.57 6.93 15.65
N LYS D 90 33.35 7.38 15.42
CA LYS D 90 32.69 8.38 16.24
C LYS D 90 31.43 7.77 16.86
N LEU D 91 31.32 7.87 18.18
CA LEU D 91 30.15 7.34 18.88
C LEU D 91 29.23 8.50 19.25
N PRO D 92 28.06 8.61 18.63
CA PRO D 92 27.20 9.76 18.91
C PRO D 92 26.32 9.58 20.14
N PHE D 93 26.28 10.60 20.98
CA PHE D 93 25.40 10.64 22.15
C PHE D 93 24.33 11.70 21.94
N LYS D 94 23.50 11.90 22.97
CA LYS D 94 22.44 12.89 22.90
C LYS D 94 22.96 14.31 23.00
N ASN D 95 24.11 14.52 23.63
CA ASN D 95 24.66 15.85 23.85
C ASN D 95 26.05 16.03 23.26
N GLY D 96 26.49 15.12 22.39
CA GLY D 96 27.80 15.26 21.79
C GLY D 96 28.27 13.95 21.18
N VAL D 97 29.53 13.96 20.77
CA VAL D 97 30.15 12.82 20.07
C VAL D 97 31.43 12.44 20.80
N LEU D 98 31.62 11.16 21.03
CA LEU D 98 32.84 10.63 21.61
C LEU D 98 33.77 10.12 20.51
N ASP D 99 35.04 10.48 20.59
CA ASP D 99 36.03 10.02 19.62
C ASP D 99 36.68 8.75 20.15
N LEU D 100 36.39 7.62 19.51
CA LEU D 100 36.91 6.34 19.99
C LEU D 100 38.41 6.20 19.74
N VAL D 101 38.96 6.89 18.76
CA VAL D 101 40.39 6.79 18.49
C VAL D 101 41.19 7.39 19.63
N ASP D 102 40.79 8.57 20.12
CA ASP D 102 41.53 9.30 21.13
C ASP D 102 40.86 9.20 22.49
N GLY D 103 39.58 9.56 22.60
CA GLY D 103 38.87 9.50 23.85
C GLY D 103 38.25 10.82 24.31
N MET D 104 38.41 11.89 23.55
CA MET D 104 37.83 13.17 23.92
C MET D 104 36.34 13.20 23.57
N PHE D 105 35.61 14.08 24.25
CA PHE D 105 34.19 14.26 24.02
C PHE D 105 33.94 15.66 23.48
N TYR D 106 33.28 15.73 22.33
CA TYR D 106 32.97 17.00 21.67
C TYR D 106 31.51 17.33 21.92
N SER D 107 31.26 18.52 22.46
CA SER D 107 29.93 18.93 22.91
C SER D 107 29.59 20.33 22.41
N GLY D 108 29.76 20.56 21.10
CA GLY D 108 29.44 21.84 20.52
C GLY D 108 29.53 21.84 19.01
N ASP D 109 30.10 22.90 18.44
CA ASP D 109 30.32 22.94 17.00
C ASP D 109 31.36 21.90 16.55
N ASP D 110 32.18 21.41 17.47
CA ASP D 110 33.10 20.33 17.13
C ASP D 110 32.36 19.04 16.83
N ALA D 111 31.26 18.79 17.54
CA ALA D 111 30.43 17.62 17.27
C ALA D 111 29.53 17.82 16.05
N LYS D 112 29.43 19.04 15.54
CA LYS D 112 28.51 19.33 14.45
C LYS D 112 29.02 18.82 13.10
N LYS D 113 30.34 18.86 12.89
CA LYS D 113 30.90 18.44 11.61
C LYS D 113 30.72 16.95 11.35
N TYR D 114 30.51 16.15 12.40
CA TYR D 114 30.21 14.73 12.26
C TYR D 114 28.70 14.57 12.19
N THR D 115 28.18 14.48 10.96
CA THR D 115 26.74 14.43 10.73
C THR D 115 26.23 13.03 11.06
N CYS D 116 26.01 12.79 12.35
CA CYS D 116 25.49 11.52 12.84
C CYS D 116 24.01 11.67 13.13
N THR D 117 23.19 10.93 12.39
CA THR D 117 21.74 10.99 12.55
C THR D 117 21.20 9.99 13.56
N VAL D 118 22.06 9.17 14.15
CA VAL D 118 21.68 8.23 15.19
C VAL D 118 22.41 8.61 16.47
N SER D 119 21.93 8.08 17.60
CA SER D 119 22.55 8.37 18.88
C SER D 119 22.15 7.27 19.87
N THR D 120 22.88 7.22 20.98
CA THR D 120 22.54 6.29 22.05
C THR D 120 21.20 6.62 22.69
N GLY D 121 20.82 7.89 22.68
CA GLY D 121 19.58 8.34 23.26
C GLY D 121 19.69 8.97 24.63
N PHE D 122 20.88 8.92 25.24
CA PHE D 122 21.09 9.47 26.58
C PHE D 122 22.35 10.32 26.58
N LYS D 123 22.44 11.20 27.58
CA LYS D 123 23.57 12.10 27.69
C LYS D 123 24.82 11.36 28.16
N PHE D 124 25.98 11.92 27.86
CA PHE D 124 27.26 11.37 28.26
C PHE D 124 27.73 12.05 29.54
N ASP D 125 28.16 11.24 30.51
CA ASP D 125 28.61 11.73 31.80
C ASP D 125 30.13 11.56 31.89
N ASP D 126 30.83 12.67 32.14
CA ASP D 126 32.28 12.63 32.25
C ASP D 126 32.77 12.17 33.61
N THR D 127 31.91 12.18 34.62
CA THR D 127 32.29 11.80 35.98
C THR D 127 32.13 10.30 36.24
N LYS D 128 31.56 9.55 35.30
CA LYS D 128 31.44 8.11 35.43
C LYS D 128 32.23 7.35 34.38
N PHE D 129 32.72 8.02 33.34
CA PHE D 129 33.63 7.43 32.35
C PHE D 129 35.07 7.58 32.82
N VAL D 130 35.31 7.06 34.03
CA VAL D 130 36.52 7.37 34.79
C VAL D 130 37.45 6.17 34.93
N GLU D 131 36.89 4.96 35.00
CA GLU D 131 37.55 3.65 35.17
C GLU D 131 37.45 3.18 36.62
N ASP D 132 38.31 3.71 37.49
CA ASP D 132 38.34 3.28 38.88
C ASP D 132 37.09 3.76 39.62
N SER D 133 36.23 2.81 39.98
CA SER D 133 34.98 3.10 40.66
C SER D 133 34.51 1.81 41.36
N PRO D 134 33.68 1.95 42.40
CA PRO D 134 33.10 0.74 43.01
C PRO D 134 32.25 -0.07 42.05
N GLU D 135 31.55 0.59 41.12
CA GLU D 135 30.73 -0.13 40.14
C GLU D 135 31.58 -0.93 39.17
N MET D 136 32.77 -0.42 38.81
CA MET D 136 33.59 -1.09 37.81
C MET D 136 34.18 -2.38 38.35
N GLU D 137 34.51 -2.41 39.65
CA GLU D 137 35.00 -3.63 40.26
C GLU D 137 33.96 -4.74 40.21
N GLU D 138 32.69 -4.41 40.44
CA GLU D 138 31.63 -5.39 40.32
C GLU D 138 31.50 -5.89 38.88
N LEU D 139 31.64 -4.97 37.91
CA LEU D 139 31.55 -5.37 36.51
C LEU D 139 32.68 -6.33 36.13
N MET D 140 33.89 -6.08 36.63
CA MET D 140 34.98 -7.03 36.40
C MET D 140 34.65 -8.40 36.96
N ASN D 141 34.09 -8.46 38.17
CA ASN D 141 33.73 -9.76 38.74
C ASN D 141 32.68 -10.46 37.89
N ILE D 142 31.66 -9.73 37.43
CA ILE D 142 30.61 -10.34 36.62
C ILE D 142 31.17 -10.88 35.31
N ILE D 143 31.97 -10.06 34.61
CA ILE D 143 32.53 -10.49 33.33
C ILE D 143 33.48 -11.65 33.52
N ASN D 144 34.30 -11.62 34.57
CA ASN D 144 35.21 -12.72 34.85
C ASN D 144 34.48 -14.00 35.21
N ASP D 145 33.30 -13.90 35.83
CA ASP D 145 32.50 -15.08 36.08
C ASP D 145 31.93 -15.65 34.79
N ILE D 146 31.40 -14.78 33.92
CA ILE D 146 30.80 -15.26 32.68
C ILE D 146 31.86 -15.88 31.77
N GLN D 147 33.00 -15.20 31.61
CA GLN D 147 34.09 -15.67 30.75
C GLN D 147 35.39 -15.64 31.54
N PRO D 148 35.75 -16.75 32.18
CA PRO D 148 36.95 -16.77 33.02
C PRO D 148 38.22 -16.57 32.21
N LEU D 149 39.25 -16.02 32.87
CA LEU D 149 40.55 -15.79 32.24
C LEU D 149 41.51 -16.96 32.53
N THR D 150 41.10 -18.15 32.10
CA THR D 150 41.93 -19.33 32.20
C THR D 150 42.70 -19.53 30.89
N ASP D 151 43.60 -20.51 30.90
CA ASP D 151 44.38 -20.81 29.71
C ASP D 151 43.62 -21.62 28.67
N GLU D 152 42.55 -22.29 29.07
CA GLU D 152 41.71 -23.05 28.15
C GLU D 152 40.58 -22.21 27.58
N ASN D 153 40.42 -20.97 28.04
CA ASN D 153 39.37 -20.06 27.56
C ASN D 153 39.95 -18.80 26.95
N LYS D 154 41.24 -18.78 26.62
CA LYS D 154 41.89 -17.57 26.15
C LYS D 154 41.33 -17.12 24.81
N LYS D 155 41.29 -18.04 23.83
CA LYS D 155 40.79 -17.68 22.51
C LYS D 155 39.31 -17.37 22.54
N ASN D 156 38.52 -18.13 23.30
CA ASN D 156 37.10 -17.87 23.42
C ASN D 156 36.85 -16.51 24.07
N ARG D 157 37.59 -16.20 25.14
CA ARG D 157 37.42 -14.91 25.80
C ARG D 157 37.83 -13.76 24.88
N GLU D 158 38.91 -13.94 24.12
CA GLU D 158 39.33 -12.90 23.19
C GLU D 158 38.29 -12.68 22.09
N LEU D 159 37.72 -13.75 21.55
CA LEU D 159 36.67 -13.60 20.55
C LEU D 159 35.44 -12.93 21.14
N TYR D 160 35.09 -13.28 22.38
CA TYR D 160 33.98 -12.63 23.07
C TYR D 160 34.20 -11.13 23.21
N GLU D 161 35.39 -10.74 23.67
CA GLU D 161 35.70 -9.31 23.82
C GLU D 161 35.69 -8.59 22.48
N LYS D 162 36.25 -9.21 21.45
CA LYS D 162 36.31 -8.58 20.13
C LYS D 162 34.91 -8.40 19.55
N THR D 163 34.05 -9.42 19.68
CA THR D 163 32.68 -9.30 19.20
C THR D 163 31.92 -8.22 19.95
N LEU D 164 32.12 -8.13 21.27
CA LEU D 164 31.43 -7.10 22.04
C LEU D 164 31.92 -5.70 21.66
N SER D 165 33.23 -5.53 21.47
CA SER D 165 33.78 -4.22 21.15
C SER D 165 33.49 -3.80 19.71
N SER D 166 33.18 -4.75 18.82
CA SER D 166 32.81 -4.38 17.46
C SER D 166 31.45 -3.68 17.39
N CYS D 167 30.68 -3.69 18.47
CA CYS D 167 29.36 -3.07 18.48
C CYS D 167 29.42 -1.55 18.50
N LEU D 168 30.59 -0.96 18.72
CA LEU D 168 30.75 0.48 18.77
C LEU D 168 31.13 1.08 17.42
N CYS D 169 31.27 0.27 16.38
CA CYS D 169 31.84 0.71 15.11
C CYS D 169 30.74 0.88 14.08
N GLY D 170 30.74 2.02 13.40
CA GLY D 170 29.80 2.27 12.31
C GLY D 170 30.33 1.81 10.97
N ALA D 171 30.44 0.50 10.81
CA ALA D 171 30.96 -0.08 9.57
C ALA D 171 30.32 -1.44 9.36
N THR D 172 30.38 -1.91 8.12
CA THR D 172 29.78 -3.20 7.77
C THR D 172 30.69 -4.33 8.25
N LYS D 173 30.09 -5.30 8.94
CA LYS D 173 30.81 -6.46 9.46
C LYS D 173 30.57 -7.67 8.57
N GLY D 174 31.56 -8.55 8.53
CA GLY D 174 31.55 -9.70 7.64
C GLY D 174 31.16 -11.03 8.24
N CYS D 175 30.74 -11.06 9.51
CA CYS D 175 30.39 -12.31 10.15
C CYS D 175 29.19 -12.10 11.06
N LEU D 176 28.44 -13.19 11.27
CA LEU D 176 27.37 -13.24 12.25
C LEU D 176 27.77 -14.20 13.35
N THR D 177 27.61 -13.79 14.60
CA THR D 177 28.15 -14.52 15.74
C THR D 177 27.03 -15.23 16.49
N PHE D 178 27.32 -16.45 16.94
CA PHE D 178 26.37 -17.26 17.71
C PHE D 178 26.90 -17.36 19.14
N PHE D 179 26.15 -16.79 20.08
CA PHE D 179 26.42 -16.95 21.51
C PHE D 179 25.74 -18.25 21.94
N PHE D 180 26.48 -19.34 21.93
CA PHE D 180 25.93 -20.67 22.16
C PHE D 180 26.23 -21.11 23.58
N GLY D 181 25.23 -21.64 24.27
CA GLY D 181 25.46 -22.17 25.60
C GLY D 181 24.22 -22.82 26.17
N GLU D 182 24.41 -23.49 27.29
CA GLU D 182 23.31 -24.11 28.02
C GLU D 182 22.55 -23.05 28.83
N THR D 183 21.47 -23.48 29.46
CA THR D 183 20.62 -22.55 30.21
C THR D 183 21.38 -21.96 31.40
N ALA D 184 21.05 -20.72 31.73
CA ALA D 184 21.62 -19.99 32.87
C ALA D 184 23.14 -19.94 32.78
N THR D 185 23.65 -19.52 31.62
CA THR D 185 25.08 -19.37 31.41
C THR D 185 25.48 -17.92 31.19
N GLY D 186 24.57 -16.97 31.42
CA GLY D 186 24.91 -15.56 31.37
C GLY D 186 24.98 -14.96 30.00
N LYS D 187 24.31 -15.54 29.00
CA LYS D 187 24.32 -14.97 27.66
C LYS D 187 23.15 -14.02 27.42
N SER D 188 22.27 -13.83 28.40
CA SER D 188 21.32 -12.73 28.39
C SER D 188 21.76 -11.56 29.25
N THR D 189 22.57 -11.84 30.28
CA THR D 189 23.17 -10.76 31.07
C THR D 189 24.08 -9.91 30.20
N THR D 190 24.86 -10.54 29.32
CA THR D 190 25.70 -9.80 28.38
C THR D 190 24.85 -8.93 27.46
N LYS D 191 23.75 -9.48 26.95
CA LYS D 191 22.87 -8.74 26.07
C LYS D 191 22.27 -7.52 26.78
N ARG D 192 21.82 -7.70 28.02
CA ARG D 192 21.27 -6.58 28.78
C ARG D 192 22.33 -5.53 29.08
N LEU D 193 23.55 -5.98 29.41
CA LEU D 193 24.64 -5.04 29.65
C LEU D 193 24.96 -4.22 28.41
N LEU D 194 25.01 -4.88 27.24
CA LEU D 194 25.28 -4.16 26.00
C LEU D 194 24.16 -3.18 25.67
N LYS D 195 22.91 -3.59 25.88
CA LYS D 195 21.79 -2.69 25.62
C LYS D 195 21.85 -1.48 26.54
N SER D 196 22.21 -1.68 27.80
CA SER D 196 22.39 -0.55 28.71
C SER D 196 23.54 0.34 28.24
N ALA D 197 24.62 -0.26 27.73
CA ALA D 197 25.79 0.53 27.35
C ALA D 197 25.52 1.40 26.13
N ILE D 198 24.94 0.83 25.07
CA ILE D 198 24.83 1.56 23.81
C ILE D 198 23.43 2.12 23.54
N GLY D 199 22.43 1.73 24.33
CA GLY D 199 21.14 2.39 24.24
C GLY D 199 20.44 2.18 22.90
N ASP D 200 20.08 3.28 22.25
CA ASP D 200 19.28 3.25 21.02
C ASP D 200 20.07 2.75 19.81
N LEU D 201 21.39 2.59 19.91
CA LEU D 201 22.18 1.99 18.85
C LEU D 201 22.06 0.47 18.81
N PHE D 202 21.09 -0.07 19.53
CA PHE D 202 20.89 -1.50 19.72
C PHE D 202 19.47 -1.84 19.29
N VAL D 203 19.28 -3.00 18.67
CA VAL D 203 17.95 -3.39 18.23
C VAL D 203 17.79 -4.90 18.31
N GLU D 204 16.55 -5.32 18.55
CA GLU D 204 16.15 -6.72 18.54
C GLU D 204 15.18 -6.95 17.39
N THR D 205 15.33 -8.09 16.72
CA THR D 205 14.46 -8.45 15.62
C THR D 205 14.10 -9.93 15.73
N GLY D 206 13.10 -10.33 14.94
CA GLY D 206 12.64 -11.71 14.97
C GLY D 206 13.55 -12.63 14.16
N GLN D 207 13.23 -13.92 14.22
CA GLN D 207 13.99 -14.93 13.49
C GLN D 207 13.62 -15.00 12.02
N THR D 208 12.59 -14.26 11.58
CA THR D 208 12.21 -14.27 10.18
C THR D 208 13.30 -13.71 9.28
N ILE D 209 14.16 -12.83 9.79
CA ILE D 209 15.30 -12.35 9.01
C ILE D 209 16.28 -13.47 8.71
N LEU D 210 16.20 -14.59 9.43
CA LEU D 210 17.10 -15.71 9.21
C LEU D 210 16.49 -16.81 8.36
N THR D 211 15.17 -17.01 8.43
CA THR D 211 14.53 -18.17 7.82
C THR D 211 13.56 -17.85 6.70
N ASP D 212 13.31 -16.58 6.40
CA ASP D 212 12.31 -16.20 5.42
C ASP D 212 12.92 -15.31 4.34
N VAL D 213 12.14 -15.12 3.26
CA VAL D 213 12.54 -14.23 2.18
C VAL D 213 12.45 -12.79 2.66
N LEU D 214 13.47 -11.99 2.33
CA LEU D 214 13.63 -10.67 2.90
C LEU D 214 12.95 -9.56 2.11
N ASP D 215 12.40 -9.85 0.93
CA ASP D 215 11.84 -8.78 0.11
C ASP D 215 10.51 -9.16 -0.53
N LYS D 216 9.71 -9.99 0.13
CA LYS D 216 8.39 -10.36 -0.37
C LYS D 216 7.35 -9.49 0.32
N GLY D 217 7.26 -8.24 -0.13
CA GLY D 217 6.37 -7.27 0.46
C GLY D 217 7.05 -6.42 1.50
N PRO D 218 6.27 -5.71 2.31
CA PRO D 218 6.87 -4.89 3.37
C PRO D 218 7.46 -5.75 4.47
N ASN D 219 8.67 -5.39 4.90
CA ASN D 219 9.40 -6.14 5.93
C ASN D 219 9.91 -5.15 6.97
N PRO D 220 9.10 -4.82 7.97
CA PRO D 220 9.56 -3.92 9.04
C PRO D 220 10.71 -4.47 9.85
N PHE D 221 10.91 -5.79 9.86
CA PHE D 221 11.99 -6.39 10.62
C PHE D 221 13.36 -6.20 9.98
N ILE D 222 13.40 -5.74 8.74
CA ILE D 222 14.65 -5.43 8.08
C ILE D 222 14.92 -3.93 8.00
N ALA D 223 13.90 -3.11 7.76
CA ALA D 223 14.08 -1.67 7.66
C ALA D 223 14.42 -1.03 9.00
N ASN D 224 14.16 -1.71 10.11
CA ASN D 224 14.51 -1.19 11.43
C ASN D 224 15.97 -1.40 11.79
N MET D 225 16.72 -2.13 10.97
CA MET D 225 18.14 -2.33 11.19
C MET D 225 19.01 -1.28 10.50
N HIS D 226 18.39 -0.29 9.85
CA HIS D 226 19.13 0.74 9.14
C HIS D 226 19.93 1.58 10.12
N LEU D 227 21.25 1.61 9.91
CA LEU D 227 22.24 2.38 10.67
C LEU D 227 22.43 1.89 12.10
N LYS D 228 21.75 0.83 12.51
CA LYS D 228 21.96 0.28 13.84
C LYS D 228 23.30 -0.44 13.91
N ARG D 229 23.97 -0.33 15.05
CA ARG D 229 25.29 -0.93 15.24
C ARG D 229 25.25 -2.28 15.92
N SER D 230 24.10 -2.75 16.36
CA SER D 230 23.99 -4.06 17.00
C SER D 230 22.59 -4.60 16.82
N VAL D 231 22.50 -5.83 16.31
CA VAL D 231 21.23 -6.53 16.09
C VAL D 231 21.30 -7.85 16.83
N PHE D 232 20.27 -8.14 17.62
CA PHE D 232 20.20 -9.38 18.38
C PHE D 232 19.02 -10.25 17.93
N CYS D 233 19.27 -11.55 17.87
CA CYS D 233 18.24 -12.57 17.69
C CYS D 233 18.39 -13.60 18.79
N SER D 234 17.26 -14.15 19.24
CA SER D 234 17.25 -15.01 20.42
C SER D 234 16.48 -16.29 20.17
N GLU D 235 17.04 -17.39 20.70
CA GLU D 235 16.31 -18.65 20.90
C GLU D 235 15.79 -19.23 19.58
N LEU D 236 16.72 -19.64 18.73
CA LEU D 236 16.32 -20.50 17.62
C LEU D 236 15.93 -21.88 18.15
N PRO D 237 14.96 -22.54 17.52
CA PRO D 237 14.46 -23.81 18.04
C PRO D 237 15.43 -24.95 17.76
N ASP D 238 15.09 -26.13 18.29
CA ASP D 238 15.84 -27.35 18.01
C ASP D 238 15.51 -27.78 16.59
N PHE D 239 16.46 -27.58 15.68
CA PHE D 239 16.21 -27.90 14.27
C PHE D 239 16.17 -29.41 14.03
N ALA D 240 16.80 -30.20 14.88
CA ALA D 240 16.91 -31.64 14.64
C ALA D 240 15.78 -32.41 15.30
N CYS D 241 15.67 -32.33 16.63
CA CYS D 241 14.64 -33.08 17.34
C CYS D 241 13.34 -32.27 17.42
N SER D 242 12.90 -31.76 16.27
CA SER D 242 11.65 -31.03 16.14
C SER D 242 11.43 -30.68 14.67
N GLY D 243 10.18 -30.53 14.26
CA GLY D 243 9.91 -30.11 12.90
C GLY D 243 9.97 -28.60 12.77
N SER D 244 11.09 -28.09 12.29
CA SER D 244 11.34 -26.66 12.23
C SER D 244 11.99 -26.29 10.91
N LYS D 245 11.80 -25.04 10.50
CA LYS D 245 12.40 -24.54 9.28
C LYS D 245 13.90 -24.28 9.51
N LYS D 246 14.73 -24.84 8.63
CA LYS D 246 16.16 -24.59 8.70
C LYS D 246 16.45 -23.14 8.33
N ILE D 247 17.71 -22.73 8.52
CA ILE D 247 18.04 -21.32 8.50
C ILE D 247 17.87 -20.71 7.12
N ARG D 248 18.69 -21.16 6.14
CA ARG D 248 18.84 -20.64 4.78
C ARG D 248 20.19 -19.97 4.62
N SER D 249 21.05 -20.53 3.75
CA SER D 249 22.38 -19.98 3.56
C SER D 249 22.37 -18.65 2.80
N ASP D 250 21.31 -18.36 2.04
CA ASP D 250 21.28 -17.13 1.26
C ASP D 250 21.00 -15.90 2.12
N ASN D 251 20.20 -16.05 3.19
CA ASN D 251 19.94 -14.94 4.09
C ASN D 251 21.21 -14.51 4.82
N ILE D 252 22.03 -15.48 5.23
CA ILE D 252 23.28 -15.16 5.91
C ILE D 252 24.18 -14.33 5.01
N LYS D 253 24.23 -14.68 3.72
CA LYS D 253 25.05 -13.92 2.78
C LYS D 253 24.50 -12.52 2.53
N LYS D 254 23.17 -12.37 2.55
CA LYS D 254 22.58 -11.06 2.35
C LYS D 254 22.73 -10.17 3.57
N LEU D 255 22.83 -10.75 4.76
CA LEU D 255 22.99 -9.97 5.98
C LEU D 255 24.43 -9.51 6.21
N THR D 256 25.34 -9.84 5.29
CA THR D 256 26.74 -9.44 5.38
C THR D 256 27.08 -8.26 4.49
N GLU D 257 26.32 -8.04 3.41
CA GLU D 257 26.59 -6.98 2.45
C GLU D 257 26.39 -5.60 3.06
N PRO D 258 27.07 -4.58 2.54
CA PRO D 258 26.89 -3.22 3.08
C PRO D 258 25.47 -2.69 2.93
N CYS D 259 24.74 -3.10 1.91
CA CYS D 259 23.38 -2.62 1.66
C CYS D 259 22.42 -3.79 1.72
N VAL D 260 21.33 -3.62 2.47
CA VAL D 260 20.31 -4.64 2.63
C VAL D 260 19.03 -4.17 1.97
N ILE D 261 18.34 -5.08 1.29
CA ILE D 261 17.15 -4.77 0.52
C ILE D 261 15.91 -5.11 1.32
N GLY D 262 15.01 -4.14 1.47
CA GLY D 262 13.79 -4.33 2.23
C GLY D 262 13.10 -3.01 2.50
N ARG D 263 11.78 -3.00 2.53
CA ARG D 263 11.03 -1.77 2.67
C ARG D 263 10.01 -1.86 3.80
N PRO D 264 9.68 -0.75 4.43
CA PRO D 264 8.62 -0.73 5.44
C PRO D 264 7.24 -0.69 4.76
N CYS D 265 6.21 -0.58 5.59
CA CYS D 265 4.85 -0.42 5.09
C CYS D 265 4.66 0.99 4.53
N PHE D 266 3.92 1.07 3.42
CA PHE D 266 3.61 2.35 2.76
C PHE D 266 4.86 3.13 2.40
N SER D 267 5.89 2.42 1.91
CA SER D 267 7.16 3.05 1.60
C SER D 267 7.68 2.54 0.26
N ASN D 268 8.43 3.41 -0.43
CA ASN D 268 9.06 3.07 -1.70
C ASN D 268 10.57 2.97 -1.58
N LYS D 269 11.12 3.04 -0.37
CA LYS D 269 12.56 2.96 -0.16
C LYS D 269 12.95 1.53 0.15
N ILE D 270 13.88 0.98 -0.63
CA ILE D 270 14.23 -0.43 -0.58
C ILE D 270 15.69 -0.66 -0.23
N ASN D 271 16.39 0.37 0.26
CA ASN D 271 17.81 0.27 0.55
C ASN D 271 18.06 0.68 1.99
N ASN D 272 18.81 -0.13 2.72
CA ASN D 272 19.19 0.16 4.09
C ASN D 272 20.68 -0.06 4.27
N ARG D 273 21.32 0.85 5.02
CA ARG D 273 22.75 0.74 5.31
C ARG D 273 22.97 -0.21 6.47
N ASN D 274 23.92 -1.13 6.30
CA ASN D 274 24.18 -2.19 7.28
C ASN D 274 25.46 -1.85 8.05
N HIS D 275 25.30 -1.44 9.31
CA HIS D 275 26.40 -1.13 10.20
C HIS D 275 26.39 -1.98 11.46
N ALA D 276 25.76 -3.14 11.42
CA ALA D 276 25.37 -3.87 12.61
C ALA D 276 26.22 -5.11 12.83
N THR D 277 26.54 -5.37 14.09
CA THR D 277 27.03 -6.67 14.52
C THR D 277 25.83 -7.53 14.87
N ILE D 278 25.69 -8.67 14.21
CA ILE D 278 24.52 -9.53 14.36
C ILE D 278 24.90 -10.70 15.26
N ILE D 279 24.21 -10.81 16.39
CA ILE D 279 24.46 -11.85 17.38
C ILE D 279 23.18 -12.62 17.62
N ILE D 280 23.27 -13.96 17.56
CA ILE D 280 22.14 -14.84 17.86
C ILE D 280 22.51 -15.67 19.07
N ASP D 281 21.72 -15.57 20.13
CA ASP D 281 21.97 -16.32 21.36
C ASP D 281 21.13 -17.59 21.35
N THR D 282 21.77 -18.72 21.65
CA THR D 282 21.16 -20.03 21.39
C THR D 282 21.56 -21.05 22.44
N ASN D 283 20.69 -22.05 22.59
CA ASN D 283 20.97 -23.29 23.30
C ASN D 283 21.32 -24.44 22.37
N TYR D 284 21.15 -24.25 21.07
CA TYR D 284 21.39 -25.30 20.08
C TYR D 284 22.27 -24.76 18.95
N LYS D 285 23.02 -25.66 18.32
CA LYS D 285 23.85 -25.27 17.20
C LYS D 285 22.98 -25.06 15.94
N PRO D 286 23.33 -24.08 15.11
CA PRO D 286 22.50 -23.79 13.94
C PRO D 286 22.54 -24.89 12.89
N VAL D 287 21.45 -25.01 12.14
CA VAL D 287 21.34 -25.95 11.03
C VAL D 287 20.86 -25.18 9.82
N PHE D 288 21.53 -25.39 8.68
CA PHE D 288 21.29 -24.61 7.47
C PHE D 288 20.74 -25.49 6.35
N ASP D 289 20.14 -24.84 5.35
CA ASP D 289 19.69 -25.55 4.16
C ASP D 289 20.85 -26.17 3.40
N ARG D 290 21.87 -25.37 3.12
CA ARG D 290 22.99 -25.77 2.27
C ARG D 290 24.30 -25.35 2.92
N ILE D 291 25.32 -26.16 2.74
CA ILE D 291 26.65 -25.90 3.29
C ILE D 291 27.61 -25.73 2.12
N ASP D 292 28.31 -24.60 2.08
CA ASP D 292 29.31 -24.33 1.07
C ASP D 292 30.43 -23.51 1.69
N ASN D 293 31.47 -23.23 0.91
CA ASN D 293 32.59 -22.45 1.40
C ASN D 293 32.20 -21.00 1.71
N ALA D 294 31.22 -20.46 0.99
CA ALA D 294 30.79 -19.09 1.27
C ALA D 294 30.10 -18.96 2.62
N LEU D 295 29.30 -19.96 3.02
CA LEU D 295 28.63 -19.91 4.31
C LEU D 295 29.60 -20.14 5.46
N MET D 296 30.59 -21.01 5.28
CA MET D 296 31.56 -21.32 6.33
C MET D 296 32.54 -20.18 6.59
N ARG D 297 32.46 -19.10 5.82
CA ARG D 297 33.36 -17.97 5.93
C ARG D 297 32.72 -16.80 6.66
N ARG D 298 31.45 -16.92 7.06
CA ARG D 298 30.71 -15.78 7.61
C ARG D 298 30.13 -16.07 9.00
N ILE D 299 30.62 -17.10 9.70
CA ILE D 299 29.99 -17.54 10.94
C ILE D 299 31.05 -17.77 12.00
N ALA D 300 30.81 -17.25 13.20
CA ALA D 300 31.67 -17.47 14.37
C ALA D 300 30.80 -17.84 15.56
N VAL D 301 31.39 -18.60 16.49
CA VAL D 301 30.67 -19.14 17.64
C VAL D 301 31.45 -18.84 18.91
N VAL D 302 30.73 -18.35 19.93
CA VAL D 302 31.29 -18.12 21.26
C VAL D 302 30.57 -19.04 22.24
N ARG D 303 31.33 -19.75 23.06
CA ARG D 303 30.80 -20.73 24.00
C ARG D 303 30.63 -20.11 25.39
N PHE D 304 29.54 -20.50 26.07
CA PHE D 304 29.28 -20.11 27.44
C PHE D 304 29.18 -21.37 28.28
N ARG D 305 30.05 -21.49 29.29
CA ARG D 305 30.17 -22.75 30.02
C ARG D 305 30.27 -22.54 31.52
N THR D 306 29.66 -21.49 32.05
CA THR D 306 29.62 -21.24 33.49
C THR D 306 28.16 -21.19 33.93
N HIS D 307 27.81 -22.04 34.89
CA HIS D 307 26.44 -22.15 35.35
C HIS D 307 26.23 -21.33 36.62
N PHE D 308 25.19 -20.51 36.63
CA PHE D 308 24.78 -19.75 37.80
C PHE D 308 23.50 -20.39 38.33
N SER D 309 23.60 -21.03 39.49
CA SER D 309 22.52 -21.83 40.03
C SER D 309 22.23 -21.43 41.47
N GLN D 310 21.19 -22.06 42.02
CA GLN D 310 20.61 -22.05 43.35
C GLN D 310 21.13 -23.26 44.14
N PRO D 311 21.22 -23.17 45.47
CA PRO D 311 21.80 -24.27 46.26
C PRO D 311 21.19 -25.65 45.99
N SER D 312 19.93 -25.69 45.58
CA SER D 312 19.28 -26.97 45.30
C SER D 312 19.93 -27.66 44.10
N GLY D 313 20.16 -26.93 43.02
CA GLY D 313 20.74 -27.49 41.81
C GLY D 313 22.25 -27.45 41.75
N ARG D 314 22.93 -27.08 42.83
CA ARG D 314 24.38 -26.99 42.83
C ARG D 314 25.01 -28.35 42.58
N GLU D 315 24.47 -29.40 43.19
CA GLU D 315 25.03 -30.73 43.02
C GLU D 315 24.70 -31.31 41.65
N ALA D 316 23.49 -31.06 41.16
CA ALA D 316 23.10 -31.59 39.86
C ALA D 316 23.87 -30.92 38.73
N ALA D 317 24.30 -29.67 38.93
CA ALA D 317 25.06 -28.95 37.92
C ALA D 317 26.51 -29.40 37.84
N GLU D 318 27.10 -29.78 38.97
CA GLU D 318 28.50 -30.20 38.97
C GLU D 318 28.70 -31.53 38.25
N ASN D 319 27.61 -32.27 38.00
CA ASN D 319 27.70 -33.54 37.29
C ASN D 319 27.53 -33.37 35.79
N ASN D 320 26.70 -32.42 35.36
CA ASN D 320 26.47 -32.20 33.94
C ASN D 320 27.74 -31.69 33.27
N ASP D 321 28.01 -32.21 32.07
CA ASP D 321 29.26 -31.95 31.37
C ASP D 321 29.19 -30.78 30.41
N ALA D 322 28.03 -30.11 30.29
CA ALA D 322 27.95 -28.90 29.50
C ALA D 322 28.43 -27.67 30.26
N TYR D 323 28.74 -27.82 31.55
CA TYR D 323 29.23 -26.74 32.38
C TYR D 323 30.66 -27.03 32.81
N ASP D 324 31.48 -25.98 32.85
CA ASP D 324 32.84 -26.07 33.35
C ASP D 324 33.00 -25.50 34.76
N LYS D 325 32.09 -24.63 35.18
CA LYS D 325 32.14 -24.03 36.51
C LYS D 325 30.72 -23.76 36.97
N VAL D 326 30.51 -23.85 38.28
CA VAL D 326 29.21 -23.61 38.89
C VAL D 326 29.38 -22.52 39.95
N LYS D 327 28.54 -21.50 39.88
CA LYS D 327 28.57 -20.39 40.81
C LYS D 327 27.16 -20.10 41.32
N LEU D 328 27.09 -19.48 42.49
CA LEU D 328 25.81 -19.15 43.10
C LEU D 328 25.13 -18.01 42.36
N LEU D 329 23.83 -18.16 42.12
CA LEU D 329 23.08 -17.14 41.39
C LEU D 329 22.87 -15.90 42.26
N ASP D 330 22.89 -14.73 41.62
CA ASP D 330 22.65 -13.45 42.29
C ASP D 330 21.29 -12.94 41.84
N GLU D 331 20.31 -12.96 42.75
CA GLU D 331 18.94 -12.61 42.40
C GLU D 331 18.74 -11.10 42.23
N GLY D 332 19.63 -10.29 42.79
CA GLY D 332 19.50 -8.85 42.67
C GLY D 332 20.43 -8.24 41.65
N LEU D 333 20.65 -8.93 40.53
CA LEU D 333 21.55 -8.48 39.49
C LEU D 333 20.83 -7.93 38.27
N ASP D 334 19.70 -8.52 37.88
CA ASP D 334 18.96 -8.01 36.73
C ASP D 334 18.39 -6.63 37.00
N GLY D 335 17.97 -6.36 38.24
CA GLY D 335 17.48 -5.04 38.58
C GLY D 335 18.56 -3.97 38.50
N LYS D 336 19.78 -4.31 38.93
CA LYS D 336 20.88 -3.36 38.85
C LYS D 336 21.20 -3.01 37.39
N ILE D 337 21.18 -4.01 36.51
CA ILE D 337 21.39 -3.75 35.09
C ILE D 337 20.25 -2.91 34.53
N GLN D 338 19.01 -3.23 34.92
CA GLN D 338 17.86 -2.50 34.41
C GLN D 338 17.85 -1.04 34.85
N ASN D 339 18.54 -0.71 35.93
CA ASN D 339 18.66 0.67 36.40
C ASN D 339 19.90 1.37 35.84
N ASN D 340 20.60 0.74 34.89
CA ASN D 340 21.77 1.33 34.24
C ASN D 340 22.86 1.65 35.25
N ARG D 341 23.14 0.69 36.13
CA ARG D 341 24.20 0.88 37.11
C ARG D 341 25.57 0.74 36.48
N TYR D 342 25.75 -0.22 35.58
CA TYR D 342 27.03 -0.49 34.93
C TYR D 342 27.05 0.03 33.49
N ARG D 343 26.32 1.10 33.22
CA ARG D 343 26.26 1.65 31.86
C ARG D 343 27.61 2.20 31.43
N PHE D 344 28.18 3.13 32.21
CA PHE D 344 29.42 3.79 31.84
C PHE D 344 30.66 2.96 32.16
N ALA D 345 30.61 2.09 33.17
CA ALA D 345 31.70 1.14 33.37
C ALA D 345 31.82 0.19 32.18
N PHE D 346 30.70 -0.34 31.70
CA PHE D 346 30.73 -1.19 30.51
C PHE D 346 31.11 -0.40 29.28
N LEU D 347 30.70 0.87 29.19
CA LEU D 347 31.14 1.70 28.07
C LEU D 347 32.66 1.87 28.08
N TYR D 348 33.24 2.12 29.25
CA TYR D 348 34.70 2.23 29.36
C TYR D 348 35.39 0.93 28.99
N LEU D 349 34.84 -0.20 29.44
CA LEU D 349 35.40 -1.49 29.07
C LEU D 349 35.36 -1.72 27.57
N LEU D 350 34.24 -1.36 26.93
CA LEU D 350 34.11 -1.51 25.48
C LEU D 350 35.11 -0.62 24.76
N VAL D 351 35.31 0.61 25.24
CA VAL D 351 36.28 1.49 24.59
C VAL D 351 37.70 0.94 24.74
N LYS D 352 38.02 0.39 25.91
CA LYS D 352 39.34 -0.21 26.10
C LYS D 352 39.55 -1.40 25.16
N TRP D 353 38.52 -2.25 25.03
CA TRP D 353 38.63 -3.38 24.09
C TRP D 353 38.73 -2.90 22.65
N TYR D 354 38.03 -1.81 22.30
CA TYR D 354 38.16 -1.20 20.99
C TYR D 354 39.60 -0.80 20.74
N LYS D 355 40.22 -0.13 21.72
CA LYS D 355 41.63 0.24 21.57
C LYS D 355 42.50 -0.99 21.40
N LYS D 356 42.22 -2.06 22.15
CA LYS D 356 43.05 -3.25 22.06
C LYS D 356 42.94 -3.96 20.72
N TYR D 357 41.72 -4.06 20.15
CA TYR D 357 41.49 -4.90 18.99
C TYR D 357 41.42 -4.15 17.67
N HIS D 358 41.21 -2.84 17.68
CA HIS D 358 41.03 -2.07 16.44
C HIS D 358 42.32 -1.43 15.97
N ILE D 359 43.46 -2.09 16.21
CA ILE D 359 44.76 -1.58 15.79
C ILE D 359 45.42 -2.63 14.92
N PRO D 360 45.70 -2.34 13.63
CA PRO D 360 45.32 -1.14 12.89
C PRO D 360 43.90 -1.26 12.35
N ILE D 361 43.51 -2.45 11.92
CA ILE D 361 42.21 -2.71 11.33
C ILE D 361 41.56 -3.86 12.09
N MET D 362 40.29 -3.69 12.47
CA MET D 362 39.54 -4.73 13.15
C MET D 362 38.73 -5.51 12.12
N LYS D 363 38.86 -6.83 12.13
CA LYS D 363 38.16 -7.68 11.17
C LYS D 363 37.77 -8.97 11.86
N LEU D 364 36.49 -9.32 11.76
CA LEU D 364 35.99 -10.55 12.36
C LEU D 364 36.36 -11.75 11.52
N TYR D 365 36.68 -12.87 12.19
CA TYR D 365 37.12 -14.08 11.51
C TYR D 365 36.22 -15.25 11.87
N PRO D 366 36.07 -16.21 10.97
CA PRO D 366 35.17 -17.34 11.23
C PRO D 366 35.79 -18.36 12.18
N THR D 367 34.92 -19.17 12.77
CA THR D 367 35.31 -20.30 13.60
C THR D 367 34.58 -21.55 13.13
N PRO D 368 34.97 -22.09 11.97
CA PRO D 368 34.22 -23.22 11.40
C PRO D 368 34.33 -24.51 12.19
N GLU D 369 35.36 -24.67 13.03
CA GLU D 369 35.61 -25.93 13.72
C GLU D 369 34.62 -26.20 14.85
N GLU D 370 33.80 -25.24 15.22
CA GLU D 370 32.85 -25.41 16.32
C GLU D 370 31.43 -25.70 15.85
N ILE D 371 31.24 -26.02 14.58
CA ILE D 371 29.92 -26.31 14.05
C ILE D 371 29.88 -27.76 13.56
N PRO D 372 29.07 -28.63 14.17
CA PRO D 372 28.98 -30.01 13.68
C PRO D 372 28.45 -30.11 12.26
N ASP D 373 27.54 -29.22 11.86
CA ASP D 373 27.01 -29.24 10.49
C ASP D 373 28.10 -29.05 9.46
N PHE D 374 29.21 -28.42 9.81
CA PHE D 374 30.33 -28.19 8.91
C PHE D 374 31.35 -29.32 8.93
N ALA D 375 31.07 -30.40 9.67
CA ALA D 375 32.07 -31.43 9.90
C ALA D 375 32.47 -32.13 8.60
N PHE D 376 31.47 -32.54 7.80
CA PHE D 376 31.77 -33.31 6.59
C PHE D 376 32.63 -32.50 5.63
N TYR D 377 32.27 -31.24 5.40
CA TYR D 377 33.08 -30.40 4.53
C TYR D 377 34.46 -30.13 5.11
N LEU D 378 34.60 -30.26 6.43
CA LEU D 378 35.92 -30.15 7.04
C LEU D 378 36.72 -31.45 6.94
N LYS D 379 36.04 -32.58 6.68
CA LYS D 379 36.74 -33.85 6.57
C LYS D 379 37.69 -33.86 5.37
N ILE D 380 37.23 -33.34 4.23
CA ILE D 380 38.01 -33.36 3.00
C ILE D 380 39.09 -32.28 3.04
N ASN E 2 3.85 37.57 21.61
CA ASN E 2 4.19 38.19 22.89
C ASN E 2 3.30 37.67 24.01
N LYS E 3 2.07 38.18 24.07
CA LYS E 3 1.15 37.80 25.15
C LYS E 3 0.77 36.32 25.04
N LEU E 4 0.45 35.85 23.84
CA LEU E 4 0.15 34.44 23.66
C LEU E 4 1.38 33.57 23.90
N PHE E 5 2.56 34.07 23.53
CA PHE E 5 3.80 33.36 23.86
C PHE E 5 4.00 33.29 25.37
N ASN E 6 3.66 34.37 26.08
CA ASN E 6 3.73 34.35 27.54
C ASN E 6 2.78 33.31 28.12
N ILE E 7 1.56 33.22 27.57
CA ILE E 7 0.60 32.23 28.04
C ILE E 7 1.14 30.82 27.79
N ALA E 8 1.69 30.58 26.61
CA ALA E 8 2.24 29.26 26.30
C ALA E 8 3.42 28.92 27.20
N GLN E 9 4.27 29.89 27.49
CA GLN E 9 5.39 29.67 28.39
C GLN E 9 4.91 29.32 29.80
N ARG E 10 3.90 30.03 30.29
CA ARG E 10 3.35 29.73 31.61
C ARG E 10 2.73 28.35 31.64
N ILE E 11 2.02 27.96 30.58
CA ILE E 11 1.43 26.62 30.53
C ILE E 11 2.50 25.55 30.51
N LEU E 12 3.58 25.79 29.76
CA LEU E 12 4.67 24.80 29.68
C LEU E 12 5.37 24.59 31.01
N ASP E 13 5.30 25.57 31.91
CA ASP E 13 5.97 25.45 33.20
C ASP E 13 5.30 24.44 34.12
N THR E 14 4.06 24.06 33.84
CA THR E 14 3.32 23.12 34.67
C THR E 14 3.58 21.66 34.29
N ASN E 15 4.33 21.43 33.21
CA ASN E 15 4.67 20.07 32.77
C ASN E 15 3.42 19.23 32.52
N SER E 16 2.39 19.85 31.95
CA SER E 16 1.15 19.16 31.66
C SER E 16 1.13 18.52 30.27
N VAL E 17 2.11 18.84 29.41
CA VAL E 17 2.23 18.24 28.08
C VAL E 17 3.61 17.63 27.98
N LEU E 18 3.68 16.39 27.51
CA LEU E 18 4.95 15.69 27.41
C LEU E 18 5.08 15.00 26.05
N LEU E 19 6.30 14.96 25.54
CA LEU E 19 6.63 14.24 24.32
C LEU E 19 7.25 12.90 24.70
N THR E 20 6.77 11.83 24.08
CA THR E 20 7.16 10.48 24.46
C THR E 20 8.20 9.92 23.50
N GLU E 21 8.89 8.86 23.96
CA GLU E 21 9.90 8.20 23.14
C GLU E 21 9.27 7.58 21.89
N ARG E 22 8.08 6.99 22.03
CA ARG E 22 7.41 6.34 20.91
C ARG E 22 6.90 7.32 19.87
N GLY E 23 6.92 8.62 20.15
CA GLY E 23 6.57 9.62 19.17
C GLY E 23 5.21 10.28 19.35
N ASP E 24 4.58 10.12 20.51
CA ASP E 24 3.26 10.68 20.76
C ASP E 24 3.33 11.75 21.84
N HIS E 25 2.29 12.58 21.89
CA HIS E 25 2.11 13.57 22.94
C HIS E 25 1.16 13.03 23.99
N ILE E 26 1.45 13.32 25.25
CA ILE E 26 0.57 12.94 26.35
C ILE E 26 0.23 14.19 27.16
N VAL E 27 -1.04 14.31 27.52
CA VAL E 27 -1.54 15.47 28.26
C VAL E 27 -2.19 15.01 29.55
N TRP E 28 -2.07 15.85 30.58
CA TRP E 28 -2.59 15.55 31.91
C TRP E 28 -3.96 16.21 32.05
N ILE E 29 -5.02 15.47 31.77
CA ILE E 29 -6.39 15.96 31.89
C ILE E 29 -7.17 14.98 32.76
N ASN E 30 -7.90 15.52 33.74
CA ASN E 30 -8.80 14.74 34.59
C ASN E 30 -8.05 13.61 35.31
N ASN E 31 -6.93 13.97 35.94
CA ASN E 31 -6.16 13.05 36.77
C ASN E 31 -5.73 11.81 36.00
N SER E 32 -5.34 12.00 34.73
CA SER E 32 -4.86 10.90 33.91
C SER E 32 -4.03 11.45 32.76
N TRP E 33 -3.18 10.59 32.21
CA TRP E 33 -2.38 10.93 31.05
C TRP E 33 -3.05 10.36 29.81
N LYS E 34 -3.36 11.22 28.85
CA LYS E 34 -4.10 10.84 27.65
C LYS E 34 -3.24 11.08 26.41
N PHE E 35 -3.42 10.20 25.42
CA PHE E 35 -2.63 10.18 24.21
C PHE E 35 -3.24 11.06 23.14
N ASN E 36 -2.40 11.84 22.46
CA ASN E 36 -2.83 12.68 21.34
C ASN E 36 -2.63 11.91 20.05
N SER E 37 -3.66 11.16 19.65
CA SER E 37 -3.60 10.42 18.39
C SER E 37 -4.76 10.67 17.45
N GLU E 38 -5.97 10.98 17.95
CA GLU E 38 -7.07 11.34 17.06
C GLU E 38 -7.89 12.53 17.53
N GLU E 39 -7.66 13.09 18.72
CA GLU E 39 -8.44 14.23 19.16
C GLU E 39 -7.53 15.39 19.55
N PRO E 40 -8.00 16.63 19.42
CA PRO E 40 -7.18 17.78 19.82
C PRO E 40 -7.20 17.98 21.33
N LEU E 41 -6.36 17.23 22.04
CA LEU E 41 -6.35 17.29 23.51
C LEU E 41 -5.65 18.54 24.05
N ILE E 42 -4.69 19.09 23.30
CA ILE E 42 -3.93 20.22 23.81
C ILE E 42 -4.81 21.46 23.94
N THR E 43 -5.71 21.67 22.99
CA THR E 43 -6.63 22.80 23.10
C THR E 43 -7.61 22.59 24.26
N LYS E 44 -8.02 21.35 24.50
CA LYS E 44 -8.84 21.05 25.68
C LYS E 44 -8.10 21.41 26.96
N LEU E 45 -6.82 21.04 27.04
CA LEU E 45 -6.03 21.39 28.22
C LEU E 45 -5.88 22.90 28.36
N ILE E 46 -5.67 23.61 27.25
CA ILE E 46 -5.54 25.05 27.30
C ILE E 46 -6.82 25.69 27.82
N LEU E 47 -7.97 25.23 27.34
CA LEU E 47 -9.24 25.77 27.82
C LEU E 47 -9.46 25.45 29.29
N SER E 48 -9.11 24.23 29.72
CA SER E 48 -9.35 23.84 31.10
C SER E 48 -8.43 24.58 32.08
N ILE E 49 -7.18 24.86 31.67
CA ILE E 49 -6.19 25.40 32.58
C ILE E 49 -6.28 26.91 32.72
N ARG E 50 -7.26 27.56 32.10
CA ARG E 50 -7.35 29.01 32.13
C ARG E 50 -7.66 29.56 33.51
N HIS E 51 -8.09 28.72 34.46
CA HIS E 51 -8.40 29.19 35.80
C HIS E 51 -7.17 29.34 36.69
N GLN E 52 -6.01 28.80 36.28
CA GLN E 52 -4.76 28.99 36.98
C GLN E 52 -3.92 30.11 36.37
N LEU E 53 -4.55 31.08 35.72
CA LEU E 53 -3.91 32.15 35.00
C LEU E 53 -4.45 33.49 35.48
N PRO E 54 -3.69 34.57 35.31
CA PRO E 54 -4.20 35.89 35.68
C PRO E 54 -5.44 36.26 34.88
N LYS E 55 -6.16 37.25 35.40
CA LYS E 55 -7.44 37.65 34.80
C LYS E 55 -7.28 38.27 33.42
N GLU E 56 -6.08 38.72 33.05
CA GLU E 56 -5.84 39.24 31.71
C GLU E 56 -5.42 38.17 30.73
N TYR E 57 -4.79 37.09 31.19
CA TYR E 57 -4.42 35.97 30.34
C TYR E 57 -5.54 34.96 30.16
N SER E 58 -6.59 35.02 30.99
CA SER E 58 -7.65 34.04 30.96
C SER E 58 -8.82 34.42 30.05
N SER E 59 -9.10 35.71 29.92
CA SER E 59 -10.16 36.19 29.03
C SER E 59 -9.75 36.14 27.57
N GLU E 60 -8.54 35.69 27.27
CA GLU E 60 -8.03 35.59 25.91
C GLU E 60 -8.01 34.17 25.37
N LEU E 61 -8.20 33.17 26.23
CA LEU E 61 -8.22 31.77 25.83
C LEU E 61 -9.62 31.30 25.45
N LEU E 62 -10.61 32.19 25.48
CA LEU E 62 -11.96 31.83 25.08
C LEU E 62 -12.12 31.73 23.56
N CYS E 63 -11.23 32.38 22.81
CA CYS E 63 -11.28 32.36 21.35
C CYS E 63 -10.61 31.09 20.82
N PRO E 64 -11.31 30.29 20.00
CA PRO E 64 -10.67 29.09 19.46
C PRO E 64 -9.45 29.37 18.60
N ARG E 65 -9.39 30.55 17.96
CA ARG E 65 -8.26 30.87 17.10
C ARG E 65 -6.99 31.10 17.92
N LYS E 66 -7.11 31.77 19.06
CA LYS E 66 -5.94 32.04 19.89
C LYS E 66 -5.46 30.80 20.61
N ARG E 67 -6.36 29.89 20.96
CA ARG E 67 -5.95 28.62 21.55
C ARG E 67 -5.10 27.80 20.59
N LYS E 68 -5.42 27.85 19.30
CA LYS E 68 -4.58 27.20 18.30
C LYS E 68 -3.20 27.82 18.22
N THR E 69 -3.11 29.15 18.33
CA THR E 69 -1.81 29.80 18.36
C THR E 69 -1.00 29.37 19.57
N VAL E 70 -1.65 29.29 20.73
CA VAL E 70 -0.96 28.84 21.94
C VAL E 70 -0.49 27.40 21.77
N GLU E 71 -1.33 26.54 21.18
CA GLU E 71 -0.93 25.16 20.94
C GLU E 71 0.26 25.08 20.00
N ALA E 72 0.27 25.91 18.95
CA ALA E 72 1.40 25.92 18.02
C ALA E 72 2.66 26.37 18.73
N ASN E 73 2.56 27.37 19.61
CA ASN E 73 3.72 27.79 20.39
C ASN E 73 4.22 26.67 21.31
N ILE E 74 3.29 25.94 21.93
CA ILE E 74 3.67 24.87 22.85
C ILE E 74 4.35 23.74 22.09
N ARG E 75 3.87 23.41 20.90
CA ARG E 75 4.43 22.30 20.13
C ARG E 75 5.88 22.53 19.73
N ASP E 76 6.30 23.78 19.58
CA ASP E 76 7.68 24.10 19.23
C ASP E 76 8.61 24.13 20.43
N MET E 77 8.07 24.09 21.65
CA MET E 77 8.88 24.13 22.86
C MET E 77 9.30 22.76 23.35
N LEU E 78 8.63 21.69 22.92
CA LEU E 78 8.92 20.34 23.38
C LEU E 78 9.92 19.71 22.41
N VAL E 79 11.17 19.58 22.85
CA VAL E 79 12.24 19.08 21.99
C VAL E 79 12.76 17.75 22.50
N ASP E 80 12.71 17.54 23.81
CA ASP E 80 13.25 16.35 24.46
C ASP E 80 12.12 15.42 24.87
N SER E 81 12.26 14.14 24.54
CA SER E 81 11.27 13.15 24.91
C SER E 81 11.54 12.60 26.31
N VAL E 82 10.52 11.95 26.87
CA VAL E 82 10.59 11.42 28.23
C VAL E 82 10.14 9.96 28.21
N GLU E 83 10.51 9.24 29.27
CA GLU E 83 10.19 7.83 29.42
C GLU E 83 9.03 7.66 30.38
N THR E 84 8.09 6.79 30.00
CA THR E 84 6.87 6.57 30.76
C THR E 84 6.85 5.15 31.31
N ASP E 85 6.01 4.95 32.35
CA ASP E 85 5.79 3.65 32.97
C ASP E 85 7.10 3.04 33.48
N THR E 86 7.72 3.74 34.43
CA THR E 86 9.00 3.33 35.00
C THR E 86 8.89 2.96 36.47
N TYR E 87 7.67 2.83 37.00
CA TYR E 87 7.46 2.52 38.42
C TYR E 87 6.73 1.20 38.55
N PRO E 88 7.43 0.12 38.91
CA PRO E 88 6.76 -1.19 39.01
C PRO E 88 5.81 -1.32 40.19
N ASP E 89 5.93 -0.47 41.21
CA ASP E 89 5.16 -0.60 42.44
C ASP E 89 4.07 0.46 42.53
N LYS E 90 3.46 0.82 41.40
CA LYS E 90 2.38 1.79 41.35
C LYS E 90 1.23 1.23 40.53
N LEU E 91 0.01 1.36 41.04
CA LEU E 91 -1.17 0.87 40.35
C LEU E 91 -2.03 2.05 39.89
N PRO E 92 -2.18 2.28 38.60
CA PRO E 92 -2.96 3.43 38.14
C PRO E 92 -4.45 3.13 37.99
N PHE E 93 -5.25 4.14 38.26
CA PHE E 93 -6.70 4.08 38.10
C PHE E 93 -7.17 5.24 37.24
N LYS E 94 -8.48 5.46 37.18
CA LYS E 94 -9.02 6.61 36.46
C LYS E 94 -8.90 7.91 37.23
N ASN E 95 -8.51 7.86 38.51
CA ASN E 95 -8.45 9.08 39.30
C ASN E 95 -7.15 9.25 40.09
N GLY E 96 -6.17 8.37 39.91
CA GLY E 96 -4.90 8.55 40.58
C GLY E 96 -4.16 7.23 40.71
N VAL E 97 -3.08 7.28 41.49
CA VAL E 97 -2.12 6.18 41.60
C VAL E 97 -2.16 5.63 43.02
N LEU E 98 -2.27 4.32 43.14
CA LEU E 98 -2.19 3.63 44.42
C LEU E 98 -0.77 3.11 44.62
N ASP E 99 -0.20 3.39 45.80
CA ASP E 99 1.13 2.90 46.15
C ASP E 99 1.00 1.54 46.81
N LEU E 100 1.58 0.52 46.18
CA LEU E 100 1.45 -0.85 46.68
C LEU E 100 2.30 -1.11 47.92
N VAL E 101 3.18 -0.19 48.30
CA VAL E 101 4.02 -0.39 49.47
C VAL E 101 3.33 0.22 50.69
N ASP E 102 3.11 1.54 50.65
CA ASP E 102 2.50 2.22 51.79
C ASP E 102 0.99 2.00 51.86
N GLY E 103 0.34 1.78 50.72
CA GLY E 103 -1.11 1.74 50.67
C GLY E 103 -1.77 3.10 50.49
N MET E 104 -0.99 4.17 50.42
CA MET E 104 -1.54 5.50 50.23
C MET E 104 -2.05 5.69 48.81
N PHE E 105 -2.96 6.64 48.64
CA PHE E 105 -3.56 6.95 47.35
C PHE E 105 -3.35 8.42 47.03
N TYR E 106 -2.90 8.70 45.81
CA TYR E 106 -2.70 10.05 45.32
C TYR E 106 -3.67 10.31 44.18
N SER E 107 -4.15 11.54 44.07
CA SER E 107 -5.22 11.85 43.13
C SER E 107 -4.89 12.97 42.15
N GLY E 108 -4.22 14.02 42.59
CA GLY E 108 -4.06 15.20 41.75
C GLY E 108 -2.65 15.46 41.29
N ASP E 109 -2.07 16.59 41.73
CA ASP E 109 -0.72 16.95 41.32
C ASP E 109 0.31 15.95 41.82
N ASP E 110 -0.01 15.20 42.88
CA ASP E 110 0.91 14.16 43.35
C ASP E 110 0.88 12.95 42.43
N ALA E 111 -0.26 12.67 41.79
CA ALA E 111 -0.36 11.51 40.91
C ALA E 111 0.34 11.72 39.58
N LYS E 112 0.42 12.96 39.10
CA LYS E 112 1.03 13.23 37.81
C LYS E 112 2.55 13.08 37.83
N LYS E 113 3.16 13.03 39.02
CA LYS E 113 4.60 12.80 39.09
C LYS E 113 4.97 11.44 38.51
N TYR E 114 4.11 10.44 38.69
CA TYR E 114 4.27 9.14 38.06
C TYR E 114 3.60 9.17 36.69
N THR E 115 4.38 8.97 35.64
CA THR E 115 3.87 9.05 34.27
C THR E 115 3.35 7.67 33.86
N CYS E 116 2.13 7.37 34.27
CA CYS E 116 1.47 6.11 33.97
C CYS E 116 0.47 6.34 32.84
N THR E 117 0.69 5.67 31.71
CA THR E 117 -0.17 5.82 30.54
C THR E 117 -1.31 4.80 30.48
N VAL E 118 -1.32 3.83 31.38
CA VAL E 118 -2.37 2.82 31.43
C VAL E 118 -3.10 2.96 32.77
N SER E 119 -4.23 2.26 32.89
CA SER E 119 -5.04 2.32 34.10
C SER E 119 -5.95 1.10 34.12
N THR E 120 -6.63 0.93 35.26
CA THR E 120 -7.59 -0.17 35.40
C THR E 120 -8.91 0.10 34.69
N GLY E 121 -9.19 1.36 34.36
CA GLY E 121 -10.43 1.68 33.67
C GLY E 121 -11.63 1.94 34.57
N PHE E 122 -11.42 2.03 35.89
CA PHE E 122 -12.51 2.34 36.79
C PHE E 122 -11.98 3.20 37.94
N LYS E 123 -12.90 3.78 38.69
CA LYS E 123 -12.57 4.70 39.77
C LYS E 123 -12.27 3.92 41.05
N PHE E 124 -11.34 4.46 41.84
CA PHE E 124 -10.95 3.85 43.10
C PHE E 124 -11.87 4.31 44.23
N ASP E 125 -12.27 3.37 45.07
CA ASP E 125 -13.11 3.63 46.23
C ASP E 125 -12.26 3.48 47.49
N ASP E 126 -11.98 4.61 48.14
CA ASP E 126 -11.15 4.62 49.34
C ASP E 126 -11.92 4.24 50.60
N THR E 127 -13.23 4.07 50.51
CA THR E 127 -14.05 3.72 51.66
C THR E 127 -14.16 2.22 51.89
N LYS E 128 -13.99 1.40 50.86
CA LYS E 128 -14.04 -0.05 50.99
C LYS E 128 -12.66 -0.68 51.02
N PHE E 129 -11.60 0.12 50.94
CA PHE E 129 -10.23 -0.38 51.03
C PHE E 129 -9.69 -0.18 52.44
N VAL E 130 -10.29 -0.91 53.40
CA VAL E 130 -9.92 -0.74 54.78
C VAL E 130 -9.23 -1.99 55.34
N GLU E 131 -9.99 -3.09 55.45
CA GLU E 131 -9.66 -4.31 56.18
C GLU E 131 -10.96 -4.85 56.75
N ASP E 132 -11.72 -3.97 57.41
CA ASP E 132 -12.92 -4.33 58.15
C ASP E 132 -14.08 -4.51 57.17
N SER E 133 -15.31 -4.49 57.70
CA SER E 133 -16.58 -4.60 56.99
C SER E 133 -16.86 -6.05 56.62
N PRO E 134 -18.14 -6.47 56.65
CA PRO E 134 -18.44 -7.90 56.41
C PRO E 134 -18.11 -8.40 55.02
N GLU E 135 -17.90 -7.50 54.05
CA GLU E 135 -17.58 -7.94 52.70
C GLU E 135 -16.27 -8.71 52.67
N MET E 136 -15.21 -8.13 53.26
CA MET E 136 -13.91 -8.78 53.26
C MET E 136 -13.97 -10.08 54.08
N GLU E 137 -14.66 -10.06 55.21
CA GLU E 137 -14.81 -11.27 56.02
C GLU E 137 -15.54 -12.37 55.26
N GLU E 138 -16.48 -12.01 54.40
CA GLU E 138 -17.17 -13.00 53.58
C GLU E 138 -16.30 -13.49 52.44
N LEU E 139 -15.38 -12.65 51.94
CA LEU E 139 -14.51 -13.09 50.86
C LEU E 139 -13.52 -14.17 51.30
N MET E 140 -13.25 -14.29 52.61
CA MET E 140 -12.51 -15.45 53.09
C MET E 140 -13.42 -16.67 53.23
N ASN E 141 -14.20 -16.95 52.19
CA ASN E 141 -14.94 -18.21 52.08
C ASN E 141 -14.88 -18.83 50.70
N ILE E 142 -14.60 -18.07 49.66
CA ILE E 142 -14.41 -18.61 48.31
C ILE E 142 -12.96 -19.00 48.08
N ILE E 143 -12.03 -18.12 48.47
CA ILE E 143 -10.61 -18.42 48.33
C ILE E 143 -10.24 -19.62 49.19
N ASN E 144 -10.72 -19.65 50.43
CA ASN E 144 -10.42 -20.76 51.34
C ASN E 144 -11.11 -22.06 50.92
N ASP E 145 -12.07 -22.00 50.01
CA ASP E 145 -12.71 -23.20 49.48
C ASP E 145 -12.05 -23.70 48.21
N ILE E 146 -11.59 -22.80 47.34
CA ILE E 146 -10.83 -23.20 46.17
C ILE E 146 -9.48 -23.81 46.59
N GLN E 147 -8.78 -23.12 47.47
CA GLN E 147 -7.51 -23.61 48.01
C GLN E 147 -7.61 -23.70 49.53
N PRO E 148 -7.86 -24.88 50.08
CA PRO E 148 -8.02 -25.01 51.54
C PRO E 148 -6.76 -24.60 52.29
N LEU E 149 -6.93 -24.41 53.60
CA LEU E 149 -5.87 -23.97 54.50
C LEU E 149 -5.31 -25.14 55.31
N THR E 150 -5.23 -26.32 54.70
CA THR E 150 -4.72 -27.49 55.37
C THR E 150 -3.19 -27.46 55.40
N ASP E 151 -2.60 -28.52 55.95
CA ASP E 151 -1.15 -28.64 55.99
C ASP E 151 -0.59 -29.31 54.74
N GLU E 152 -1.39 -30.14 54.07
CA GLU E 152 -0.94 -30.78 52.83
C GLU E 152 -1.01 -29.82 51.65
N ASN E 153 -1.73 -28.71 51.77
CA ASN E 153 -1.91 -27.76 50.69
C ASN E 153 -1.21 -26.43 50.94
N LYS E 154 -0.24 -26.41 51.86
CA LYS E 154 0.42 -25.16 52.21
C LYS E 154 1.26 -24.62 51.06
N LYS E 155 2.12 -25.45 50.47
CA LYS E 155 2.99 -25.00 49.39
C LYS E 155 2.21 -24.61 48.15
N ASN E 156 1.22 -25.42 47.75
CA ASN E 156 0.42 -25.11 46.57
C ASN E 156 -0.37 -23.82 46.75
N ARG E 157 -0.95 -23.62 47.93
CA ARG E 157 -1.70 -22.39 48.16
C ARG E 157 -0.79 -21.18 48.21
N GLU E 158 0.41 -21.32 48.79
CA GLU E 158 1.35 -20.21 48.79
C GLU E 158 1.79 -19.85 47.38
N LEU E 159 2.03 -20.86 46.54
CA LEU E 159 2.35 -20.59 45.14
C LEU E 159 1.18 -19.91 44.42
N TYR E 160 -0.05 -20.34 44.71
CA TYR E 160 -1.23 -19.72 44.14
C TYR E 160 -1.35 -18.25 44.54
N GLU E 161 -1.12 -17.96 45.82
CA GLU E 161 -1.18 -16.58 46.29
C GLU E 161 -0.08 -15.74 45.66
N LYS E 162 1.13 -16.30 45.52
CA LYS E 162 2.22 -15.57 44.89
C LYS E 162 1.91 -15.27 43.42
N THR E 163 1.35 -16.25 42.71
CA THR E 163 0.98 -16.03 41.31
C THR E 163 -0.09 -14.97 41.18
N LEU E 164 -1.09 -14.97 42.07
CA LEU E 164 -2.10 -13.93 42.03
C LEU E 164 -1.52 -12.56 42.37
N SER E 165 -0.57 -12.50 43.30
CA SER E 165 0.05 -11.24 43.68
C SER E 165 0.89 -10.66 42.56
N SER E 166 1.51 -11.53 41.75
CA SER E 166 2.39 -11.06 40.67
C SER E 166 1.67 -10.17 39.67
N CYS E 167 0.34 -10.24 39.59
CA CYS E 167 -0.41 -9.43 38.63
C CYS E 167 -0.45 -7.95 39.00
N LEU E 168 0.01 -7.58 40.20
CA LEU E 168 0.05 -6.18 40.59
C LEU E 168 1.38 -5.49 40.26
N CYS E 169 2.37 -6.24 39.81
CA CYS E 169 3.71 -5.70 39.58
C CYS E 169 3.91 -5.35 38.12
N GLY E 170 4.40 -4.14 37.87
CA GLY E 170 4.74 -3.72 36.53
C GLY E 170 6.18 -4.06 36.18
N ALA E 171 6.48 -5.36 36.10
CA ALA E 171 7.82 -5.83 35.82
C ALA E 171 7.73 -7.13 35.05
N THR E 172 8.88 -7.57 34.55
CA THR E 172 8.96 -8.80 33.76
C THR E 172 9.06 -10.01 34.69
N LYS E 173 8.27 -11.04 34.37
CA LYS E 173 8.26 -12.28 35.15
C LYS E 173 8.94 -13.38 34.34
N GLY E 174 9.74 -14.19 35.03
CA GLY E 174 10.53 -15.22 34.39
C GLY E 174 9.87 -16.58 34.28
N CYS E 175 8.60 -16.71 34.64
CA CYS E 175 7.92 -17.99 34.58
C CYS E 175 6.51 -17.81 34.06
N LEU E 176 5.97 -18.88 33.47
CA LEU E 176 4.59 -18.96 33.03
C LEU E 176 3.90 -20.01 33.90
N THR E 177 2.71 -19.68 34.42
CA THR E 177 2.04 -20.53 35.37
C THR E 177 0.94 -21.34 34.69
N PHE E 178 0.75 -22.57 35.18
CA PHE E 178 -0.28 -23.47 34.69
C PHE E 178 -1.32 -23.69 35.78
N PHE E 179 -2.56 -23.31 35.50
CA PHE E 179 -3.68 -23.62 36.38
C PHE E 179 -4.27 -24.95 35.90
N PHE E 180 -3.93 -26.03 36.61
CA PHE E 180 -4.28 -27.38 36.21
C PHE E 180 -5.40 -27.88 37.11
N GLY E 181 -6.51 -28.30 36.51
CA GLY E 181 -7.62 -28.80 37.27
C GLY E 181 -8.75 -29.23 36.35
N GLU E 182 -9.85 -29.65 36.97
CA GLU E 182 -11.03 -30.09 36.24
C GLU E 182 -11.98 -28.91 36.03
N THR E 183 -13.19 -29.19 35.59
CA THR E 183 -14.18 -28.14 35.33
C THR E 183 -14.91 -27.78 36.62
N ALA E 184 -15.24 -26.50 36.75
CA ALA E 184 -15.96 -25.97 37.92
C ALA E 184 -15.23 -26.29 39.22
N THR E 185 -13.91 -26.13 39.21
CA THR E 185 -13.08 -26.39 40.38
C THR E 185 -12.52 -25.13 41.02
N GLY E 186 -12.78 -23.96 40.43
CA GLY E 186 -12.34 -22.71 41.02
C GLY E 186 -11.48 -21.84 40.12
N LYS E 187 -11.09 -22.37 38.97
CA LYS E 187 -10.22 -21.63 38.07
C LYS E 187 -10.94 -20.44 37.45
N SER E 188 -12.16 -20.66 36.94
CA SER E 188 -12.92 -19.57 36.34
C SER E 188 -13.31 -18.52 37.37
N THR E 189 -13.60 -18.94 38.60
CA THR E 189 -13.88 -17.98 39.66
C THR E 189 -12.68 -17.09 39.93
N THR E 190 -11.48 -17.69 39.97
CA THR E 190 -10.26 -16.89 40.13
C THR E 190 -10.06 -15.94 38.96
N LYS E 191 -10.32 -16.41 37.74
CA LYS E 191 -10.16 -15.54 36.57
C LYS E 191 -11.10 -14.34 36.65
N ARG E 192 -12.36 -14.59 37.01
CA ARG E 192 -13.33 -13.50 37.09
C ARG E 192 -12.99 -12.54 38.23
N LEU E 193 -12.54 -13.06 39.37
CA LEU E 193 -12.15 -12.19 40.48
C LEU E 193 -10.96 -11.31 40.09
N LEU E 194 -9.97 -11.89 39.40
CA LEU E 194 -8.82 -11.12 38.96
C LEU E 194 -9.21 -10.07 37.93
N LYS E 195 -10.11 -10.42 37.01
CA LYS E 195 -10.57 -9.46 36.02
C LYS E 195 -11.30 -8.30 36.68
N SER E 196 -12.11 -8.59 37.70
CA SER E 196 -12.79 -7.53 38.43
C SER E 196 -11.83 -6.67 39.23
N ALA E 197 -10.77 -7.28 39.79
CA ALA E 197 -9.89 -6.55 40.70
C ALA E 197 -8.97 -5.56 39.96
N ILE E 198 -8.43 -5.94 38.80
CA ILE E 198 -7.48 -5.09 38.10
C ILE E 198 -8.05 -4.50 36.82
N GLY E 199 -9.18 -4.98 36.33
CA GLY E 199 -9.86 -4.36 35.21
C GLY E 199 -9.15 -4.43 33.88
N ASP E 200 -8.80 -3.27 33.32
CA ASP E 200 -8.26 -3.18 31.97
C ASP E 200 -6.81 -3.66 31.86
N LEU E 201 -6.15 -3.93 32.99
CA LEU E 201 -4.81 -4.51 32.97
C LEU E 201 -4.83 -6.03 32.79
N PHE E 202 -5.97 -6.57 32.33
CA PHE E 202 -6.18 -8.00 32.19
C PHE E 202 -6.57 -8.30 30.74
N VAL E 203 -6.12 -9.46 30.25
CA VAL E 203 -6.31 -9.84 28.85
C VAL E 203 -6.54 -11.35 28.75
N GLU E 204 -7.45 -11.75 27.87
CA GLU E 204 -7.68 -13.13 27.53
C GLU E 204 -7.26 -13.37 26.09
N THR E 205 -6.52 -14.47 25.85
CA THR E 205 -6.08 -14.83 24.51
C THR E 205 -6.44 -16.29 24.24
N GLY E 206 -6.13 -16.73 23.03
CA GLY E 206 -6.38 -18.11 22.64
C GLY E 206 -5.13 -18.95 22.56
N GLN E 207 -4.75 -19.36 21.34
CA GLN E 207 -3.59 -20.21 21.14
C GLN E 207 -2.65 -19.67 20.06
N THR E 208 -2.95 -18.52 19.46
CA THR E 208 -2.08 -17.96 18.44
C THR E 208 -0.73 -17.50 18.98
N ILE E 209 -0.65 -17.25 20.30
CA ILE E 209 0.61 -16.85 20.91
C ILE E 209 1.37 -18.03 21.51
N LEU E 210 0.76 -19.21 21.57
CA LEU E 210 1.37 -20.38 22.17
C LEU E 210 1.80 -21.43 21.15
N THR E 211 0.95 -21.72 20.16
CA THR E 211 1.25 -22.76 19.17
C THR E 211 1.80 -22.20 17.87
N ASP E 212 1.56 -20.94 17.55
CA ASP E 212 1.97 -20.35 16.29
C ASP E 212 3.31 -19.65 16.44
N VAL E 213 3.70 -18.91 15.40
CA VAL E 213 4.97 -18.19 15.35
C VAL E 213 4.70 -16.72 15.65
N LEU E 214 5.51 -16.14 16.53
CA LEU E 214 5.30 -14.75 16.94
C LEU E 214 5.48 -13.78 15.79
N ASP E 215 6.58 -13.94 15.03
CA ASP E 215 6.90 -13.07 13.91
C ASP E 215 6.25 -13.60 12.64
N LYS E 216 6.70 -13.09 11.49
CA LYS E 216 6.15 -13.45 10.17
C LYS E 216 4.67 -13.07 10.07
N GLY E 217 4.45 -11.75 10.08
CA GLY E 217 3.15 -11.20 9.83
C GLY E 217 2.61 -10.39 11.00
N PRO E 218 1.45 -9.78 10.82
CA PRO E 218 0.83 -9.03 11.92
C PRO E 218 0.38 -9.98 13.03
N ASN E 219 0.63 -9.58 14.27
CA ASN E 219 0.21 -10.33 15.45
C ASN E 219 -0.49 -9.35 16.38
N PRO E 220 -1.75 -9.01 16.10
CA PRO E 220 -2.45 -8.02 16.92
C PRO E 220 -2.68 -8.46 18.35
N PHE E 221 -2.65 -9.77 18.62
CA PHE E 221 -2.88 -10.28 19.97
C PHE E 221 -1.64 -10.23 20.84
N ILE E 222 -0.48 -9.89 20.28
CA ILE E 222 0.74 -9.74 21.06
C ILE E 222 1.12 -8.27 21.26
N ALA E 223 0.91 -7.41 20.26
CA ALA E 223 1.08 -5.98 20.47
C ALA E 223 0.04 -5.41 21.43
N ASN E 224 -1.04 -6.14 21.68
CA ASN E 224 -2.05 -5.74 22.66
C ASN E 224 -1.59 -5.99 24.09
N MET E 225 -0.61 -6.87 24.30
CA MET E 225 -0.09 -7.16 25.63
C MET E 225 0.90 -6.12 26.12
N HIS E 226 1.07 -5.02 25.39
CA HIS E 226 2.03 -3.99 25.76
C HIS E 226 1.62 -3.33 27.08
N LEU E 227 2.52 -3.35 28.05
CA LEU E 227 2.35 -2.69 29.35
C LEU E 227 1.15 -3.23 30.13
N LYS E 228 0.76 -4.47 29.91
CA LYS E 228 -0.37 -5.08 30.61
C LYS E 228 0.14 -6.15 31.56
N ARG E 229 -0.48 -6.23 32.74
CA ARG E 229 0.08 -6.94 33.87
C ARG E 229 -0.30 -8.42 33.94
N SER E 230 -1.34 -8.85 33.22
CA SER E 230 -1.74 -10.24 33.32
C SER E 230 -2.39 -10.69 32.02
N VAL E 231 -2.11 -11.93 31.62
CA VAL E 231 -2.65 -12.52 30.41
C VAL E 231 -3.09 -13.95 30.73
N PHE E 232 -4.31 -14.29 30.34
CA PHE E 232 -4.88 -15.62 30.55
C PHE E 232 -5.05 -16.32 29.21
N CYS E 233 -4.47 -17.52 29.09
CA CYS E 233 -4.77 -18.42 27.99
C CYS E 233 -5.89 -19.35 28.47
N SER E 234 -7.13 -19.04 28.09
CA SER E 234 -8.28 -19.63 28.75
C SER E 234 -8.67 -20.98 28.16
N GLU E 235 -8.95 -21.02 26.85
CA GLU E 235 -9.54 -22.20 26.20
C GLU E 235 -8.44 -23.01 25.53
N LEU E 236 -7.90 -23.98 26.27
CA LEU E 236 -6.94 -24.90 25.68
C LEU E 236 -7.67 -26.04 24.97
N PRO E 237 -7.42 -26.24 23.68
CA PRO E 237 -7.95 -27.44 23.02
C PRO E 237 -7.25 -28.69 23.54
N ASP E 238 -7.93 -29.82 23.40
CA ASP E 238 -7.40 -31.09 23.89
C ASP E 238 -6.21 -31.52 23.02
N PHE E 239 -5.00 -31.26 23.51
CA PHE E 239 -3.79 -31.59 22.76
C PHE E 239 -3.51 -33.09 22.81
N SER E 244 -3.62 -31.91 16.35
CA SER E 244 -3.48 -30.65 17.07
C SER E 244 -2.04 -30.17 17.07
N LYS E 245 -1.85 -28.87 17.33
CA LYS E 245 -0.53 -28.29 17.40
C LYS E 245 0.02 -28.38 18.83
N LYS E 246 1.34 -28.47 18.93
CA LYS E 246 1.99 -28.66 20.21
C LYS E 246 2.33 -27.31 20.85
N ILE E 247 2.95 -27.36 22.03
CA ILE E 247 3.17 -26.15 22.81
C ILE E 247 4.24 -25.26 22.19
N ARG E 248 5.23 -25.87 21.52
CA ARG E 248 6.29 -25.12 20.84
C ARG E 248 7.07 -24.26 21.85
N SER E 249 7.83 -24.97 22.68
CA SER E 249 8.57 -24.38 23.80
C SER E 249 9.36 -23.13 23.42
N ASP E 250 9.72 -22.96 22.15
CA ASP E 250 10.39 -21.74 21.73
C ASP E 250 9.50 -20.51 21.99
N ASN E 251 8.20 -20.66 21.80
CA ASN E 251 7.27 -19.56 22.04
C ASN E 251 7.27 -19.16 23.51
N ILE E 252 7.20 -20.16 24.42
CA ILE E 252 7.18 -19.84 25.84
C ILE E 252 8.52 -19.28 26.29
N LYS E 253 9.62 -19.69 25.65
CA LYS E 253 10.90 -19.04 25.92
C LYS E 253 10.89 -17.58 25.48
N LYS E 254 10.29 -17.30 24.32
CA LYS E 254 10.23 -15.93 23.84
C LYS E 254 9.30 -15.06 24.66
N LEU E 255 8.38 -15.66 25.41
CA LEU E 255 7.43 -14.90 26.23
C LEU E 255 7.99 -14.52 27.59
N THR E 256 9.24 -14.89 27.88
CA THR E 256 9.88 -14.59 29.16
C THR E 256 10.74 -13.33 29.12
N GLU E 257 11.30 -12.99 27.96
CA GLU E 257 12.19 -11.85 27.85
C GLU E 257 11.43 -10.55 28.09
N PRO E 258 12.13 -9.51 28.58
CA PRO E 258 11.45 -8.21 28.79
C PRO E 258 10.85 -7.63 27.53
N CYS E 259 11.49 -7.84 26.37
CA CYS E 259 11.03 -7.30 25.11
C CYS E 259 10.47 -8.43 24.25
N VAL E 260 9.30 -8.19 23.67
CA VAL E 260 8.62 -9.16 22.80
C VAL E 260 8.58 -8.58 21.40
N ILE E 261 8.89 -9.41 20.41
CA ILE E 261 8.96 -9.00 19.02
C ILE E 261 7.66 -9.36 18.32
N GLY E 262 7.04 -8.37 17.70
CA GLY E 262 5.79 -8.55 17.00
C GLY E 262 5.17 -7.22 16.63
N ARG E 263 4.41 -7.17 15.54
CA ARG E 263 3.86 -5.90 15.07
C ARG E 263 2.38 -6.02 14.82
N PRO E 264 1.63 -4.92 14.95
CA PRO E 264 0.21 -4.93 14.60
C PRO E 264 -0.03 -4.86 13.11
N CYS E 265 -1.28 -4.75 12.70
CA CYS E 265 -1.62 -4.52 11.30
C CYS E 265 -1.33 -3.08 10.91
N PHE E 266 -0.78 -2.90 9.70
CA PHE E 266 -0.49 -1.59 9.14
C PHE E 266 0.49 -0.79 10.00
N SER E 267 1.41 -1.47 10.67
CA SER E 267 2.32 -0.82 11.60
C SER E 267 3.75 -1.29 11.37
N ASN E 268 4.70 -0.46 11.77
CA ASN E 268 6.12 -0.75 11.64
C ASN E 268 6.82 -0.99 12.98
N LYS E 269 6.12 -0.78 14.10
CA LYS E 269 6.72 -0.99 15.41
C LYS E 269 6.74 -2.48 15.74
N ILE E 270 7.90 -2.99 16.16
CA ILE E 270 8.09 -4.42 16.31
C ILE E 270 8.57 -4.78 17.71
N ASN E 271 8.60 -3.81 18.61
CA ASN E 271 9.08 -4.01 19.97
C ASN E 271 7.98 -3.69 20.97
N ASN E 272 7.76 -4.60 21.92
CA ASN E 272 6.76 -4.40 22.96
C ASN E 272 7.35 -4.74 24.32
N ARG E 273 6.90 -4.02 25.35
CA ARG E 273 7.36 -4.23 26.72
C ARG E 273 6.47 -5.25 27.41
N ASN E 274 7.08 -6.23 28.06
CA ASN E 274 6.37 -7.36 28.67
C ASN E 274 6.38 -7.20 30.18
N HIS E 275 5.22 -6.87 30.75
CA HIS E 275 5.03 -6.81 32.19
C HIS E 275 3.97 -7.81 32.66
N ALA E 276 3.66 -8.81 31.84
CA ALA E 276 2.48 -9.64 32.01
C ALA E 276 2.80 -10.89 32.82
N THR E 277 1.87 -11.26 33.71
CA THR E 277 1.86 -12.57 34.34
C THR E 277 1.03 -13.49 33.46
N ILE E 278 1.67 -14.50 32.89
CA ILE E 278 1.02 -15.38 31.92
C ILE E 278 0.52 -16.63 32.66
N ILE E 279 -0.78 -16.84 32.63
CA ILE E 279 -1.42 -17.98 33.27
C ILE E 279 -2.20 -18.75 32.21
N ILE E 280 -1.93 -20.05 32.11
CA ILE E 280 -2.57 -20.91 31.12
C ILE E 280 -3.50 -21.87 31.86
N ASP E 281 -4.79 -21.83 31.51
CA ASP E 281 -5.79 -22.70 32.12
C ASP E 281 -5.79 -24.03 31.37
N THR E 282 -5.33 -25.09 32.03
CA THR E 282 -5.17 -26.38 31.40
C THR E 282 -6.02 -27.42 32.11
N ASN E 283 -6.63 -28.32 31.34
CA ASN E 283 -7.39 -29.43 31.87
C ASN E 283 -6.77 -30.78 31.54
N TYR E 284 -5.86 -30.83 30.57
CA TYR E 284 -5.22 -32.07 30.15
C TYR E 284 -3.72 -31.89 30.21
N LYS E 285 -3.00 -33.00 30.27
CA LYS E 285 -1.54 -32.95 30.36
C LYS E 285 -0.96 -32.34 29.09
N PRO E 286 -0.20 -31.24 29.20
CA PRO E 286 0.37 -30.62 28.00
C PRO E 286 1.49 -31.44 27.41
N VAL E 287 1.66 -31.30 26.10
CA VAL E 287 2.71 -31.98 25.34
C VAL E 287 3.55 -30.92 24.64
N PHE E 288 4.87 -31.02 24.81
CA PHE E 288 5.80 -30.03 24.27
C PHE E 288 6.51 -30.58 23.04
N ASP E 289 6.82 -29.68 22.11
CA ASP E 289 7.60 -30.05 20.94
C ASP E 289 8.97 -30.58 21.34
N ARG E 290 9.63 -29.88 22.26
CA ARG E 290 10.97 -30.24 22.73
C ARG E 290 11.09 -29.89 24.19
N ILE E 291 11.65 -30.81 24.98
CA ILE E 291 11.83 -30.61 26.41
C ILE E 291 13.32 -30.59 26.71
N ASP E 292 13.80 -29.45 27.20
CA ASP E 292 15.19 -29.30 27.60
C ASP E 292 15.22 -28.57 28.94
N ASN E 293 16.42 -28.41 29.49
CA ASN E 293 16.58 -27.78 30.79
C ASN E 293 16.12 -26.33 30.80
N ALA E 294 16.17 -25.64 29.65
CA ALA E 294 15.67 -24.28 29.59
C ALA E 294 14.16 -24.23 29.73
N LEU E 295 13.45 -25.25 29.22
CA LEU E 295 12.00 -25.31 29.37
C LEU E 295 11.62 -25.59 30.82
N MET E 296 12.37 -26.46 31.50
CA MET E 296 12.10 -26.77 32.90
C MET E 296 12.19 -25.55 33.81
N ARG E 297 13.00 -24.56 33.44
CA ARG E 297 13.28 -23.42 34.28
C ARG E 297 12.24 -22.31 34.16
N ARG E 298 11.22 -22.48 33.32
CA ARG E 298 10.24 -21.43 33.05
C ARG E 298 8.80 -21.89 33.24
N ILE E 299 8.58 -23.00 33.94
CA ILE E 299 7.25 -23.59 34.07
C ILE E 299 6.92 -23.78 35.55
N ALA E 300 5.74 -23.32 35.94
CA ALA E 300 5.22 -23.54 37.29
C ALA E 300 3.79 -24.04 37.18
N VAL E 301 3.39 -24.88 38.13
CA VAL E 301 2.09 -25.53 38.10
C VAL E 301 1.36 -25.27 39.41
N VAL E 302 0.14 -24.74 39.31
CA VAL E 302 -0.78 -24.63 40.43
C VAL E 302 -1.95 -25.56 40.13
N ARG E 303 -2.19 -26.51 41.03
CA ARG E 303 -3.18 -27.54 40.81
C ARG E 303 -4.42 -27.30 41.67
N PHE E 304 -5.59 -27.52 41.06
CA PHE E 304 -6.88 -27.35 41.72
C PHE E 304 -7.51 -28.73 41.88
N ARG E 305 -7.66 -29.18 43.13
CA ARG E 305 -8.16 -30.51 43.43
C ARG E 305 -9.21 -30.45 44.54
N THR E 306 -10.14 -29.52 44.43
CA THR E 306 -11.23 -29.37 45.40
C THR E 306 -12.53 -29.27 44.61
N HIS E 307 -13.20 -30.41 44.43
CA HIS E 307 -14.47 -30.42 43.72
C HIS E 307 -15.54 -29.71 44.53
N PHE E 308 -16.40 -28.97 43.83
CA PHE E 308 -17.47 -28.23 44.48
C PHE E 308 -18.71 -29.09 44.65
N GLU E 331 -26.36 -20.37 43.46
CA GLU E 331 -25.94 -19.78 42.20
C GLU E 331 -25.57 -18.31 42.40
N GLY E 332 -25.36 -17.92 43.66
CA GLY E 332 -25.00 -16.55 43.96
C GLY E 332 -23.64 -16.17 43.39
N LEU E 333 -22.70 -17.11 43.39
CA LEU E 333 -21.35 -16.84 42.91
C LEU E 333 -21.27 -16.93 41.40
N ASP E 334 -22.21 -16.30 40.70
CA ASP E 334 -22.15 -16.18 39.24
C ASP E 334 -22.46 -14.78 38.73
N GLY E 335 -23.19 -13.96 39.48
CA GLY E 335 -23.48 -12.61 39.05
C GLY E 335 -22.96 -11.58 40.03
N LYS E 336 -22.76 -12.00 41.29
CA LYS E 336 -22.17 -11.12 42.28
C LYS E 336 -20.75 -10.75 41.90
N ILE E 337 -19.97 -11.72 41.41
CA ILE E 337 -18.65 -11.41 40.89
C ILE E 337 -18.75 -10.56 39.63
N GLN E 338 -19.70 -10.88 38.75
CA GLN E 338 -19.90 -10.08 37.55
C GLN E 338 -20.45 -8.70 37.85
N ASN E 339 -21.02 -8.49 39.03
CA ASN E 339 -21.50 -7.18 39.46
C ASN E 339 -20.43 -6.37 40.16
N ASN E 340 -19.19 -6.86 40.18
CA ASN E 340 -18.04 -6.14 40.75
C ASN E 340 -18.21 -5.92 42.25
N ARG E 341 -18.83 -6.90 42.92
CA ARG E 341 -19.00 -6.81 44.36
C ARG E 341 -17.67 -7.00 45.08
N TYR E 342 -16.91 -8.02 44.69
CA TYR E 342 -15.59 -8.28 45.27
C TYR E 342 -14.48 -7.58 44.49
N ARG E 343 -14.65 -6.27 44.26
CA ARG E 343 -13.66 -5.51 43.51
C ARG E 343 -12.61 -4.87 44.42
N PHE E 344 -13.03 -4.30 45.54
CA PHE E 344 -12.11 -3.69 46.49
C PHE E 344 -11.82 -4.60 47.68
N ALA E 345 -12.41 -5.79 47.73
CA ALA E 345 -12.06 -6.78 48.73
C ALA E 345 -10.95 -7.71 48.24
N PHE E 346 -11.06 -8.18 47.00
CA PHE E 346 -9.99 -8.99 46.42
C PHE E 346 -8.73 -8.17 46.23
N LEU E 347 -8.89 -6.87 45.94
CA LEU E 347 -7.73 -6.00 45.82
C LEU E 347 -6.96 -5.84 47.12
N TYR E 348 -7.67 -5.78 48.25
CA TYR E 348 -7.00 -5.73 49.55
C TYR E 348 -6.22 -7.01 49.83
N LEU E 349 -6.80 -8.16 49.49
CA LEU E 349 -6.07 -9.42 49.62
C LEU E 349 -4.84 -9.43 48.73
N LEU E 350 -4.97 -8.94 47.50
CA LEU E 350 -3.83 -8.89 46.59
C LEU E 350 -2.72 -8.00 47.13
N VAL E 351 -3.08 -6.85 47.71
CA VAL E 351 -2.08 -5.96 48.29
C VAL E 351 -1.40 -6.61 49.49
N LYS E 352 -2.19 -7.29 50.34
CA LYS E 352 -1.62 -7.96 51.50
C LYS E 352 -0.63 -9.04 51.08
N TRP E 353 -1.02 -9.86 50.09
CA TRP E 353 -0.13 -10.91 49.61
C TRP E 353 1.10 -10.33 48.90
N TYR E 354 0.93 -9.20 48.20
CA TYR E 354 2.06 -8.48 47.63
C TYR E 354 3.06 -8.10 48.70
N LYS E 355 2.56 -7.56 49.81
CA LYS E 355 3.44 -7.21 50.92
C LYS E 355 4.10 -8.45 51.51
N LYS E 356 3.36 -9.57 51.55
CA LYS E 356 3.89 -10.79 52.16
C LYS E 356 5.03 -11.40 51.36
N TYR E 357 5.01 -11.26 50.04
CA TYR E 357 5.94 -11.97 49.16
C TYR E 357 7.05 -11.08 48.60
N HIS E 358 7.19 -9.86 49.11
CA HIS E 358 8.29 -8.98 48.73
C HIS E 358 9.26 -8.91 49.90
N ILE E 359 10.27 -9.78 49.87
CA ILE E 359 11.20 -9.90 51.00
C ILE E 359 12.67 -9.87 50.58
N PRO E 360 13.16 -8.79 49.96
CA PRO E 360 12.46 -7.60 49.46
C PRO E 360 12.19 -7.71 47.96
N ILE E 361 12.58 -8.82 47.35
CA ILE E 361 12.43 -9.05 45.92
C ILE E 361 11.57 -10.28 45.72
N MET E 362 10.52 -10.14 44.92
CA MET E 362 9.62 -11.26 44.62
C MET E 362 10.06 -11.89 43.31
N LYS E 363 10.30 -13.20 43.34
CA LYS E 363 10.75 -13.93 42.16
C LYS E 363 9.96 -15.23 42.05
N LEU E 364 9.48 -15.53 40.84
CA LEU E 364 8.72 -16.74 40.59
C LEU E 364 9.69 -17.89 40.29
N TYR E 365 9.51 -19.03 40.99
CA TYR E 365 10.41 -20.16 40.83
C TYR E 365 9.70 -21.32 40.13
N PRO E 366 10.42 -22.09 39.33
CA PRO E 366 9.81 -23.22 38.64
C PRO E 366 9.56 -24.40 39.58
N THR E 367 8.62 -25.24 39.19
CA THR E 367 8.29 -26.47 39.89
C THR E 367 8.29 -27.62 38.89
N PRO E 368 9.46 -28.07 38.45
CA PRO E 368 9.52 -29.06 37.37
C PRO E 368 9.08 -30.47 37.79
N GLU E 369 8.83 -30.69 39.08
CA GLU E 369 8.38 -32.00 39.54
C GLU E 369 6.87 -32.20 39.49
N GLU E 370 6.09 -31.13 39.33
CA GLU E 370 4.64 -31.22 39.26
C GLU E 370 4.14 -31.44 37.83
N ILE E 371 5.03 -31.76 36.89
CA ILE E 371 4.65 -32.05 35.51
C ILE E 371 5.00 -33.51 35.22
N PRO E 372 4.02 -34.33 34.83
CA PRO E 372 4.31 -35.74 34.52
C PRO E 372 5.26 -35.91 33.36
N ASP E 373 5.21 -34.98 32.40
CA ASP E 373 6.06 -35.09 31.22
C ASP E 373 7.53 -34.86 31.54
N PHE E 374 7.82 -34.17 32.64
CA PHE E 374 9.20 -33.87 33.04
C PHE E 374 9.79 -34.91 33.96
N ALA E 375 9.06 -36.00 34.24
CA ALA E 375 9.51 -37.03 35.16
C ALA E 375 10.76 -37.74 34.64
N PHE E 376 10.71 -38.24 33.41
CA PHE E 376 11.81 -39.01 32.86
C PHE E 376 13.03 -38.13 32.59
N TYR E 377 12.80 -36.91 32.10
CA TYR E 377 13.89 -36.04 31.70
C TYR E 377 14.74 -35.61 32.89
N LEU E 378 14.16 -35.62 34.09
CA LEU E 378 14.91 -35.23 35.29
C LEU E 378 16.01 -36.26 35.60
N LYS E 379 15.65 -37.54 35.58
CA LYS E 379 16.60 -38.60 35.91
C LYS E 379 17.59 -38.83 34.78
N ILE E 380 17.08 -39.17 33.60
CA ILE E 380 17.94 -39.43 32.44
C ILE E 380 18.54 -38.13 31.93
N ASN F 2 -16.14 35.58 23.46
CA ASN F 2 -16.93 35.94 24.64
C ASN F 2 -18.41 35.63 24.40
N LYS F 3 -19.03 36.35 23.47
CA LYS F 3 -20.44 36.10 23.15
C LYS F 3 -20.63 34.70 22.59
N LEU F 4 -19.77 34.29 21.66
CA LEU F 4 -19.85 32.94 21.11
C LEU F 4 -19.52 31.88 22.16
N PHE F 5 -18.57 32.15 23.05
CA PHE F 5 -18.31 31.23 24.15
C PHE F 5 -19.52 31.13 25.08
N ASN F 6 -20.20 32.25 25.33
CA ASN F 6 -21.42 32.20 26.13
C ASN F 6 -22.50 31.36 25.45
N ILE F 7 -22.65 31.53 24.13
CA ILE F 7 -23.64 30.74 23.40
C ILE F 7 -23.31 29.26 23.47
N ALA F 8 -22.03 28.91 23.30
CA ALA F 8 -21.62 27.51 23.39
C ALA F 8 -21.85 26.97 24.79
N GLN F 9 -21.61 27.78 25.83
CA GLN F 9 -21.86 27.36 27.20
C GLN F 9 -23.34 27.11 27.45
N ARG F 10 -24.21 27.97 26.91
CA ARG F 10 -25.64 27.78 27.10
C ARG F 10 -26.11 26.49 26.43
N ILE F 11 -25.57 26.17 25.25
CA ILE F 11 -25.93 24.93 24.58
C ILE F 11 -25.41 23.73 25.36
N LEU F 12 -24.22 23.85 25.96
CA LEU F 12 -23.65 22.74 26.71
C LEU F 12 -24.46 22.39 27.94
N ASP F 13 -25.30 23.31 28.42
CA ASP F 13 -26.11 23.06 29.60
C ASP F 13 -27.32 22.19 29.33
N THR F 14 -27.64 21.90 28.06
CA THR F 14 -28.76 21.07 27.69
C THR F 14 -28.38 19.61 27.49
N ASN F 15 -27.09 19.27 27.56
CA ASN F 15 -26.61 17.89 27.44
C ASN F 15 -27.07 17.25 26.13
N SER F 16 -27.10 18.04 25.06
CA SER F 16 -27.50 17.55 23.75
C SER F 16 -26.34 16.94 22.97
N VAL F 17 -25.10 17.16 23.38
CA VAL F 17 -23.93 16.58 22.74
C VAL F 17 -23.16 15.81 23.80
N LEU F 18 -22.77 14.58 23.47
CA LEU F 18 -21.99 13.75 24.37
C LEU F 18 -20.84 13.10 23.60
N LEU F 19 -19.80 12.74 24.33
CA LEU F 19 -18.62 12.12 23.76
C LEU F 19 -18.51 10.67 24.23
N THR F 20 -18.39 9.75 23.28
CA THR F 20 -18.27 8.34 23.59
C THR F 20 -16.80 7.94 23.74
N GLU F 21 -16.59 6.79 24.39
CA GLU F 21 -15.22 6.31 24.61
C GLU F 21 -14.51 5.94 23.32
N ARG F 22 -15.26 5.55 22.28
CA ARG F 22 -14.64 5.15 21.03
C ARG F 22 -13.98 6.33 20.30
N GLY F 23 -14.40 7.56 20.59
CA GLY F 23 -13.82 8.73 19.95
C GLY F 23 -14.76 9.41 18.99
N ASP F 24 -16.06 9.38 19.29
CA ASP F 24 -17.07 10.02 18.47
C ASP F 24 -18.01 10.81 19.36
N HIS F 25 -18.90 11.58 18.72
CA HIS F 25 -19.89 12.38 19.42
C HIS F 25 -21.29 11.94 19.03
N ILE F 26 -22.20 12.01 19.99
CA ILE F 26 -23.61 11.71 19.79
C ILE F 26 -24.41 12.98 20.05
N VAL F 27 -25.34 13.28 19.15
CA VAL F 27 -26.12 14.51 19.19
C VAL F 27 -27.59 14.16 19.33
N TRP F 28 -28.29 14.85 20.23
CA TRP F 28 -29.71 14.65 20.47
C TRP F 28 -30.49 15.62 19.59
N ILE F 29 -30.87 15.16 18.41
CA ILE F 29 -31.63 15.94 17.45
C ILE F 29 -32.79 15.09 16.94
N ASN F 30 -33.95 15.72 16.74
CA ASN F 30 -35.16 15.03 16.31
C ASN F 30 -35.54 13.91 17.28
N ASN F 31 -35.34 14.16 18.58
CA ASN F 31 -35.69 13.22 19.64
C ASN F 31 -35.05 11.85 19.43
N SER F 32 -33.77 11.84 19.07
CA SER F 32 -33.03 10.60 18.88
C SER F 32 -31.55 10.88 19.01
N TRP F 33 -30.81 9.92 19.57
CA TRP F 33 -29.37 10.04 19.71
C TRP F 33 -28.70 9.55 18.43
N LYS F 34 -28.15 10.49 17.66
CA LYS F 34 -27.51 10.15 16.39
C LYS F 34 -26.00 9.97 16.59
N PHE F 35 -25.29 9.74 15.49
CA PHE F 35 -23.86 9.52 15.51
C PHE F 35 -23.18 10.40 14.48
N ASN F 36 -22.03 10.95 14.83
CA ASN F 36 -21.19 11.66 13.89
C ASN F 36 -20.42 10.64 13.06
N SER F 37 -19.42 11.10 12.30
CA SER F 37 -18.67 10.36 11.29
C SER F 37 -19.55 10.01 10.08
N GLU F 38 -20.85 10.31 10.14
CA GLU F 38 -21.76 10.22 9.00
C GLU F 38 -22.50 11.56 8.93
N GLU F 39 -21.88 12.53 8.25
CA GLU F 39 -22.33 13.91 8.12
C GLU F 39 -22.22 14.63 9.47
N PRO F 40 -21.72 15.86 9.49
CA PRO F 40 -21.60 16.60 10.76
C PRO F 40 -22.97 17.04 11.26
N LEU F 41 -23.28 16.70 12.50
CA LEU F 41 -24.59 17.00 13.09
C LEU F 41 -24.55 18.06 14.18
N ILE F 42 -23.36 18.47 14.63
CA ILE F 42 -23.29 19.44 15.72
C ILE F 42 -23.77 20.81 15.25
N THR F 43 -23.37 21.23 14.04
CA THR F 43 -23.82 22.52 13.52
C THR F 43 -25.31 22.50 13.21
N LYS F 44 -25.84 21.36 12.79
CA LYS F 44 -27.29 21.24 12.62
C LYS F 44 -28.02 21.47 13.94
N LEU F 45 -27.52 20.87 15.02
CA LEU F 45 -28.11 21.10 16.34
C LEU F 45 -27.98 22.57 16.75
N ILE F 46 -26.83 23.18 16.50
CA ILE F 46 -26.63 24.58 16.87
C ILE F 46 -27.64 25.46 16.13
N LEU F 47 -27.86 25.18 14.85
CA LEU F 47 -28.85 25.95 14.10
C LEU F 47 -30.27 25.69 14.58
N SER F 48 -30.57 24.46 15.01
CA SER F 48 -31.93 24.12 15.41
C SER F 48 -32.28 24.53 16.83
N ILE F 49 -31.29 24.89 17.66
CA ILE F 49 -31.55 25.23 19.06
C ILE F 49 -31.66 26.73 19.27
N ARG F 50 -31.42 27.53 18.23
CA ARG F 50 -31.31 28.98 18.38
C ARG F 50 -32.57 29.64 18.90
N HIS F 51 -33.72 28.95 18.85
CA HIS F 51 -34.95 29.54 19.35
C HIS F 51 -34.96 29.65 20.86
N GLN F 52 -34.44 28.64 21.56
CA GLN F 52 -34.40 28.69 23.01
C GLN F 52 -33.47 29.77 23.53
N LEU F 53 -32.39 30.05 22.80
CA LEU F 53 -31.46 31.09 23.19
C LEU F 53 -32.13 32.46 23.07
N PRO F 54 -31.67 33.45 23.84
CA PRO F 54 -32.26 34.79 23.78
C PRO F 54 -32.14 35.40 22.39
N LYS F 55 -32.83 36.53 22.20
CA LYS F 55 -32.97 37.11 20.87
C LYS F 55 -31.64 37.58 20.31
N GLU F 56 -30.79 38.21 21.15
CA GLU F 56 -29.48 38.66 20.69
C GLU F 56 -28.52 37.51 20.40
N TYR F 57 -28.82 36.30 20.86
CA TYR F 57 -27.98 35.14 20.60
C TYR F 57 -28.47 34.31 19.43
N SER F 58 -29.57 34.71 18.79
CA SER F 58 -30.13 33.96 17.67
C SER F 58 -29.68 34.50 16.32
N SER F 59 -29.54 35.82 16.19
CA SER F 59 -29.07 36.40 14.94
C SER F 59 -27.61 36.07 14.65
N GLU F 60 -26.83 35.78 15.69
CA GLU F 60 -25.43 35.40 15.50
C GLU F 60 -25.29 33.99 14.94
N LEU F 61 -26.28 33.14 15.12
CA LEU F 61 -26.19 31.74 14.71
C LEU F 61 -26.68 31.50 13.29
N LEU F 62 -27.12 32.54 12.58
CA LEU F 62 -27.47 32.43 11.18
C LEU F 62 -26.26 32.51 10.27
N CYS F 63 -25.07 32.75 10.83
CA CYS F 63 -23.84 32.87 10.09
C CYS F 63 -23.09 31.54 10.15
N PRO F 64 -22.82 30.89 9.01
CA PRO F 64 -22.17 29.56 9.07
C PRO F 64 -20.80 29.58 9.73
N ARG F 65 -20.03 30.65 9.55
CA ARG F 65 -18.70 30.72 10.14
C ARG F 65 -18.77 30.79 11.67
N LYS F 66 -19.74 31.53 12.21
CA LYS F 66 -19.88 31.62 13.65
C LYS F 66 -20.35 30.30 14.26
N ARG F 67 -21.20 29.57 13.54
CA ARG F 67 -21.61 28.24 14.02
C ARG F 67 -20.42 27.31 14.14
N LYS F 68 -19.45 27.42 13.22
CA LYS F 68 -18.23 26.62 13.33
C LYS F 68 -17.41 27.02 14.55
N THR F 69 -17.36 28.32 14.88
CA THR F 69 -16.68 28.75 16.09
C THR F 69 -17.35 28.18 17.34
N VAL F 70 -18.69 28.21 17.36
CA VAL F 70 -19.41 27.65 18.50
C VAL F 70 -19.17 26.14 18.60
N GLU F 71 -19.12 25.46 17.45
CA GLU F 71 -18.81 24.04 17.45
C GLU F 71 -17.41 23.77 18.00
N ALA F 72 -16.43 24.57 17.58
CA ALA F 72 -15.07 24.39 18.08
C ALA F 72 -14.99 24.63 19.58
N ASN F 73 -15.76 25.61 20.07
CA ASN F 73 -15.84 25.81 21.52
C ASN F 73 -16.46 24.60 22.20
N ILE F 74 -17.52 24.03 21.62
CA ILE F 74 -18.22 22.91 22.24
C ILE F 74 -17.32 21.69 22.32
N ARG F 75 -16.57 21.40 21.25
CA ARG F 75 -15.71 20.22 21.24
C ARG F 75 -14.54 20.32 22.22
N ASP F 76 -14.30 21.50 22.79
CA ASP F 76 -13.22 21.67 23.75
C ASP F 76 -13.68 21.54 25.21
N MET F 77 -14.97 21.75 25.48
CA MET F 77 -15.49 21.58 26.83
C MET F 77 -15.90 20.15 27.13
N LEU F 78 -15.86 19.26 26.15
CA LEU F 78 -16.27 17.86 26.33
C LEU F 78 -15.02 17.03 26.54
N VAL F 79 -14.76 16.64 27.78
CA VAL F 79 -13.57 15.88 28.14
C VAL F 79 -13.90 14.54 28.78
N ASP F 80 -15.07 14.38 29.39
CA ASP F 80 -15.44 13.14 30.06
C ASP F 80 -16.31 12.29 29.14
N SER F 81 -15.90 11.05 28.92
CA SER F 81 -16.63 10.14 28.06
C SER F 81 -17.73 9.43 28.84
N VAL F 82 -18.76 8.99 28.09
CA VAL F 82 -19.89 8.28 28.67
C VAL F 82 -20.14 7.01 27.87
N GLU F 83 -20.78 6.03 28.51
CA GLU F 83 -21.13 4.78 27.86
C GLU F 83 -22.52 4.88 27.24
N THR F 84 -22.78 4.01 26.25
CA THR F 84 -24.01 4.04 25.48
C THR F 84 -24.75 2.72 25.64
N ASP F 85 -26.06 2.81 25.91
CA ASP F 85 -26.95 1.65 25.97
C ASP F 85 -26.48 0.61 26.97
N THR F 86 -26.46 0.97 28.25
CA THR F 86 -26.00 0.05 29.29
C THR F 86 -27.16 -0.45 30.14
N TYR F 87 -28.17 0.39 30.34
CA TYR F 87 -29.33 0.05 31.16
C TYR F 87 -30.04 -1.17 30.59
N PRO F 88 -30.05 -2.30 31.31
CA PRO F 88 -30.58 -3.54 30.74
C PRO F 88 -32.11 -3.63 30.76
N ASP F 89 -32.76 -2.76 31.51
CA ASP F 89 -34.22 -2.79 31.66
C ASP F 89 -34.80 -1.56 30.99
N LYS F 90 -35.01 -1.64 29.67
CA LYS F 90 -35.56 -0.56 28.88
C LYS F 90 -36.07 -1.15 27.56
N LEU F 91 -36.92 -0.38 26.88
CA LEU F 91 -37.48 -0.76 25.58
C LEU F 91 -37.75 0.51 24.79
N PRO F 92 -36.79 0.94 23.96
CA PRO F 92 -36.95 2.21 23.24
C PRO F 92 -38.05 2.16 22.18
N PHE F 93 -38.68 3.32 21.97
CA PHE F 93 -39.70 3.51 20.94
C PHE F 93 -39.46 4.85 20.27
N LYS F 94 -40.22 5.13 19.21
CA LYS F 94 -40.04 6.42 18.53
C LYS F 94 -40.90 7.52 19.15
N ASN F 95 -41.01 7.55 20.47
CA ASN F 95 -41.36 8.78 21.18
C ASN F 95 -40.76 8.77 22.57
N GLY F 96 -40.01 7.72 22.89
CA GLY F 96 -39.47 7.55 24.22
C GLY F 96 -38.98 6.13 24.43
N VAL F 97 -38.73 5.79 25.69
CA VAL F 97 -38.22 4.47 26.07
C VAL F 97 -39.11 3.95 27.19
N LEU F 98 -39.90 2.92 26.90
CA LEU F 98 -40.71 2.25 27.90
C LEU F 98 -39.84 1.57 28.95
N ASP F 99 -40.20 1.70 30.22
CA ASP F 99 -39.47 1.03 31.28
C ASP F 99 -39.87 -0.45 31.31
N LEU F 100 -39.15 -1.24 32.10
CA LEU F 100 -39.29 -2.69 32.10
C LEU F 100 -39.86 -3.23 33.41
N VAL F 101 -40.18 -2.35 34.36
CA VAL F 101 -40.67 -2.81 35.66
C VAL F 101 -42.02 -2.20 36.00
N ASP F 102 -42.13 -0.86 35.96
CA ASP F 102 -43.43 -0.23 36.21
C ASP F 102 -44.36 -0.30 35.01
N GLY F 103 -43.84 -0.55 33.81
CA GLY F 103 -44.63 -0.37 32.61
C GLY F 103 -44.75 1.08 32.17
N MET F 104 -44.06 1.99 32.85
CA MET F 104 -44.08 3.40 32.51
C MET F 104 -43.27 3.65 31.24
N PHE F 105 -43.67 4.68 30.48
CA PHE F 105 -43.07 5.00 29.20
C PHE F 105 -42.62 6.46 29.25
N TYR F 106 -41.37 6.67 29.65
CA TYR F 106 -40.80 8.01 29.69
C TYR F 106 -40.53 8.53 28.27
N SER F 107 -40.81 9.81 28.07
CA SER F 107 -40.71 10.44 26.76
C SER F 107 -40.00 11.77 26.86
N GLY F 108 -39.33 12.15 25.77
CA GLY F 108 -38.71 13.46 25.65
C GLY F 108 -37.54 13.71 26.59
N ASP F 109 -37.74 14.61 27.56
CA ASP F 109 -36.69 15.04 28.46
C ASP F 109 -36.12 13.86 29.26
N ASP F 110 -37.00 13.01 29.78
CA ASP F 110 -36.58 11.82 30.51
C ASP F 110 -36.03 10.72 29.62
N ALA F 111 -36.49 10.63 28.37
CA ALA F 111 -35.95 9.64 27.45
C ALA F 111 -34.52 9.97 27.04
N LYS F 112 -34.06 11.21 27.24
CA LYS F 112 -32.70 11.57 26.89
C LYS F 112 -31.71 10.95 27.86
N LYS F 113 -32.14 10.66 29.08
CA LYS F 113 -31.24 10.08 30.07
C LYS F 113 -30.74 8.71 29.64
N TYR F 114 -31.62 7.90 29.07
CA TYR F 114 -31.23 6.58 28.55
C TYR F 114 -30.63 6.77 27.17
N THR F 115 -29.30 6.78 27.09
CA THR F 115 -28.59 6.96 25.82
C THR F 115 -28.69 5.67 25.03
N CYS F 116 -29.71 5.57 24.19
CA CYS F 116 -29.97 4.38 23.39
C CYS F 116 -29.81 4.71 21.91
N THR F 117 -29.18 3.79 21.17
CA THR F 117 -29.00 3.93 19.73
C THR F 117 -29.89 3.00 18.92
N VAL F 118 -30.48 1.98 19.54
CA VAL F 118 -31.35 1.05 18.86
C VAL F 118 -32.77 1.30 19.35
N SER F 119 -33.77 0.80 18.64
CA SER F 119 -35.16 1.09 18.97
C SER F 119 -36.06 0.01 18.38
N THR F 120 -37.30 0.00 18.85
CA THR F 120 -38.30 -0.94 18.34
C THR F 120 -38.68 -0.60 16.91
N GLY F 121 -39.24 0.59 16.69
CA GLY F 121 -39.53 1.04 15.34
C GLY F 121 -40.91 1.61 15.12
N PHE F 122 -41.70 1.75 16.18
CA PHE F 122 -43.06 2.27 16.03
C PHE F 122 -43.35 3.25 17.17
N LYS F 123 -44.33 4.12 16.93
CA LYS F 123 -44.73 5.13 17.90
C LYS F 123 -45.41 4.50 19.11
N PHE F 124 -45.72 5.31 20.10
CA PHE F 124 -46.35 4.81 21.33
C PHE F 124 -47.32 5.84 21.90
N ASN G 2 -30.33 38.28 8.17
CA ASN G 2 -29.27 37.73 7.33
C ASN G 2 -29.77 37.52 5.90
N LYS G 3 -29.17 38.26 4.97
CA LYS G 3 -29.60 38.18 3.58
C LYS G 3 -29.35 36.80 2.98
N LEU G 4 -28.18 36.22 3.26
CA LEU G 4 -27.87 34.90 2.73
C LEU G 4 -28.73 33.81 3.36
N PHE G 5 -29.04 33.92 4.64
CA PHE G 5 -29.96 32.96 5.26
C PHE G 5 -31.36 33.09 4.69
N ASN G 6 -31.78 34.31 4.38
CA ASN G 6 -33.08 34.51 3.72
C ASN G 6 -33.08 33.91 2.32
N ILE G 7 -31.96 34.04 1.59
CA ILE G 7 -31.85 33.41 0.28
C ILE G 7 -31.95 31.89 0.41
N ALA G 8 -31.25 31.32 1.40
CA ALA G 8 -31.30 29.88 1.60
C ALA G 8 -32.68 29.40 2.06
N GLN G 9 -33.44 30.26 2.74
CA GLN G 9 -34.80 29.90 3.13
C GLN G 9 -35.68 29.68 1.90
N ARG G 10 -35.59 30.56 0.91
CA ARG G 10 -36.43 30.46 -0.28
C ARG G 10 -36.05 29.30 -1.19
N ILE G 11 -34.80 28.85 -1.13
CA ILE G 11 -34.41 27.69 -1.92
C ILE G 11 -34.95 26.41 -1.31
N LEU G 12 -35.02 26.33 0.03
CA LEU G 12 -35.64 25.17 0.67
C LEU G 12 -37.16 25.16 0.55
N ASP G 13 -37.78 26.28 0.24
CA ASP G 13 -39.21 26.27 -0.07
C ASP G 13 -39.44 26.02 -1.55
N THR G 14 -38.74 25.03 -2.09
CA THR G 14 -38.95 24.50 -3.43
C THR G 14 -38.83 22.98 -3.49
N ASN G 15 -38.28 22.34 -2.46
CA ASN G 15 -38.08 20.89 -2.42
C ASN G 15 -37.20 20.42 -3.58
N SER G 16 -36.21 21.23 -3.93
CA SER G 16 -35.25 20.88 -4.97
C SER G 16 -34.05 20.13 -4.44
N VAL G 17 -33.82 20.13 -3.13
CA VAL G 17 -32.74 19.38 -2.51
C VAL G 17 -33.34 18.50 -1.43
N LEU G 18 -33.01 17.21 -1.46
CA LEU G 18 -33.54 16.26 -0.48
C LEU G 18 -32.40 15.44 0.10
N LEU G 19 -32.58 15.03 1.35
CA LEU G 19 -31.61 14.20 2.06
C LEU G 19 -32.10 12.76 2.08
N THR G 20 -31.19 11.83 1.81
CA THR G 20 -31.51 10.41 1.76
C THR G 20 -30.86 9.69 2.94
N GLU G 21 -31.43 8.54 3.29
CA GLU G 21 -30.93 7.76 4.42
C GLU G 21 -29.53 7.23 4.16
N ARG G 22 -29.09 7.19 2.90
CA ARG G 22 -27.72 6.79 2.60
C ARG G 22 -26.69 7.82 3.06
N GLY G 23 -27.13 9.01 3.45
CA GLY G 23 -26.23 10.06 3.90
C GLY G 23 -25.86 11.08 2.86
N ASP G 24 -26.50 11.07 1.70
CA ASP G 24 -26.19 11.98 0.60
C ASP G 24 -27.42 12.80 0.25
N HIS G 25 -27.25 13.69 -0.73
CA HIS G 25 -28.30 14.59 -1.17
C HIS G 25 -28.65 14.32 -2.62
N ILE G 26 -29.91 14.60 -2.97
CA ILE G 26 -30.40 14.53 -4.34
C ILE G 26 -30.91 15.91 -4.72
N VAL G 27 -30.58 16.34 -5.95
CA VAL G 27 -30.87 17.68 -6.42
C VAL G 27 -31.69 17.57 -7.70
N TRP G 28 -32.75 18.37 -7.79
CA TRP G 28 -33.61 18.43 -8.97
C TRP G 28 -33.05 19.48 -9.91
N ILE G 29 -32.17 19.06 -10.81
CA ILE G 29 -31.52 19.95 -11.76
C ILE G 29 -31.66 19.36 -13.16
N ASN G 30 -31.93 20.21 -14.14
CA ASN G 30 -32.13 19.80 -15.53
C ASN G 30 -33.25 18.76 -15.65
N ASN G 31 -34.29 18.93 -14.83
CA ASN G 31 -35.46 18.04 -14.82
C ASN G 31 -35.04 16.58 -14.63
N SER G 32 -34.25 16.34 -13.59
CA SER G 32 -33.81 14.99 -13.26
C SER G 32 -33.30 14.98 -11.82
N TRP G 33 -33.70 13.97 -11.05
CA TRP G 33 -33.30 13.86 -9.65
C TRP G 33 -31.88 13.28 -9.60
N LYS G 34 -30.92 14.13 -9.92
CA LYS G 34 -29.52 13.71 -9.91
C LYS G 34 -29.06 13.42 -8.49
N PHE G 35 -28.33 12.31 -8.33
CA PHE G 35 -27.86 11.84 -7.03
C PHE G 35 -26.38 11.52 -7.19
N ASN G 36 -25.53 12.43 -6.72
CA ASN G 36 -24.10 12.31 -6.93
C ASN G 36 -23.35 12.63 -5.65
N SER G 37 -22.33 11.83 -5.34
CA SER G 37 -21.50 12.01 -4.16
C SER G 37 -20.28 12.87 -4.43
N GLU G 38 -20.03 13.24 -5.68
CA GLU G 38 -18.93 14.11 -6.04
C GLU G 38 -19.44 15.19 -6.99
N GLU G 39 -18.64 16.24 -7.15
CA GLU G 39 -18.96 17.44 -7.92
C GLU G 39 -20.05 18.24 -7.21
N PRO G 40 -19.98 19.58 -7.25
CA PRO G 40 -20.96 20.39 -6.51
C PRO G 40 -22.26 20.52 -7.29
N LEU G 41 -23.31 19.86 -6.81
CA LEU G 41 -24.63 19.97 -7.42
C LEU G 41 -25.51 21.02 -6.75
N ILE G 42 -25.36 21.23 -5.45
CA ILE G 42 -26.16 22.23 -4.77
C ILE G 42 -25.77 23.63 -5.22
N THR G 43 -24.48 23.87 -5.45
CA THR G 43 -24.05 25.16 -5.96
C THR G 43 -24.56 25.39 -7.39
N LYS G 44 -24.56 24.33 -8.20
CA LYS G 44 -25.14 24.43 -9.54
C LYS G 44 -26.62 24.77 -9.48
N LEU G 45 -27.34 24.14 -8.56
CA LEU G 45 -28.76 24.45 -8.40
C LEU G 45 -28.95 25.89 -7.93
N ILE G 46 -28.09 26.36 -7.02
CA ILE G 46 -28.21 27.73 -6.53
C ILE G 46 -27.99 28.72 -7.67
N LEU G 47 -27.01 28.43 -8.55
CA LEU G 47 -26.79 29.31 -9.69
C LEU G 47 -27.94 29.24 -10.69
N SER G 48 -28.53 28.06 -10.87
CA SER G 48 -29.59 27.90 -11.86
C SER G 48 -30.92 28.50 -11.40
N ILE G 49 -31.18 28.47 -10.09
CA ILE G 49 -32.46 28.91 -9.53
C ILE G 49 -32.42 30.42 -9.32
N ARG G 50 -31.37 31.06 -9.85
CA ARG G 50 -31.16 32.49 -9.66
C ARG G 50 -32.33 33.32 -10.21
N HIS G 51 -32.88 32.90 -11.35
CA HIS G 51 -33.89 33.71 -12.03
C HIS G 51 -35.27 33.64 -11.39
N GLN G 52 -35.52 32.63 -10.55
CA GLN G 52 -36.78 32.53 -9.82
C GLN G 52 -36.74 33.23 -8.47
N LEU G 53 -35.87 34.23 -8.34
CA LEU G 53 -35.59 34.90 -7.08
C LEU G 53 -35.66 36.41 -7.30
N PRO G 54 -35.94 37.18 -6.25
CA PRO G 54 -36.02 38.63 -6.42
C PRO G 54 -34.73 39.23 -6.99
N LYS G 55 -34.86 40.46 -7.48
CA LYS G 55 -33.76 41.10 -8.21
C LYS G 55 -32.54 41.29 -7.32
N GLU G 56 -32.74 41.75 -6.08
CA GLU G 56 -31.62 41.95 -5.19
C GLU G 56 -31.03 40.65 -4.68
N TYR G 57 -31.80 39.56 -4.68
CA TYR G 57 -31.28 38.27 -4.27
C TYR G 57 -30.53 37.54 -5.39
N SER G 58 -30.70 37.99 -6.64
CA SER G 58 -30.03 37.33 -7.76
C SER G 58 -28.61 37.83 -7.94
N SER G 59 -28.37 39.13 -7.69
CA SER G 59 -27.03 39.68 -7.81
C SER G 59 -26.08 39.12 -6.78
N GLU G 60 -26.59 38.65 -5.64
CA GLU G 60 -25.73 38.10 -4.60
C GLU G 60 -25.20 36.73 -4.99
N LEU G 61 -25.91 36.00 -5.85
CA LEU G 61 -25.58 34.63 -6.18
C LEU G 61 -24.56 34.51 -7.30
N LEU G 62 -24.05 35.63 -7.83
CA LEU G 62 -23.03 35.58 -8.85
C LEU G 62 -21.63 35.34 -8.27
N CYS G 63 -21.47 35.48 -6.96
CA CYS G 63 -20.19 35.23 -6.31
C CYS G 63 -20.12 33.77 -5.86
N PRO G 64 -19.10 33.01 -6.27
CA PRO G 64 -18.97 31.63 -5.79
C PRO G 64 -18.83 31.55 -4.27
N ARG G 65 -18.15 32.52 -3.66
CA ARG G 65 -17.97 32.51 -2.21
C ARG G 65 -19.30 32.59 -1.47
N LYS G 66 -20.22 33.42 -1.95
CA LYS G 66 -21.54 33.51 -1.35
C LYS G 66 -22.41 32.29 -1.67
N ARG G 67 -22.24 31.70 -2.86
CA ARG G 67 -22.96 30.48 -3.17
C ARG G 67 -22.55 29.35 -2.24
N LYS G 68 -21.27 29.25 -1.90
CA LYS G 68 -20.84 28.26 -0.92
C LYS G 68 -21.42 28.51 0.47
N THR G 69 -21.54 29.77 0.88
CA THR G 69 -22.18 30.07 2.16
C THR G 69 -23.65 29.64 2.15
N VAL G 70 -24.35 29.92 1.05
CA VAL G 70 -25.74 29.48 0.95
C VAL G 70 -25.82 27.96 0.96
N GLU G 71 -24.87 27.29 0.34
CA GLU G 71 -24.83 25.83 0.36
C GLU G 71 -24.65 25.30 1.78
N ALA G 72 -23.75 25.92 2.54
CA ALA G 72 -23.57 25.51 3.93
C ALA G 72 -24.83 25.72 4.74
N ASN G 73 -25.49 26.87 4.55
CA ASN G 73 -26.74 27.13 5.24
C ASN G 73 -27.78 26.06 4.91
N ILE G 74 -27.92 25.73 3.63
CA ILE G 74 -28.91 24.73 3.21
C ILE G 74 -28.58 23.37 3.82
N ARG G 75 -27.31 23.00 3.81
CA ARG G 75 -26.90 21.72 4.38
C ARG G 75 -27.10 21.67 5.90
N ASP G 76 -27.12 22.82 6.56
CA ASP G 76 -27.36 22.83 8.01
C ASP G 76 -28.85 22.82 8.37
N MET G 77 -29.75 22.96 7.39
CA MET G 77 -31.17 22.97 7.68
C MET G 77 -31.89 21.69 7.29
N LEU G 78 -31.19 20.72 6.69
CA LEU G 78 -31.79 19.45 6.29
C LEU G 78 -31.46 18.40 7.33
N VAL G 79 -32.47 18.00 8.12
CA VAL G 79 -32.25 17.14 9.27
C VAL G 79 -32.94 15.79 9.07
N ASP G 80 -34.04 15.79 8.33
CA ASP G 80 -34.85 14.60 8.15
C ASP G 80 -34.68 14.02 6.75
N SER G 81 -34.53 12.70 6.69
CA SER G 81 -34.35 12.02 5.41
C SER G 81 -35.70 11.62 4.82
N VAL G 82 -35.73 11.54 3.49
CA VAL G 82 -36.91 11.11 2.76
C VAL G 82 -36.54 9.88 1.92
N GLU G 83 -37.55 9.09 1.59
CA GLU G 83 -37.38 7.86 0.84
C GLU G 83 -37.69 8.11 -0.64
N THR G 84 -36.88 7.51 -1.51
CA THR G 84 -37.02 7.66 -2.95
C THR G 84 -37.64 6.40 -3.55
N ASP G 85 -38.25 6.57 -4.72
CA ASP G 85 -38.82 5.47 -5.49
C ASP G 85 -39.87 4.72 -4.69
N THR G 86 -40.97 5.39 -4.35
CA THR G 86 -42.04 4.81 -3.55
C THR G 86 -43.16 4.25 -4.42
N TYR G 87 -43.65 5.01 -5.38
CA TYR G 87 -44.79 4.58 -6.18
C TYR G 87 -44.40 3.39 -7.07
N PRO G 88 -45.22 2.35 -7.10
CA PRO G 88 -44.88 1.17 -7.90
C PRO G 88 -45.45 1.20 -9.31
N ASP G 89 -46.35 2.14 -9.59
CA ASP G 89 -47.05 2.20 -10.86
C ASP G 89 -46.51 3.31 -11.76
N LYS G 90 -45.22 3.59 -11.68
CA LYS G 90 -44.62 4.67 -12.44
C LYS G 90 -43.44 4.14 -13.25
N LEU G 91 -43.35 4.60 -14.49
CA LEU G 91 -42.24 4.22 -15.36
C LEU G 91 -41.33 5.41 -15.60
N PRO G 92 -40.11 5.41 -15.06
CA PRO G 92 -39.21 6.54 -15.25
C PRO G 92 -38.51 6.48 -16.60
N PHE G 93 -38.84 7.43 -17.48
CA PHE G 93 -38.16 7.58 -18.76
C PHE G 93 -37.30 8.83 -18.70
N LYS G 94 -36.31 8.92 -19.59
CA LYS G 94 -35.40 10.05 -19.52
C LYS G 94 -36.02 11.26 -20.20
N ASN G 95 -37.30 11.52 -19.91
CA ASN G 95 -37.89 12.83 -20.12
C ASN G 95 -38.83 13.12 -18.96
N GLY G 96 -39.21 12.09 -18.22
CA GLY G 96 -40.19 12.25 -17.16
C GLY G 96 -40.68 10.92 -16.64
N VAL G 97 -41.98 10.87 -16.31
CA VAL G 97 -42.59 9.72 -15.67
C VAL G 97 -43.87 9.34 -16.41
N LEU G 98 -44.05 8.04 -16.61
CA LEU G 98 -45.27 7.48 -17.19
C LEU G 98 -46.15 6.93 -16.08
N ASP G 99 -47.39 7.41 -16.04
CA ASP G 99 -48.39 6.92 -15.09
C ASP G 99 -49.04 5.70 -15.73
N LEU G 100 -48.61 4.50 -15.36
CA LEU G 100 -49.11 3.26 -16.02
C LEU G 100 -50.64 3.24 -15.95
N VAL G 101 -51.16 3.00 -14.76
CA VAL G 101 -52.64 2.85 -14.61
C VAL G 101 -53.32 4.22 -14.69
N ASP G 102 -53.31 4.82 -15.89
CA ASP G 102 -54.02 6.11 -16.07
C ASP G 102 -53.88 6.56 -17.53
N GLY G 103 -52.71 6.38 -18.14
CA GLY G 103 -52.55 6.68 -19.58
C GLY G 103 -51.79 7.93 -19.94
N MET G 104 -51.42 8.78 -18.98
CA MET G 104 -50.80 10.08 -19.41
C MET G 104 -49.32 10.21 -19.05
N PHE G 105 -48.57 10.89 -19.93
CA PHE G 105 -47.18 11.16 -19.54
C PHE G 105 -47.09 12.50 -18.84
N TYR G 106 -46.72 12.50 -17.56
CA TYR G 106 -46.45 13.75 -16.85
C TYR G 106 -45.07 14.25 -17.24
N SER G 107 -45.01 15.15 -18.23
CA SER G 107 -43.80 15.32 -19.02
C SER G 107 -42.57 15.84 -18.28
N GLY G 108 -42.56 17.11 -17.90
CA GLY G 108 -41.31 17.71 -17.46
C GLY G 108 -41.17 18.12 -16.01
N ASP G 109 -42.23 18.70 -15.46
CA ASP G 109 -42.15 19.25 -14.11
C ASP G 109 -43.17 18.59 -13.18
N ASP G 110 -44.27 18.10 -13.72
CA ASP G 110 -45.26 17.36 -12.97
C ASP G 110 -44.76 15.99 -12.53
N ALA G 111 -43.48 15.68 -12.76
CA ALA G 111 -42.90 14.42 -12.38
C ALA G 111 -41.85 14.59 -11.28
N LYS G 112 -41.87 15.73 -10.59
CA LYS G 112 -40.94 15.92 -9.48
C LYS G 112 -41.44 15.29 -8.19
N LYS G 113 -42.77 15.18 -8.03
CA LYS G 113 -43.30 14.52 -6.85
C LYS G 113 -42.93 13.04 -6.80
N TYR G 114 -42.72 12.42 -7.96
CA TYR G 114 -42.27 11.03 -8.02
C TYR G 114 -40.74 11.07 -8.09
N THR G 115 -40.10 10.90 -6.94
CA THR G 115 -38.64 11.03 -6.85
C THR G 115 -38.00 9.73 -7.33
N CYS G 116 -37.95 9.58 -8.66
CA CYS G 116 -37.32 8.43 -9.29
C CYS G 116 -35.87 8.74 -9.58
N THR G 117 -34.98 7.81 -9.20
CA THR G 117 -33.55 7.98 -9.40
C THR G 117 -32.97 7.08 -10.49
N VAL G 118 -33.73 6.09 -10.97
CA VAL G 118 -33.27 5.18 -12.01
C VAL G 118 -34.26 5.28 -13.18
N SER G 119 -33.72 5.41 -14.39
CA SER G 119 -34.54 5.63 -15.58
C SER G 119 -34.31 4.51 -16.60
N THR G 120 -35.14 4.53 -17.64
CA THR G 120 -34.98 3.62 -18.76
C THR G 120 -33.85 4.02 -19.70
N GLY G 121 -33.32 5.22 -19.56
CA GLY G 121 -32.18 5.66 -20.34
C GLY G 121 -32.50 6.21 -21.71
N PHE G 122 -33.78 6.34 -22.07
CA PHE G 122 -34.16 6.85 -23.37
C PHE G 122 -35.45 7.64 -23.26
N LYS G 123 -35.68 8.53 -24.22
CA LYS G 123 -36.84 9.39 -24.20
C LYS G 123 -38.10 8.61 -24.57
N PHE G 124 -39.25 9.22 -24.26
CA PHE G 124 -40.54 8.62 -24.53
C PHE G 124 -41.43 9.63 -25.23
N ASP G 125 -42.26 9.12 -26.14
CA ASP G 125 -43.18 9.96 -26.90
C ASP G 125 -44.56 9.30 -26.87
N ASP G 126 -45.54 10.01 -27.44
CA ASP G 126 -46.89 9.48 -27.56
C ASP G 126 -47.37 9.36 -29.00
N THR G 127 -46.71 10.01 -29.95
CA THR G 127 -47.08 9.84 -31.36
C THR G 127 -46.80 8.40 -31.81
N LYS G 128 -45.67 7.84 -31.39
CA LYS G 128 -45.35 6.45 -31.69
C LYS G 128 -45.89 5.47 -30.65
N PHE G 129 -46.13 5.95 -29.42
CA PHE G 129 -46.81 5.16 -28.39
C PHE G 129 -48.32 5.24 -28.62
N VAL G 130 -48.77 4.59 -29.68
CA VAL G 130 -50.11 4.78 -30.21
C VAL G 130 -50.89 3.50 -30.02
N GLU G 131 -52.23 3.57 -30.06
CA GLU G 131 -53.07 2.44 -29.71
C GLU G 131 -53.44 1.62 -30.93
N ASP G 132 -52.64 1.73 -31.98
CA ASP G 132 -52.94 1.12 -33.27
C ASP G 132 -51.68 1.20 -34.12
N SER G 133 -51.87 0.99 -35.44
CA SER G 133 -50.89 1.13 -36.52
C SER G 133 -50.13 -0.16 -36.76
N PRO G 134 -49.57 -0.34 -37.97
CA PRO G 134 -48.93 -1.61 -38.36
C PRO G 134 -48.06 -2.29 -37.32
N GLU G 135 -47.24 -1.52 -36.61
CA GLU G 135 -46.31 -2.11 -35.64
C GLU G 135 -47.04 -2.87 -34.54
N MET G 136 -48.30 -2.51 -34.25
CA MET G 136 -49.09 -3.29 -33.31
C MET G 136 -49.39 -4.68 -33.84
N GLU G 137 -49.68 -4.82 -35.15
CA GLU G 137 -49.87 -6.11 -35.77
C GLU G 137 -48.60 -6.78 -36.29
N GLU G 138 -47.48 -6.05 -36.38
CA GLU G 138 -46.24 -6.66 -36.86
C GLU G 138 -45.73 -7.73 -35.90
N LEU G 139 -46.12 -7.64 -34.63
CA LEU G 139 -45.70 -8.62 -33.64
C LEU G 139 -46.84 -9.46 -33.09
N MET G 140 -48.08 -9.22 -33.52
CA MET G 140 -49.18 -10.09 -33.13
C MET G 140 -48.90 -11.53 -33.55
N ASN G 141 -48.42 -11.69 -34.78
CA ASN G 141 -48.03 -13.01 -35.25
C ASN G 141 -46.91 -13.57 -34.37
N ILE G 142 -45.97 -12.72 -33.98
CA ILE G 142 -44.86 -13.13 -33.13
C ILE G 142 -45.39 -13.59 -31.78
N ILE G 143 -46.09 -12.69 -31.07
CA ILE G 143 -46.54 -13.00 -29.72
C ILE G 143 -47.54 -14.14 -29.71
N ASN G 144 -48.11 -14.46 -30.88
CA ASN G 144 -49.06 -15.54 -30.99
C ASN G 144 -48.44 -16.86 -31.47
N ASP G 145 -47.25 -16.83 -32.07
CA ASP G 145 -46.64 -18.08 -32.51
C ASP G 145 -45.56 -18.55 -31.55
N ILE G 146 -44.84 -17.62 -30.89
CA ILE G 146 -44.03 -18.05 -29.76
C ILE G 146 -44.94 -18.63 -28.69
N GLN G 147 -46.05 -17.95 -28.41
CA GLN G 147 -47.06 -18.45 -27.46
C GLN G 147 -48.46 -18.44 -28.07
N PRO G 148 -48.99 -19.58 -28.49
CA PRO G 148 -50.41 -19.65 -28.86
C PRO G 148 -51.27 -19.97 -27.64
N LEU G 149 -52.59 -19.92 -27.86
CA LEU G 149 -53.52 -20.21 -26.78
C LEU G 149 -54.33 -21.47 -27.05
N THR G 150 -55.11 -21.51 -28.13
CA THR G 150 -55.85 -22.69 -28.59
C THR G 150 -56.61 -23.42 -27.48
N ASP G 151 -56.92 -22.71 -26.39
CA ASP G 151 -57.66 -23.25 -25.25
C ASP G 151 -56.93 -24.41 -24.58
N GLU G 152 -55.76 -24.79 -25.09
CA GLU G 152 -54.95 -25.84 -24.48
C GLU G 152 -53.68 -25.24 -23.92
N ASN G 153 -53.21 -24.17 -24.55
CA ASN G 153 -52.09 -23.36 -24.07
C ASN G 153 -52.62 -22.03 -23.56
N LYS G 154 -53.84 -22.02 -23.04
CA LYS G 154 -54.46 -20.79 -22.57
C LYS G 154 -53.81 -20.28 -21.29
N LYS G 155 -53.82 -21.06 -20.22
CA LYS G 155 -53.20 -20.64 -18.97
C LYS G 155 -51.70 -20.43 -19.13
N ASN G 156 -51.04 -21.23 -19.96
CA ASN G 156 -49.61 -21.02 -20.21
C ASN G 156 -49.37 -19.63 -20.79
N ARG G 157 -50.15 -19.23 -21.79
CA ARG G 157 -49.99 -17.89 -22.35
C ARG G 157 -50.38 -16.81 -21.35
N GLU G 158 -51.43 -17.05 -20.57
CA GLU G 158 -51.81 -16.07 -19.56
C GLU G 158 -50.65 -15.79 -18.60
N LEU G 159 -50.03 -16.85 -18.08
CA LEU G 159 -48.85 -16.67 -17.25
C LEU G 159 -47.69 -16.03 -18.02
N TYR G 160 -47.51 -16.40 -19.29
CA TYR G 160 -46.42 -15.87 -20.09
C TYR G 160 -46.50 -14.35 -20.23
N GLU G 161 -47.67 -13.83 -20.56
CA GLU G 161 -47.77 -12.38 -20.74
C GLU G 161 -48.34 -11.70 -19.51
N LYS G 162 -48.45 -12.44 -18.40
CA LYS G 162 -48.65 -11.83 -17.09
C LYS G 162 -47.36 -11.60 -16.34
N THR G 163 -46.44 -12.57 -16.33
CA THR G 163 -45.12 -12.36 -15.76
C THR G 163 -44.24 -11.48 -16.64
N LEU G 164 -44.64 -11.25 -17.89
CA LEU G 164 -43.96 -10.28 -18.75
C LEU G 164 -44.32 -8.86 -18.31
N SER G 165 -45.62 -8.60 -18.14
CA SER G 165 -46.11 -7.31 -17.69
C SER G 165 -45.71 -7.04 -16.23
N SER G 166 -45.31 -8.09 -15.52
CA SER G 166 -44.84 -7.95 -14.15
C SER G 166 -43.58 -7.10 -14.08
N CYS G 167 -42.83 -7.01 -15.18
CA CYS G 167 -41.63 -6.18 -15.23
C CYS G 167 -41.99 -4.73 -15.55
N LEU G 168 -43.02 -4.25 -14.84
CA LEU G 168 -43.40 -2.85 -14.90
C LEU G 168 -43.79 -2.35 -13.51
N CYS G 169 -43.64 -3.20 -12.51
CA CYS G 169 -44.12 -2.93 -11.16
C CYS G 169 -42.95 -2.54 -10.26
N GLY G 170 -43.10 -1.42 -9.56
CA GLY G 170 -42.11 -1.00 -8.60
C GLY G 170 -42.36 -1.56 -7.22
N ALA G 171 -42.63 -2.87 -7.17
CA ALA G 171 -42.86 -3.57 -5.92
C ALA G 171 -42.30 -4.98 -6.08
N THR G 172 -41.96 -5.63 -4.97
CA THR G 172 -41.31 -6.94 -5.02
C THR G 172 -42.22 -7.97 -5.67
N LYS G 173 -41.71 -8.60 -6.72
CA LYS G 173 -42.38 -9.74 -7.36
C LYS G 173 -41.83 -11.01 -6.72
N GLY G 174 -42.55 -11.48 -5.69
CA GLY G 174 -42.11 -12.66 -4.96
C GLY G 174 -42.47 -13.93 -5.69
N CYS G 175 -41.85 -14.15 -6.86
CA CYS G 175 -42.06 -15.37 -7.62
C CYS G 175 -40.96 -15.54 -8.67
N LEU G 176 -40.49 -16.77 -8.85
CA LEU G 176 -39.43 -17.09 -9.80
C LEU G 176 -40.01 -18.01 -10.87
N THR G 177 -40.46 -17.42 -11.97
CA THR G 177 -41.07 -18.18 -13.05
C THR G 177 -40.02 -18.83 -13.95
N PHE G 178 -39.96 -20.15 -13.94
CA PHE G 178 -39.04 -20.88 -14.80
C PHE G 178 -39.56 -20.89 -16.24
N PHE G 179 -38.90 -20.13 -17.12
CA PHE G 179 -39.31 -20.10 -18.53
C PHE G 179 -38.86 -21.39 -19.22
N PHE G 180 -39.65 -22.44 -19.09
CA PHE G 180 -39.32 -23.74 -19.66
C PHE G 180 -39.44 -23.69 -21.17
N GLY G 181 -39.07 -24.80 -21.82
CA GLY G 181 -39.16 -24.92 -23.26
C GLY G 181 -37.83 -25.32 -23.86
N GLU G 182 -37.83 -25.42 -25.19
CA GLU G 182 -36.66 -25.83 -25.95
C GLU G 182 -36.09 -24.64 -26.72
N THR G 183 -35.07 -24.90 -27.52
CA THR G 183 -34.42 -23.86 -28.30
C THR G 183 -35.30 -23.46 -29.49
N ALA G 184 -35.10 -22.22 -29.95
CA ALA G 184 -35.80 -21.66 -31.10
C ALA G 184 -37.31 -21.54 -30.83
N THR G 185 -37.70 -21.64 -29.57
CA THR G 185 -39.11 -21.48 -29.20
C THR G 185 -39.50 -20.02 -29.06
N GLY G 186 -38.55 -19.09 -29.06
CA GLY G 186 -38.84 -17.69 -28.98
C GLY G 186 -38.58 -17.02 -27.65
N LYS G 187 -37.95 -17.71 -26.70
CA LYS G 187 -37.60 -17.08 -25.43
C LYS G 187 -36.44 -16.11 -25.56
N SER G 188 -35.72 -16.14 -26.69
CA SER G 188 -34.77 -15.09 -27.02
C SER G 188 -35.43 -13.90 -27.69
N THR G 189 -36.53 -14.13 -28.43
CA THR G 189 -37.37 -13.03 -28.88
C THR G 189 -37.95 -12.25 -27.72
N THR G 190 -38.38 -12.93 -26.65
CA THR G 190 -38.77 -12.26 -25.41
C THR G 190 -37.60 -11.47 -24.83
N LYS G 191 -36.41 -12.05 -24.89
CA LYS G 191 -35.20 -11.46 -24.32
C LYS G 191 -34.86 -10.13 -24.99
N ARG G 192 -34.98 -10.11 -26.31
CA ARG G 192 -34.70 -8.90 -27.09
C ARG G 192 -35.85 -7.92 -27.13
N LEU G 193 -37.11 -8.38 -26.96
CA LEU G 193 -38.22 -7.45 -26.85
C LEU G 193 -38.23 -6.71 -25.52
N LEU G 194 -37.73 -7.33 -24.45
CA LEU G 194 -37.69 -6.70 -23.13
C LEU G 194 -36.53 -5.73 -22.97
N LYS G 195 -35.38 -6.01 -23.58
CA LYS G 195 -34.25 -5.10 -23.54
C LYS G 195 -34.63 -3.86 -24.35
N SER G 196 -35.56 -4.03 -25.28
CA SER G 196 -36.05 -2.92 -26.09
C SER G 196 -37.33 -2.32 -25.53
N ALA G 197 -37.63 -2.57 -24.26
CA ALA G 197 -38.82 -2.01 -23.63
C ALA G 197 -38.52 -1.18 -22.39
N ILE G 198 -37.62 -1.64 -21.53
CA ILE G 198 -37.36 -0.99 -20.26
C ILE G 198 -35.93 -0.46 -20.16
N GLY G 199 -35.11 -0.67 -21.19
CA GLY G 199 -33.76 -0.13 -21.23
C GLY G 199 -32.86 -0.60 -20.10
N ASP G 200 -32.26 0.35 -19.37
CA ASP G 200 -31.32 0.01 -18.30
C ASP G 200 -32.03 -0.54 -17.08
N LEU G 201 -33.37 -0.53 -17.08
CA LEU G 201 -34.14 -1.20 -16.04
C LEU G 201 -34.10 -2.71 -16.19
N PHE G 202 -33.48 -3.22 -17.25
CA PHE G 202 -33.34 -4.65 -17.48
C PHE G 202 -31.88 -5.05 -17.32
N VAL G 203 -31.65 -6.14 -16.59
CA VAL G 203 -30.30 -6.61 -16.29
C VAL G 203 -30.20 -8.09 -16.61
N GLU G 204 -29.02 -8.51 -17.06
CA GLU G 204 -28.73 -9.90 -17.40
C GLU G 204 -27.72 -10.46 -16.42
N THR G 205 -27.81 -11.77 -16.18
CA THR G 205 -26.87 -12.45 -15.28
C THR G 205 -26.61 -13.88 -15.73
N GLY G 206 -25.94 -14.66 -14.88
CA GLY G 206 -25.63 -16.03 -15.19
C GLY G 206 -26.22 -17.03 -14.21
N GLN G 207 -25.62 -18.22 -14.12
CA GLN G 207 -26.15 -19.26 -13.25
C GLN G 207 -25.78 -19.00 -11.79
N THR G 208 -24.74 -18.21 -11.55
CA THR G 208 -24.18 -18.02 -10.21
C THR G 208 -25.20 -17.47 -9.22
N ILE G 209 -26.23 -16.78 -9.71
CA ILE G 209 -27.22 -16.15 -8.86
C ILE G 209 -27.96 -17.19 -8.02
N LEU G 210 -28.07 -18.41 -8.54
CA LEU G 210 -28.77 -19.47 -7.83
C LEU G 210 -27.89 -20.71 -7.63
N THR G 211 -27.04 -21.02 -8.61
CA THR G 211 -26.26 -22.26 -8.58
C THR G 211 -25.17 -22.20 -7.52
N ASP G 212 -24.93 -21.03 -6.95
CA ASP G 212 -23.91 -20.88 -5.93
C ASP G 212 -24.37 -19.93 -4.82
N PHE G 221 -23.39 -9.07 -8.84
CA PHE G 221 -24.64 -9.51 -9.46
C PHE G 221 -25.79 -9.51 -8.45
N ILE G 222 -25.48 -9.12 -7.21
CA ILE G 222 -26.50 -8.86 -6.21
C ILE G 222 -26.45 -7.44 -5.67
N ALA G 223 -25.29 -6.78 -5.72
CA ALA G 223 -25.18 -5.39 -5.31
C ALA G 223 -25.85 -4.47 -6.30
N ASN G 224 -25.58 -4.67 -7.59
CA ASN G 224 -26.19 -3.85 -8.63
C ASN G 224 -27.53 -4.43 -9.08
N MET G 225 -28.40 -4.73 -8.12
CA MET G 225 -29.75 -5.20 -8.41
C MET G 225 -30.77 -4.35 -7.67
N HIS G 226 -30.41 -3.12 -7.31
CA HIS G 226 -31.27 -2.21 -6.58
C HIS G 226 -32.13 -1.44 -7.56
N LEU G 227 -33.45 -1.55 -7.39
CA LEU G 227 -34.45 -0.95 -8.27
C LEU G 227 -34.38 -1.55 -9.67
N LYS G 228 -33.68 -2.67 -9.83
CA LYS G 228 -33.69 -3.41 -11.08
C LYS G 228 -35.03 -4.11 -11.21
N ARG G 229 -35.78 -3.82 -12.28
CA ARG G 229 -37.16 -4.30 -12.36
C ARG G 229 -37.29 -5.66 -13.02
N SER G 230 -36.19 -6.20 -13.56
CA SER G 230 -36.27 -7.50 -14.22
C SER G 230 -34.89 -8.10 -14.33
N VAL G 231 -34.78 -9.39 -14.04
CA VAL G 231 -33.56 -10.16 -14.24
C VAL G 231 -33.90 -11.38 -15.10
N PHE G 232 -33.01 -11.71 -16.02
CA PHE G 232 -33.32 -12.72 -17.03
C PHE G 232 -32.16 -13.70 -17.21
N CYS G 233 -31.69 -14.29 -16.10
CA CYS G 233 -30.62 -15.28 -16.12
C CYS G 233 -30.79 -16.28 -17.27
N SER G 234 -29.69 -16.60 -17.93
CA SER G 234 -29.72 -17.39 -19.15
C SER G 234 -28.43 -18.22 -19.23
N GLU G 235 -28.25 -18.89 -20.36
CA GLU G 235 -27.06 -19.69 -20.66
C GLU G 235 -26.76 -20.66 -19.52
N LEU G 236 -27.75 -21.46 -19.12
CA LEU G 236 -27.59 -22.33 -17.98
C LEU G 236 -27.34 -23.77 -18.43
N PRO G 237 -26.37 -24.46 -17.82
CA PRO G 237 -26.19 -25.88 -18.12
C PRO G 237 -27.09 -26.74 -17.25
N ASP G 238 -27.29 -28.01 -17.64
CA ASP G 238 -28.13 -28.89 -16.86
C ASP G 238 -27.52 -29.18 -15.50
N PHE G 239 -28.37 -29.27 -14.49
CA PHE G 239 -27.92 -29.57 -13.13
C PHE G 239 -27.93 -31.08 -12.85
N ALA G 240 -28.79 -31.83 -13.54
CA ALA G 240 -28.85 -33.27 -13.37
C ALA G 240 -27.78 -33.96 -14.21
N LYS G 245 -23.69 -28.08 -10.10
CA LYS G 245 -24.32 -27.88 -8.80
C LYS G 245 -25.83 -28.06 -8.89
N LYS G 246 -26.55 -27.37 -8.01
CA LYS G 246 -28.01 -27.45 -7.98
C LYS G 246 -28.56 -26.04 -7.81
N ILE G 247 -29.86 -25.94 -7.55
CA ILE G 247 -30.54 -24.66 -7.38
C ILE G 247 -30.10 -24.03 -6.06
N ARG G 248 -29.55 -24.84 -5.16
CA ARG G 248 -29.14 -24.37 -3.84
C ARG G 248 -30.34 -23.78 -3.10
N SER G 249 -31.28 -24.66 -2.73
CA SER G 249 -32.61 -24.30 -2.27
C SER G 249 -32.62 -23.25 -1.17
N ASP G 250 -31.48 -23.00 -0.52
CA ASP G 250 -31.35 -21.94 0.46
C ASP G 250 -31.11 -20.58 -0.17
N ASN G 251 -31.38 -20.45 -1.47
CA ASN G 251 -31.18 -19.20 -2.21
C ASN G 251 -32.50 -18.48 -2.47
N ILE G 252 -33.56 -19.21 -2.79
CA ILE G 252 -34.86 -18.63 -3.08
C ILE G 252 -35.41 -17.91 -1.86
N LYS G 253 -34.94 -18.32 -0.67
CA LYS G 253 -35.37 -17.67 0.56
C LYS G 253 -35.03 -16.18 0.55
N LYS G 254 -33.83 -15.84 0.08
CA LYS G 254 -33.41 -14.45 -0.04
C LYS G 254 -33.57 -13.90 -1.46
N LEU G 255 -33.67 -14.77 -2.47
CA LEU G 255 -33.82 -14.30 -3.84
C LEU G 255 -35.18 -13.64 -4.06
N THR G 256 -36.23 -14.19 -3.47
CA THR G 256 -37.58 -13.64 -3.59
C THR G 256 -37.98 -12.79 -2.39
N GLU G 257 -37.05 -12.52 -1.48
CA GLU G 257 -37.36 -11.73 -0.30
C GLU G 257 -37.25 -10.23 -0.61
N ASN G 274 -35.07 -5.86 -3.67
CA ASN G 274 -35.52 -6.85 -4.63
C ASN G 274 -36.80 -6.39 -5.32
N HIS G 275 -36.64 -5.66 -6.42
CA HIS G 275 -37.77 -5.15 -7.19
C HIS G 275 -37.89 -5.81 -8.56
N ALA G 276 -37.38 -7.03 -8.71
CA ALA G 276 -37.27 -7.64 -10.02
C ALA G 276 -38.11 -8.91 -10.14
N THR G 277 -38.56 -9.17 -11.37
CA THR G 277 -39.17 -10.45 -11.73
C THR G 277 -38.06 -11.38 -12.18
N ILE G 278 -37.71 -12.35 -11.35
CA ILE G 278 -36.61 -13.26 -11.62
C ILE G 278 -37.10 -14.32 -12.60
N ILE G 279 -36.66 -14.24 -13.85
CA ILE G 279 -37.04 -15.19 -14.88
C ILE G 279 -35.84 -16.03 -15.23
N ILE G 280 -35.98 -17.35 -15.10
CA ILE G 280 -34.93 -18.31 -15.44
C ILE G 280 -35.40 -19.09 -16.66
N ASP G 281 -34.69 -18.94 -17.77
CA ASP G 281 -34.96 -19.72 -18.97
C ASP G 281 -33.89 -20.79 -19.14
N THR G 282 -34.32 -22.04 -19.33
CA THR G 282 -33.42 -23.17 -19.45
C THR G 282 -33.85 -24.04 -20.62
N ASN G 283 -32.88 -24.79 -21.15
CA ASN G 283 -33.14 -25.80 -22.16
C ASN G 283 -33.16 -27.21 -21.58
N TYR G 284 -33.06 -27.34 -20.26
CA TYR G 284 -33.00 -28.62 -19.58
C TYR G 284 -33.93 -28.61 -18.36
N LYS G 285 -33.95 -29.72 -17.65
CA LYS G 285 -34.81 -29.83 -16.47
C LYS G 285 -34.13 -29.26 -15.23
N PRO G 286 -34.87 -28.51 -14.41
CA PRO G 286 -34.28 -27.94 -13.19
C PRO G 286 -34.28 -28.95 -12.06
N VAL G 287 -33.15 -29.04 -11.35
CA VAL G 287 -33.00 -29.93 -10.20
C VAL G 287 -32.59 -29.08 -9.00
N PHE G 288 -33.41 -29.09 -7.97
CA PHE G 288 -33.14 -28.29 -6.77
C PHE G 288 -32.23 -29.06 -5.81
N ASP G 289 -31.62 -28.32 -4.88
CA ASP G 289 -30.75 -28.93 -3.89
C ASP G 289 -31.54 -29.85 -2.95
N ARG G 290 -32.64 -29.37 -2.40
CA ARG G 290 -33.46 -30.17 -1.50
C ARG G 290 -34.89 -29.64 -1.47
N ILE G 291 -35.82 -30.37 -2.08
CA ILE G 291 -37.21 -29.94 -2.14
C ILE G 291 -37.91 -30.32 -0.83
N ASP G 292 -38.63 -29.37 -0.26
CA ASP G 292 -39.42 -29.62 0.95
C ASP G 292 -40.87 -29.22 0.71
N ASN G 293 -41.68 -29.25 1.76
CA ASN G 293 -43.08 -28.85 1.68
C ASN G 293 -43.26 -27.36 1.47
N ALA G 294 -42.22 -26.56 1.67
CA ALA G 294 -42.29 -25.12 1.51
C ALA G 294 -41.62 -24.62 0.24
N LEU G 295 -40.76 -25.41 -0.38
CA LEU G 295 -40.05 -25.00 -1.58
C LEU G 295 -40.98 -24.84 -2.78
N MET G 296 -41.93 -25.75 -2.95
CA MET G 296 -42.83 -25.69 -4.09
C MET G 296 -44.01 -24.75 -3.80
N ARG G 297 -43.72 -23.52 -3.38
CA ARG G 297 -44.76 -22.51 -3.18
C ARG G 297 -44.24 -21.15 -3.65
N ARG G 298 -42.96 -21.09 -4.01
CA ARG G 298 -42.33 -19.87 -4.50
C ARG G 298 -41.81 -20.02 -5.93
N ILE G 299 -42.20 -21.07 -6.63
CA ILE G 299 -41.74 -21.34 -7.98
C ILE G 299 -42.94 -21.42 -8.91
N ALA G 300 -42.89 -20.63 -9.99
CA ALA G 300 -43.87 -20.71 -11.06
C ALA G 300 -43.20 -21.35 -12.29
N VAL G 301 -43.98 -21.57 -13.34
CA VAL G 301 -43.45 -22.19 -14.55
C VAL G 301 -44.27 -21.74 -15.75
N VAL G 302 -43.59 -21.49 -16.87
CA VAL G 302 -44.23 -21.17 -18.14
C VAL G 302 -43.55 -22.00 -19.22
N ARG G 303 -44.28 -22.93 -19.81
CA ARG G 303 -43.76 -23.81 -20.83
C ARG G 303 -43.96 -23.20 -22.22
N PHE G 304 -43.11 -23.61 -23.15
CA PHE G 304 -43.17 -23.15 -24.54
C PHE G 304 -43.25 -24.41 -25.41
N ARG G 305 -44.48 -24.90 -25.62
CA ARG G 305 -44.69 -26.11 -26.43
C ARG G 305 -44.97 -25.74 -27.88
N THR G 306 -44.15 -24.84 -28.41
CA THR G 306 -44.23 -24.48 -29.83
C THR G 306 -42.80 -24.35 -30.36
N HIS G 307 -41.96 -25.31 -30.00
CA HIS G 307 -40.55 -25.29 -30.41
C HIS G 307 -40.41 -25.51 -31.91
N LEU G 333 -35.81 -10.62 -37.89
CA LEU G 333 -35.93 -10.20 -36.50
C LEU G 333 -34.66 -9.51 -36.01
N ASP G 334 -33.59 -10.27 -35.81
CA ASP G 334 -32.33 -9.71 -35.35
C ASP G 334 -31.79 -8.70 -36.36
N GLY G 335 -31.34 -7.55 -35.89
CA GLY G 335 -30.96 -6.45 -36.77
C GLY G 335 -32.12 -5.48 -36.87
N LYS G 336 -33.33 -6.02 -36.75
CA LYS G 336 -34.56 -5.25 -36.64
C LYS G 336 -35.15 -5.32 -35.24
N ILE G 337 -34.95 -6.43 -34.54
CA ILE G 337 -35.36 -6.52 -33.14
C ILE G 337 -34.38 -5.79 -32.23
N GLN G 338 -33.15 -5.59 -32.67
CA GLN G 338 -32.14 -4.83 -31.92
C GLN G 338 -32.14 -3.38 -32.38
N ASN G 339 -32.89 -3.08 -33.44
CA ASN G 339 -32.99 -1.73 -33.98
C ASN G 339 -34.10 -0.91 -33.33
N ASN G 340 -34.75 -1.44 -32.30
CA ASN G 340 -35.75 -0.70 -31.53
C ASN G 340 -36.94 -0.34 -32.41
N ARG G 341 -37.32 -1.24 -33.31
CA ARG G 341 -38.42 -0.99 -34.24
C ARG G 341 -39.74 -0.82 -33.50
N TYR G 342 -40.01 -1.66 -32.51
CA TYR G 342 -41.23 -1.52 -31.73
C TYR G 342 -41.02 -0.56 -30.56
N ARG G 343 -40.11 -0.92 -29.65
CA ARG G 343 -39.89 -0.19 -28.41
C ARG G 343 -41.19 0.30 -27.78
N PHE G 344 -41.73 1.40 -28.32
CA PHE G 344 -42.96 1.97 -27.80
C PHE G 344 -44.17 1.09 -28.06
N ALA G 345 -44.15 0.30 -29.13
CA ALA G 345 -45.24 -0.65 -29.40
C ALA G 345 -45.27 -1.76 -28.36
N PHE G 346 -44.11 -2.37 -28.07
CA PHE G 346 -44.03 -3.33 -26.99
C PHE G 346 -44.32 -2.67 -25.64
N LEU G 347 -43.98 -1.38 -25.51
CA LEU G 347 -44.36 -0.64 -24.32
C LEU G 347 -45.87 -0.61 -24.15
N TYR G 348 -46.59 -0.33 -25.24
CA TYR G 348 -48.05 -0.36 -25.16
C TYR G 348 -48.54 -1.76 -24.84
N LEU G 349 -47.91 -2.78 -25.43
CA LEU G 349 -48.36 -4.14 -25.21
C LEU G 349 -48.26 -4.47 -23.71
N LEU G 350 -47.14 -4.07 -23.10
CA LEU G 350 -46.97 -4.27 -21.67
C LEU G 350 -47.96 -3.45 -20.85
N VAL G 351 -48.24 -2.21 -21.25
CA VAL G 351 -49.22 -1.38 -20.54
C VAL G 351 -50.61 -2.01 -20.62
N LYS G 352 -50.97 -2.52 -21.80
CA LYS G 352 -52.22 -3.23 -22.01
C LYS G 352 -52.34 -4.39 -21.05
N TRP G 353 -51.29 -5.20 -20.95
CA TRP G 353 -51.33 -6.35 -20.05
C TRP G 353 -51.26 -5.91 -18.59
N TYR G 354 -50.83 -4.67 -18.34
CA TYR G 354 -50.77 -4.14 -16.98
C TYR G 354 -52.15 -3.89 -16.39
N LYS G 355 -53.03 -3.20 -17.12
CA LYS G 355 -54.39 -2.98 -16.63
C LYS G 355 -55.18 -4.27 -16.52
N LYS G 356 -54.64 -5.36 -17.08
CA LYS G 356 -55.09 -6.72 -16.89
C LYS G 356 -54.57 -7.24 -15.54
N TYR G 357 -54.40 -8.56 -15.45
CA TYR G 357 -54.33 -9.36 -14.23
C TYR G 357 -53.77 -8.64 -13.01
N HIS G 358 -52.68 -7.88 -13.17
CA HIS G 358 -52.10 -7.12 -12.07
C HIS G 358 -53.06 -6.13 -11.44
N ILE G 359 -54.11 -5.73 -12.14
CA ILE G 359 -55.12 -4.80 -11.62
C ILE G 359 -56.21 -5.64 -10.96
N PRO G 360 -56.63 -5.30 -9.72
CA PRO G 360 -56.11 -4.22 -8.87
C PRO G 360 -54.97 -4.68 -7.98
N ILE G 361 -54.57 -5.95 -8.07
CA ILE G 361 -53.48 -6.48 -7.28
C ILE G 361 -52.86 -7.65 -8.02
N MET G 362 -51.55 -7.84 -7.87
CA MET G 362 -50.83 -8.90 -8.56
C MET G 362 -50.33 -9.97 -7.60
PG ANP H . 11.72 -13.11 -29.43
O1G ANP H . 12.80 -13.96 -28.85
O2G ANP H . 10.58 -14.03 -30.00
O3G ANP H . 11.11 -12.18 -28.30
PB ANP H . 11.12 -11.49 -31.59
O1B ANP H . 10.15 -12.55 -31.95
O2B ANP H . 10.39 -10.39 -30.78
N3B ANP H . 12.35 -12.14 -30.66
PA ANP H . 12.58 -9.54 -32.86
O1A ANP H . 13.35 -9.42 -31.60
O2A ANP H . 11.63 -8.35 -33.10
O3A ANP H . 11.70 -10.86 -32.90
O5' ANP H . 13.61 -9.67 -34.06
C5' ANP H . 14.92 -10.23 -33.88
C4' ANP H . 15.94 -9.31 -34.51
O4' ANP H . 15.73 -9.26 -35.93
C3' ANP H . 15.93 -7.86 -34.01
O3' ANP H . 17.25 -7.41 -33.73
C2' ANP H . 15.30 -7.09 -35.17
O2' ANP H . 15.79 -5.76 -35.25
C1' ANP H . 15.75 -7.92 -36.37
N9 ANP H . 14.90 -7.79 -37.54
C8 ANP H . 13.53 -7.77 -37.57
N7 ANP H . 13.02 -7.64 -38.77
C5 ANP H . 14.13 -7.57 -39.59
C6 ANP H . 14.28 -7.43 -40.99
N6 ANP H . 13.25 -7.34 -41.83
N1 ANP H . 15.53 -7.39 -41.48
C2 ANP H . 16.57 -7.49 -40.65
N3 ANP H . 16.56 -7.62 -39.32
C4 ANP H . 15.30 -7.66 -38.85
MG MG I . 10.14 -9.97 -28.72
PG ANP J . 31.82 -14.12 -1.88
O1G ANP J . 31.73 -15.04 -3.06
O2G ANP J . 30.61 -13.12 -1.90
O3G ANP J . 31.76 -14.99 -0.56
PB ANP J . 33.39 -12.30 -3.29
O1B ANP J . 33.23 -13.15 -4.50
O2B ANP J . 32.28 -11.22 -3.26
N3B ANP J . 33.28 -13.26 -1.91
PA ANP J . 35.18 -10.43 -2.36
O1A ANP J . 34.56 -10.61 -1.02
O2A ANP J . 34.77 -9.13 -3.03
O3A ANP J . 34.80 -11.61 -3.35
O5' ANP J . 36.74 -10.52 -2.19
C5' ANP J . 37.36 -11.20 -1.09
C4' ANP J . 38.33 -10.26 -0.40
O4' ANP J . 39.46 -10.02 -1.25
C3' ANP J . 37.76 -8.89 -0.01
O3' ANP J . 38.10 -8.57 1.33
C2' ANP J . 38.41 -7.94 -1.01
O2' ANP J . 38.62 -6.65 -0.45
C1' ANP J . 39.74 -8.63 -1.28
N9 ANP J . 40.32 -8.30 -2.58
C8 ANP J . 39.66 -8.07 -3.75
N7 ANP J . 40.44 -7.80 -4.76
C5 ANP J . 41.72 -7.85 -4.22
C6 ANP J . 42.99 -7.65 -4.78
N6 ANP J . 43.20 -7.35 -6.06
N1 ANP J . 44.06 -7.77 -3.95
C2 ANP J . 43.85 -8.08 -2.67
N3 ANP J . 42.69 -8.29 -2.03
C4 ANP J . 41.66 -8.16 -2.88
MG MG K . 30.21 -11.16 -2.38
PG ANP L . 18.76 -19.13 29.16
O1G ANP L . 17.69 -20.07 29.63
O2G ANP L . 19.86 -19.96 28.40
O3G ANP L . 18.14 -18.05 28.18
PB ANP L . 20.83 -17.52 30.04
O1B ANP L . 21.76 -18.46 29.34
O2B ANP L . 20.43 -16.38 29.06
N3B ANP L . 19.44 -18.34 30.50
PA ANP L . 20.94 -15.66 32.04
O1A ANP L . 19.47 -15.69 32.04
O2A ANP L . 21.54 -14.41 31.37
O3A ANP L . 21.55 -16.92 31.28
O5' ANP L . 21.45 -15.78 33.54
C5' ANP L . 20.87 -16.70 34.48
C4' ANP L . 20.83 -16.05 35.84
O4' ANP L . 22.18 -15.86 36.33
C3' ANP L . 20.14 -14.69 35.90
O3' ANP L . 19.24 -14.61 37.00
C2' ANP L . 21.32 -13.71 36.06
O2' ANP L . 20.95 -12.56 36.81
C1' ANP L . 22.32 -14.56 36.83
N9 ANP L . 23.71 -14.14 36.65
C8 ANP L . 24.31 -13.76 35.48
N7 ANP L . 25.57 -13.44 35.62
C5 ANP L . 25.81 -13.62 36.98
C6 ANP L . 26.98 -13.45 37.76
N6 ANP L . 28.15 -13.04 37.28
N1 ANP L . 26.88 -13.73 39.08
C2 ANP L . 25.70 -14.14 39.57
N3 ANP L . 24.55 -14.33 38.93
C4 ANP L . 24.68 -14.06 37.62
MG MG M . 18.36 -16.07 27.97
#